data_5VXJ
#
_entry.id   5VXJ
#
_cell.length_a   79.014
_cell.length_b   163.350
_cell.length_c   216.021
_cell.angle_alpha   90.000
_cell.angle_beta   90.000
_cell.angle_gamma   90.000
#
_symmetry.space_group_name_H-M   'P 21 21 21'
#
loop_
_entity.id
_entity.type
_entity.pdbx_description
1 polymer 'Invasin IpaD'
2 polymer 'single-domain antibody JMK-E3'
3 water water
#
loop_
_entity_poly.entity_id
_entity_poly.type
_entity_poly.pdbx_seq_one_letter_code
_entity_poly.pdbx_strand_id
1 'polypeptide(L)'
;GSTGSHPVSSLTMLNDTLHNIRTTNQALKKELSQKTLTKTSLEEIALHSSQISMDVNKSAQLLDILSRNEYPINKDAREL
LHSAPKEAELDGDQMISHRELWAKIANSINDINEQYLKVYEHAVSSYTQMYQDFSAVLSSLAGWISPGGNDGNSVKLQVN
SLKKALEELKEKYKDKPLYPANNTVSQEQANKWLTELGGTIGKVSQKNGGYVVSINMTPIDNMLKSLDNLGGNGEVVLDN
AKYQAWNAGFSAEDETMKNNLQTLVQKYSNANSIFDNLVKVLSSTISSS
;
A,C,E,G,I
2 'polypeptide(L)'
;GSTQVQLAETGGGLAQPGGSLRLSCAASGFTFSRAVMNWYRQAPGKERELVARIYDAGGNGSIADPVKGRFTISRDNAKN
TVHLQMNSLKPEDTAMYVCNAGIFDGNYRTYWGQGTQVTVSSEPKTPKPQPARQGAPVPYPDPLEP
;
B,D,F,H,J
#
# COMPACT_ATOMS: atom_id res chain seq x y z
N HIS A 6 -7.76 -10.56 56.85
CA HIS A 6 -8.75 -11.42 56.20
C HIS A 6 -9.80 -10.67 55.34
N PRO A 7 -10.19 -9.45 55.71
CA PRO A 7 -11.24 -8.77 54.94
C PRO A 7 -10.72 -8.27 53.59
N VAL A 8 -11.61 -8.32 52.61
CA VAL A 8 -11.37 -7.75 51.28
C VAL A 8 -12.53 -6.80 50.99
N SER A 9 -12.21 -5.56 50.61
CA SER A 9 -13.22 -4.54 50.46
C SER A 9 -14.36 -5.02 49.56
N SER A 10 -14.04 -5.67 48.45
CA SER A 10 -15.08 -6.13 47.53
C SER A 10 -15.99 -7.16 48.20
N LEU A 11 -15.42 -8.09 48.96
CA LEU A 11 -16.24 -9.09 49.64
C LEU A 11 -17.05 -8.49 50.77
N THR A 12 -16.52 -7.48 51.46
CA THR A 12 -17.28 -6.80 52.49
C THR A 12 -18.52 -6.15 51.90
N MET A 13 -18.34 -5.39 50.80
CA MET A 13 -19.47 -4.70 50.20
C MET A 13 -20.46 -5.68 49.57
N LEU A 14 -19.96 -6.77 49.00
CA LEU A 14 -20.84 -7.79 48.46
C LEU A 14 -21.76 -8.34 49.54
N ASN A 15 -21.19 -8.65 50.71
CA ASN A 15 -22.00 -9.18 51.80
C ASN A 15 -23.05 -8.18 52.25
N ASP A 16 -22.66 -6.90 52.35
CA ASP A 16 -23.62 -5.88 52.73
C ASP A 16 -24.68 -5.69 51.64
N THR A 17 -24.25 -5.66 50.38
CA THR A 17 -25.20 -5.47 49.29
C THR A 17 -26.18 -6.65 49.20
N LEU A 18 -25.66 -7.87 49.27
CA LEU A 18 -26.52 -9.04 49.23
C LEU A 18 -27.52 -9.03 50.39
N HIS A 19 -27.08 -8.60 51.57
CA HIS A 19 -27.98 -8.52 52.72
C HIS A 19 -29.09 -7.52 52.46
N ASN A 20 -28.78 -6.40 51.82
CA ASN A 20 -29.80 -5.40 51.52
C ASN A 20 -30.81 -5.91 50.50
N ILE A 21 -30.38 -6.73 49.55
CA ILE A 21 -31.31 -7.34 48.61
C ILE A 21 -32.34 -8.19 49.36
N ARG A 22 -31.86 -9.04 50.27
CA ARG A 22 -32.77 -9.88 51.04
C ARG A 22 -33.72 -9.04 51.88
N THR A 23 -33.24 -7.91 52.40
CA THR A 23 -34.13 -7.02 53.16
C THR A 23 -35.21 -6.44 52.27
N THR A 24 -34.84 -6.01 51.05
CA THR A 24 -35.84 -5.53 50.11
C THR A 24 -36.79 -6.64 49.70
N ASN A 25 -36.27 -7.86 49.51
CA ASN A 25 -37.12 -8.99 49.18
C ASN A 25 -38.20 -9.20 50.22
N GLN A 26 -37.85 -9.06 51.51
CA GLN A 26 -38.85 -9.21 52.57
C GLN A 26 -39.97 -8.19 52.42
N ALA A 27 -39.61 -6.93 52.13
CA ALA A 27 -40.62 -5.89 51.98
C ALA A 27 -41.50 -6.14 50.76
N LEU A 28 -40.93 -6.69 49.68
CA LEU A 28 -41.72 -6.97 48.50
C LEU A 28 -42.68 -8.13 48.72
N LYS A 29 -42.23 -9.18 49.42
CA LYS A 29 -43.13 -10.27 49.75
C LYS A 29 -44.33 -9.78 50.54
N LYS A 30 -44.11 -8.85 51.46
CA LYS A 30 -45.21 -8.28 52.24
C LYS A 30 -46.15 -7.49 51.33
N GLU A 31 -45.61 -6.70 50.40
CA GLU A 31 -46.46 -5.92 49.51
C GLU A 31 -47.28 -6.82 48.61
N LEU A 32 -46.70 -7.91 48.12
CA LEU A 32 -47.44 -8.87 47.32
C LEU A 32 -48.33 -9.76 48.15
N SER A 33 -48.19 -9.74 49.47
CA SER A 33 -49.03 -10.53 50.36
C SER A 33 -50.29 -9.79 50.79
N GLN A 34 -50.52 -8.59 50.28
CA GLN A 34 -51.78 -7.88 50.50
C GLN A 34 -52.90 -8.66 49.82
N LYS A 35 -54.10 -8.08 49.82
CA LYS A 35 -55.23 -8.67 49.12
C LYS A 35 -55.76 -7.81 47.98
N THR A 36 -55.31 -6.57 47.86
CA THR A 36 -55.77 -5.67 46.79
C THR A 36 -54.64 -4.72 46.44
N LEU A 37 -54.16 -4.80 45.21
CA LEU A 37 -53.10 -3.90 44.72
C LEU A 37 -53.74 -2.59 44.28
N THR A 38 -53.59 -1.56 45.08
CA THR A 38 -54.02 -0.22 44.70
C THR A 38 -53.01 0.32 43.68
N LYS A 39 -53.19 1.57 43.28
CA LYS A 39 -52.17 2.23 42.47
C LYS A 39 -50.95 2.59 43.30
N THR A 40 -51.11 2.74 44.61
CA THR A 40 -49.96 2.83 45.50
C THR A 40 -49.18 1.53 45.55
N SER A 41 -49.86 0.40 45.30
CA SER A 41 -49.17 -0.89 45.31
C SER A 41 -48.17 -0.98 44.17
N LEU A 42 -48.58 -0.60 42.95
CA LEU A 42 -47.64 -0.62 41.83
C LEU A 42 -46.50 0.35 42.04
N GLU A 43 -46.75 1.45 42.77
CA GLU A 43 -45.68 2.37 43.10
C GLU A 43 -44.69 1.75 44.09
N GLU A 44 -45.20 0.97 45.05
CA GLU A 44 -44.34 0.31 46.02
C GLU A 44 -43.53 -0.80 45.36
N ILE A 45 -44.19 -1.62 44.55
CA ILE A 45 -43.48 -2.66 43.80
C ILE A 45 -42.34 -2.05 43.00
N ALA A 46 -42.66 -1.03 42.20
CA ALA A 46 -41.65 -0.39 41.36
C ALA A 46 -40.49 0.12 42.20
N LEU A 47 -40.78 0.65 43.40
CA LEU A 47 -39.71 1.09 44.28
C LEU A 47 -38.81 -0.07 44.68
N HIS A 48 -39.40 -1.16 45.18
CA HIS A 48 -38.61 -2.30 45.61
C HIS A 48 -37.85 -2.93 44.44
N SER A 49 -38.51 -3.07 43.29
CA SER A 49 -37.85 -3.63 42.12
C SER A 49 -36.64 -2.77 41.71
N SER A 50 -36.80 -1.45 41.78
CA SER A 50 -35.69 -0.56 41.44
C SER A 50 -34.54 -0.72 42.44
N GLN A 51 -34.86 -0.87 43.73
CA GLN A 51 -33.81 -1.04 44.72
C GLN A 51 -33.11 -2.39 44.56
N ILE A 52 -33.86 -3.44 44.24
CA ILE A 52 -33.24 -4.73 43.94
C ILE A 52 -32.28 -4.60 42.78
N SER A 53 -32.76 -4.06 41.65
CA SER A 53 -31.90 -3.87 40.49
C SER A 53 -30.65 -3.07 40.84
N MET A 54 -30.81 -2.01 41.63
CA MET A 54 -29.67 -1.19 42.00
C MET A 54 -28.62 -2.01 42.74
N ASP A 55 -29.06 -2.82 43.71
CA ASP A 55 -28.11 -3.61 44.49
C ASP A 55 -27.60 -4.81 43.68
N VAL A 56 -28.46 -5.40 42.85
CA VAL A 56 -27.99 -6.47 41.96
C VAL A 56 -26.90 -5.95 41.03
N ASN A 57 -27.05 -4.72 40.55
CA ASN A 57 -26.07 -4.16 39.62
C ASN A 57 -24.75 -3.84 40.30
N LYS A 58 -24.79 -3.44 41.58
CA LYS A 58 -23.55 -3.23 42.30
C LYS A 58 -22.89 -4.56 42.65
N SER A 59 -23.70 -5.56 43.03
CA SER A 59 -23.15 -6.90 43.25
C SER A 59 -22.42 -7.40 42.01
N ALA A 60 -23.01 -7.20 40.83
CA ALA A 60 -22.36 -7.62 39.60
C ALA A 60 -21.02 -6.89 39.41
N GLN A 61 -20.99 -5.59 39.71
CA GLN A 61 -19.74 -4.85 39.60
C GLN A 61 -18.68 -5.42 40.53
N LEU A 62 -19.06 -5.75 41.76
CA LEU A 62 -18.09 -6.28 42.72
C LEU A 62 -17.63 -7.67 42.32
N LEU A 63 -18.56 -8.56 41.98
CA LEU A 63 -18.18 -9.86 41.47
C LEU A 63 -17.28 -9.74 40.26
N ASP A 64 -17.55 -8.74 39.41
CA ASP A 64 -16.72 -8.52 38.23
C ASP A 64 -15.28 -8.20 38.62
N ILE A 65 -15.09 -7.45 39.71
CA ILE A 65 -13.74 -7.16 40.19
C ILE A 65 -13.04 -8.44 40.62
N LEU A 66 -13.72 -9.26 41.42
CA LEU A 66 -13.14 -10.54 41.84
C LEU A 66 -12.78 -11.40 40.65
N SER A 67 -13.51 -11.26 39.54
CA SER A 67 -13.23 -12.06 38.35
C SER A 67 -11.96 -11.57 37.65
N ARG A 68 -11.89 -10.27 37.37
CA ARG A 68 -10.75 -9.74 36.62
C ARG A 68 -9.46 -9.80 37.43
N ASN A 69 -9.56 -9.73 38.75
CA ASN A 69 -8.39 -9.89 39.62
C ASN A 69 -8.16 -11.35 40.00
N GLU A 70 -9.00 -12.26 39.54
CA GLU A 70 -8.77 -13.70 39.70
C GLU A 70 -8.66 -14.08 41.18
N TYR A 71 -9.54 -13.52 42.01
CA TYR A 71 -9.55 -13.86 43.42
C TYR A 71 -9.94 -15.32 43.60
N PRO A 72 -9.26 -16.07 44.48
CA PRO A 72 -9.54 -17.51 44.56
C PRO A 72 -10.88 -17.80 45.24
N ILE A 73 -11.58 -18.81 44.70
CA ILE A 73 -12.79 -19.35 45.30
C ILE A 73 -12.44 -20.75 45.78
N ASN A 74 -12.31 -20.93 47.09
CA ASN A 74 -11.83 -22.19 47.63
C ASN A 74 -12.85 -23.30 47.38
N LYS A 75 -12.41 -24.53 47.64
CA LYS A 75 -13.25 -25.70 47.39
C LYS A 75 -14.52 -25.67 48.23
N ASP A 76 -14.43 -25.15 49.46
CA ASP A 76 -15.62 -25.04 50.31
C ASP A 76 -16.65 -24.09 49.67
N ALA A 77 -16.22 -22.88 49.34
CA ALA A 77 -17.14 -21.91 48.72
C ALA A 77 -17.76 -22.47 47.45
N ARG A 78 -17.02 -23.30 46.71
CA ARG A 78 -17.55 -23.86 45.47
C ARG A 78 -18.61 -24.93 45.72
N GLU A 79 -18.59 -25.58 46.89
CA GLU A 79 -19.61 -26.56 47.20
C GLU A 79 -20.92 -25.90 47.60
N LEU A 80 -20.85 -24.83 48.39
CA LEU A 80 -22.06 -24.09 48.75
C LEU A 80 -22.81 -23.64 47.50
N LEU A 81 -22.09 -23.36 46.41
CA LEU A 81 -22.74 -22.85 45.20
C LEU A 81 -23.67 -23.89 44.57
N HIS A 82 -23.41 -25.18 44.81
CA HIS A 82 -24.30 -26.21 44.29
C HIS A 82 -25.69 -26.15 44.91
N SER A 83 -25.85 -25.42 46.02
CA SER A 83 -27.16 -25.19 46.59
C SER A 83 -27.97 -24.16 45.81
N ALA A 84 -27.39 -23.53 44.80
CA ALA A 84 -28.09 -22.51 44.05
C ALA A 84 -29.32 -23.11 43.38
N PRO A 85 -30.41 -22.35 43.27
CA PRO A 85 -31.60 -22.87 42.58
C PRO A 85 -31.32 -23.08 41.10
N LYS A 86 -32.09 -24.00 40.51
CA LYS A 86 -31.89 -24.34 39.11
C LYS A 86 -32.04 -23.12 38.22
N GLU A 87 -32.91 -22.20 38.59
CA GLU A 87 -33.18 -21.02 37.75
C GLU A 87 -31.95 -20.14 37.58
N ALA A 88 -30.95 -20.28 38.46
CA ALA A 88 -29.73 -19.49 38.34
C ALA A 88 -28.78 -20.04 37.28
N GLU A 89 -28.93 -21.31 36.91
CA GLU A 89 -28.11 -21.95 35.89
C GLU A 89 -26.62 -21.79 36.19
N LEU A 90 -26.24 -22.28 37.37
CA LEU A 90 -24.83 -22.33 37.76
C LEU A 90 -24.32 -23.77 37.77
N MET A 95 -14.58 -27.17 38.23
CA MET A 95 -13.22 -27.35 37.73
C MET A 95 -12.82 -26.22 36.78
N ILE A 96 -13.61 -25.14 36.77
CA ILE A 96 -13.32 -23.98 35.95
C ILE A 96 -12.59 -22.94 36.80
N SER A 97 -11.94 -22.00 36.13
CA SER A 97 -11.04 -21.09 36.79
C SER A 97 -11.80 -20.11 37.70
N HIS A 98 -11.05 -19.51 38.63
CA HIS A 98 -11.63 -18.47 39.48
C HIS A 98 -12.21 -17.34 38.64
N ARG A 99 -11.46 -16.89 37.64
CA ARG A 99 -11.93 -15.82 36.76
C ARG A 99 -13.27 -16.16 36.14
N GLU A 100 -13.41 -17.38 35.63
CA GLU A 100 -14.64 -17.77 34.94
C GLU A 100 -15.81 -17.89 35.90
N LEU A 101 -15.57 -18.43 37.11
CA LEU A 101 -16.68 -18.68 38.02
C LEU A 101 -17.25 -17.38 38.58
N TRP A 102 -16.38 -16.46 39.01
CA TRP A 102 -16.86 -15.16 39.46
C TRP A 102 -17.72 -14.49 38.37
N ALA A 103 -17.28 -14.59 37.12
CA ALA A 103 -18.02 -13.96 36.03
C ALA A 103 -19.38 -14.62 35.83
N LYS A 104 -19.43 -15.95 35.94
CA LYS A 104 -20.70 -16.65 35.79
C LYS A 104 -21.64 -16.34 36.94
N ILE A 105 -21.11 -16.03 38.12
CA ILE A 105 -21.96 -15.61 39.23
C ILE A 105 -22.53 -14.22 38.95
N ALA A 106 -21.69 -13.31 38.47
CA ALA A 106 -22.17 -11.97 38.10
C ALA A 106 -23.27 -12.08 37.05
N ASN A 107 -23.02 -12.83 35.98
CA ASN A 107 -24.04 -13.05 34.97
C ASN A 107 -25.29 -13.67 35.58
N SER A 108 -25.12 -14.64 36.48
CA SER A 108 -26.25 -15.36 37.02
C SER A 108 -27.19 -14.45 37.79
N ILE A 109 -26.65 -13.65 38.72
CA ILE A 109 -27.51 -12.80 39.55
C ILE A 109 -28.13 -11.69 38.72
N ASN A 110 -27.39 -11.17 37.72
CA ASN A 110 -27.94 -10.12 36.88
C ASN A 110 -28.99 -10.67 35.92
N ASP A 111 -28.78 -11.88 35.40
CA ASP A 111 -29.69 -12.43 34.41
C ASP A 111 -30.98 -12.92 35.05
N ILE A 112 -30.90 -13.52 36.24
CA ILE A 112 -32.11 -13.95 36.92
C ILE A 112 -32.99 -12.77 37.28
N ASN A 113 -32.41 -11.57 37.37
CA ASN A 113 -33.21 -10.38 37.66
C ASN A 113 -33.87 -9.86 36.40
N GLU A 114 -33.16 -9.85 35.27
CA GLU A 114 -33.65 -9.27 34.03
C GLU A 114 -34.51 -10.24 33.24
N GLN A 115 -34.16 -11.52 33.23
CA GLN A 115 -34.81 -12.51 32.38
C GLN A 115 -35.85 -13.34 33.11
N TYR A 116 -36.07 -13.10 34.41
CA TYR A 116 -36.91 -13.98 35.21
C TYR A 116 -37.76 -13.20 36.20
N LEU A 117 -37.12 -12.59 37.20
CA LEU A 117 -37.86 -11.88 38.24
C LEU A 117 -38.62 -10.69 37.66
N LYS A 118 -37.94 -9.88 36.83
CA LYS A 118 -38.58 -8.69 36.28
C LYS A 118 -39.58 -9.01 35.18
N VAL A 119 -39.52 -10.21 34.60
CA VAL A 119 -40.55 -10.62 33.66
C VAL A 119 -41.88 -10.78 34.38
N TYR A 120 -41.89 -11.46 35.53
CA TYR A 120 -43.09 -11.58 36.32
C TYR A 120 -43.56 -10.22 36.81
N GLU A 121 -42.62 -9.33 37.13
CA GLU A 121 -42.99 -8.01 37.63
C GLU A 121 -43.81 -7.24 36.60
N HIS A 122 -43.33 -7.22 35.35
CA HIS A 122 -44.04 -6.47 34.32
C HIS A 122 -45.39 -7.09 34.01
N ALA A 123 -45.46 -8.42 33.99
CA ALA A 123 -46.74 -9.09 33.78
C ALA A 123 -47.75 -8.69 34.83
N VAL A 124 -47.31 -8.55 36.09
CA VAL A 124 -48.18 -8.10 37.16
C VAL A 124 -48.58 -6.63 36.94
N SER A 125 -47.60 -5.79 36.60
CA SER A 125 -47.89 -4.37 36.43
C SER A 125 -48.86 -4.12 35.29
N SER A 126 -48.68 -4.82 34.17
CA SER A 126 -49.56 -4.62 33.02
C SER A 126 -50.98 -5.07 33.32
N TYR A 127 -51.13 -6.29 33.86
CA TYR A 127 -52.46 -6.79 34.15
C TYR A 127 -53.13 -5.98 35.27
N THR A 128 -52.36 -5.58 36.28
CA THR A 128 -52.91 -4.76 37.35
C THR A 128 -53.50 -3.47 36.80
N GLN A 129 -52.77 -2.79 35.92
CA GLN A 129 -53.27 -1.56 35.33
C GLN A 129 -54.56 -1.80 34.55
N MET A 130 -54.61 -2.91 33.80
CA MET A 130 -55.83 -3.24 33.06
C MET A 130 -57.00 -3.42 34.01
N TYR A 131 -56.80 -4.16 35.11
CA TYR A 131 -57.90 -4.39 36.03
C TYR A 131 -58.28 -3.13 36.78
N GLN A 132 -57.32 -2.23 37.02
CA GLN A 132 -57.66 -0.97 37.66
C GLN A 132 -58.50 -0.09 36.75
N ASP A 133 -58.14 -0.03 35.46
CA ASP A 133 -58.97 0.70 34.51
C ASP A 133 -60.34 0.06 34.37
N PHE A 134 -60.40 -1.27 34.45
CA PHE A 134 -61.71 -1.92 34.44
C PHE A 134 -62.50 -1.59 35.69
N SER A 135 -61.83 -1.50 36.85
CA SER A 135 -62.52 -1.12 38.07
C SER A 135 -63.07 0.29 37.98
N ALA A 136 -62.41 1.16 37.21
CA ALA A 136 -62.97 2.48 36.94
C ALA A 136 -64.29 2.39 36.20
N VAL A 137 -64.43 1.38 35.33
CA VAL A 137 -65.71 1.16 34.66
C VAL A 137 -66.76 0.67 35.65
N LEU A 138 -66.36 -0.22 36.57
CA LEU A 138 -67.29 -0.71 37.59
C LEU A 138 -67.82 0.43 38.44
N SER A 139 -66.96 1.41 38.75
CA SER A 139 -67.40 2.54 39.56
C SER A 139 -68.52 3.31 38.88
N SER A 140 -68.55 3.32 37.55
CA SER A 140 -69.56 4.03 36.79
C SER A 140 -70.78 3.17 36.47
N LEU A 141 -70.79 1.90 36.89
CA LEU A 141 -71.88 1.02 36.51
C LEU A 141 -73.18 1.39 37.22
N ALA A 142 -73.09 1.84 38.48
CA ALA A 142 -74.30 2.19 39.23
C ALA A 142 -75.07 3.30 38.53
N GLY A 143 -74.37 4.26 37.93
CA GLY A 143 -75.02 5.36 37.24
C GLY A 143 -75.61 4.97 35.90
N TRP A 144 -75.22 3.82 35.36
CA TRP A 144 -75.80 3.30 34.13
C TRP A 144 -77.01 2.41 34.39
N ILE A 145 -77.38 2.21 35.64
CA ILE A 145 -78.53 1.39 36.03
C ILE A 145 -79.53 2.27 36.75
N SER A 146 -80.77 2.28 36.27
CA SER A 146 -81.83 3.06 36.86
C SER A 146 -83.13 2.28 36.78
N PRO A 147 -84.13 2.65 37.57
CA PRO A 147 -85.39 1.88 37.58
C PRO A 147 -86.07 1.89 36.21
N GLY A 148 -86.72 0.78 35.88
CA GLY A 148 -87.58 0.75 34.72
C GLY A 148 -88.82 1.57 34.95
N GLY A 149 -89.27 2.27 33.89
CA GLY A 149 -90.34 3.23 34.04
C GLY A 149 -91.64 2.63 34.53
N ASN A 150 -91.94 1.39 34.14
CA ASN A 150 -93.26 0.81 34.37
C ASN A 150 -93.29 -0.26 35.46
N ASP A 151 -92.14 -0.71 35.96
CA ASP A 151 -92.12 -1.76 36.96
C ASP A 151 -90.98 -1.51 37.95
N GLY A 152 -91.33 -1.46 39.24
CA GLY A 152 -90.33 -1.21 40.26
C GLY A 152 -89.35 -2.35 40.46
N ASN A 153 -89.68 -3.54 39.97
CA ASN A 153 -88.76 -4.68 40.03
C ASN A 153 -87.90 -4.81 38.78
N SER A 154 -88.03 -3.90 37.83
CA SER A 154 -87.23 -3.91 36.61
C SER A 154 -86.15 -2.82 36.69
N VAL A 155 -85.20 -2.91 35.76
CA VAL A 155 -84.08 -1.97 35.70
C VAL A 155 -83.84 -1.59 34.25
N LYS A 156 -83.32 -0.38 34.04
CA LYS A 156 -82.88 0.08 32.73
C LYS A 156 -81.35 0.15 32.72
N LEU A 157 -80.73 -0.46 31.73
CA LEU A 157 -79.27 -0.55 31.65
C LEU A 157 -78.79 0.20 30.41
N GLN A 158 -77.80 1.07 30.61
CA GLN A 158 -77.19 1.83 29.51
C GLN A 158 -76.18 0.92 28.81
N VAL A 159 -76.69 0.02 27.99
CA VAL A 159 -75.85 -0.99 27.36
C VAL A 159 -74.78 -0.33 26.49
N ASN A 160 -75.15 0.66 25.69
CA ASN A 160 -74.19 1.28 24.79
C ASN A 160 -73.11 2.03 25.56
N SER A 161 -73.49 2.73 26.64
CA SER A 161 -72.50 3.43 27.44
C SER A 161 -71.50 2.45 28.04
N LEU A 162 -72.00 1.35 28.63
CA LEU A 162 -71.11 0.33 29.17
C LEU A 162 -70.31 -0.34 28.07
N LYS A 163 -70.97 -0.69 26.96
CA LYS A 163 -70.27 -1.28 25.82
C LYS A 163 -69.14 -0.37 25.35
N LYS A 164 -69.39 0.93 25.26
CA LYS A 164 -68.38 1.87 24.80
C LYS A 164 -67.14 1.81 25.68
N ALA A 165 -67.34 1.82 27.01
CA ALA A 165 -66.20 1.81 27.92
C ALA A 165 -65.39 0.53 27.81
N LEU A 166 -66.07 -0.61 27.65
CA LEU A 166 -65.35 -1.89 27.56
C LEU A 166 -64.57 -1.99 26.26
N GLU A 167 -65.11 -1.46 25.17
CA GLU A 167 -64.38 -1.48 23.91
C GLU A 167 -63.13 -0.61 23.98
N GLU A 168 -63.22 0.53 24.67
CA GLU A 168 -62.07 1.40 24.81
C GLU A 168 -61.04 0.81 25.78
N LEU A 169 -61.50 0.03 26.77
CA LEU A 169 -60.57 -0.67 27.64
C LEU A 169 -59.72 -1.65 26.84
N LYS A 170 -60.32 -2.38 25.90
CA LYS A 170 -59.56 -3.27 25.04
C LYS A 170 -58.56 -2.49 24.20
N GLU A 171 -58.98 -1.36 23.63
CA GLU A 171 -58.07 -0.56 22.82
C GLU A 171 -56.91 -0.05 23.67
N LYS A 172 -57.19 0.36 24.92
CA LYS A 172 -56.16 0.93 25.78
C LYS A 172 -55.05 -0.07 26.11
N TYR A 173 -55.34 -1.37 26.04
CA TYR A 173 -54.35 -2.39 26.39
C TYR A 173 -54.05 -3.34 25.23
N LYS A 174 -54.54 -3.04 24.03
CA LYS A 174 -54.20 -3.84 22.86
C LYS A 174 -52.72 -3.81 22.54
N ASP A 175 -52.00 -2.77 22.99
CA ASP A 175 -50.57 -2.65 22.72
C ASP A 175 -49.72 -2.68 23.99
N LYS A 176 -50.29 -3.12 25.12
CA LYS A 176 -49.55 -3.26 26.37
C LYS A 176 -49.47 -4.73 26.74
N PRO A 177 -48.46 -5.45 26.27
CA PRO A 177 -48.41 -6.89 26.52
C PRO A 177 -47.95 -7.24 27.92
N LEU A 178 -48.23 -8.49 28.31
CA LEU A 178 -47.68 -9.02 29.56
C LEU A 178 -46.18 -9.19 29.45
N TYR A 179 -45.70 -9.64 28.29
CA TYR A 179 -44.29 -9.93 28.08
C TYR A 179 -44.01 -9.86 26.59
N PRO A 180 -42.91 -9.23 26.15
CA PRO A 180 -41.89 -8.52 26.93
C PRO A 180 -42.20 -7.04 27.08
N ALA A 181 -41.57 -6.39 28.06
CA ALA A 181 -41.81 -4.96 28.27
C ALA A 181 -41.37 -4.13 27.07
N ASN A 182 -40.35 -4.58 26.34
CA ASN A 182 -39.84 -3.86 25.19
C ASN A 182 -39.55 -4.83 24.05
N ASN A 183 -39.61 -4.30 22.82
CA ASN A 183 -39.23 -5.06 21.63
C ASN A 183 -40.13 -6.30 21.53
N THR A 184 -39.63 -7.34 20.87
CA THR A 184 -40.38 -8.56 20.64
C THR A 184 -39.47 -9.75 20.90
N VAL A 185 -40.05 -10.96 20.79
CA VAL A 185 -39.30 -12.20 20.93
C VAL A 185 -39.80 -13.16 19.86
N SER A 186 -39.05 -14.25 19.68
CA SER A 186 -39.48 -15.30 18.78
C SER A 186 -40.83 -15.85 19.20
N GLN A 187 -41.52 -16.50 18.26
CA GLN A 187 -42.76 -17.17 18.60
C GLN A 187 -42.54 -18.24 19.65
N GLU A 188 -41.43 -18.96 19.56
CA GLU A 188 -41.13 -20.01 20.54
C GLU A 188 -40.97 -19.42 21.93
N GLN A 189 -40.21 -18.33 22.05
CA GLN A 189 -40.02 -17.69 23.34
C GLN A 189 -41.35 -17.18 23.90
N ALA A 190 -42.18 -16.57 23.06
CA ALA A 190 -43.47 -16.08 23.52
C ALA A 190 -44.34 -17.23 24.04
N ASN A 191 -44.27 -18.39 23.39
CA ASN A 191 -45.08 -19.52 23.83
C ASN A 191 -44.55 -20.13 25.12
N LYS A 192 -43.24 -20.04 25.36
CA LYS A 192 -42.71 -20.48 26.65
C LYS A 192 -43.36 -19.72 27.79
N TRP A 193 -43.34 -18.39 27.72
CA TRP A 193 -43.91 -17.57 28.78
C TRP A 193 -45.43 -17.59 28.78
N LEU A 194 -46.06 -17.90 27.64
CA LEU A 194 -47.50 -18.09 27.62
C LEU A 194 -47.90 -19.25 28.54
N THR A 195 -47.35 -20.44 28.28
CA THR A 195 -47.66 -21.59 29.10
C THR A 195 -47.21 -21.42 30.55
N GLU A 196 -46.21 -20.56 30.78
CA GLU A 196 -45.78 -20.27 32.14
C GLU A 196 -46.78 -19.36 32.86
N LEU A 197 -47.12 -18.23 32.25
CA LEU A 197 -48.02 -17.27 32.91
C LEU A 197 -49.45 -17.80 32.96
N GLY A 198 -49.90 -18.47 31.90
CA GLY A 198 -51.26 -18.96 31.85
C GLY A 198 -51.93 -18.65 30.52
N GLY A 199 -52.43 -19.68 29.84
CA GLY A 199 -53.00 -19.51 28.52
C GLY A 199 -54.28 -18.71 28.49
N THR A 200 -55.02 -18.66 29.60
CA THR A 200 -56.20 -17.82 29.70
C THR A 200 -55.90 -16.43 30.22
N ILE A 201 -54.67 -16.18 30.67
CA ILE A 201 -54.28 -14.88 31.19
C ILE A 201 -53.61 -14.08 30.09
N GLY A 202 -52.94 -14.79 29.17
CA GLY A 202 -52.24 -14.16 28.08
C GLY A 202 -52.61 -14.78 26.74
N LYS A 203 -52.06 -14.20 25.68
CA LYS A 203 -52.29 -14.69 24.33
C LYS A 203 -51.15 -14.23 23.45
N VAL A 204 -50.55 -15.17 22.71
CA VAL A 204 -49.44 -14.83 21.82
C VAL A 204 -49.97 -14.05 20.63
N SER A 205 -49.26 -13.00 20.25
CA SER A 205 -49.65 -12.14 19.14
C SER A 205 -48.40 -11.71 18.39
N GLN A 206 -48.57 -11.47 17.10
CA GLN A 206 -47.49 -10.97 16.26
C GLN A 206 -47.47 -9.44 16.34
N LYS A 207 -46.32 -8.89 16.73
CA LYS A 207 -46.19 -7.43 16.83
C LYS A 207 -45.73 -6.83 15.51
N ASN A 208 -44.66 -7.37 14.93
CA ASN A 208 -44.19 -6.94 13.62
C ASN A 208 -43.04 -7.83 13.16
N GLY A 209 -43.36 -9.08 12.84
CA GLY A 209 -42.38 -10.10 12.61
C GLY A 209 -41.91 -10.81 13.88
N GLY A 210 -41.97 -10.12 15.01
CA GLY A 210 -41.75 -10.75 16.30
C GLY A 210 -43.06 -11.16 16.95
N TYR A 211 -42.99 -11.44 18.24
CA TYR A 211 -44.14 -11.93 18.97
C TYR A 211 -44.09 -11.42 20.40
N VAL A 212 -45.27 -11.27 20.99
CA VAL A 212 -45.43 -10.86 22.38
C VAL A 212 -46.50 -11.72 23.01
N VAL A 213 -46.58 -11.67 24.34
CA VAL A 213 -47.66 -12.29 25.10
C VAL A 213 -48.58 -11.17 25.52
N SER A 214 -49.64 -10.96 24.76
CA SER A 214 -50.60 -9.90 25.05
C SER A 214 -51.48 -10.30 26.23
N ILE A 215 -52.16 -9.29 26.79
CA ILE A 215 -53.17 -9.56 27.81
C ILE A 215 -54.37 -10.24 27.15
N ASN A 216 -54.78 -11.38 27.70
CA ASN A 216 -55.96 -12.07 27.21
C ASN A 216 -57.19 -11.34 27.71
N MET A 217 -57.92 -10.71 26.80
CA MET A 217 -59.10 -9.92 27.15
C MET A 217 -60.41 -10.68 26.90
N THR A 218 -60.36 -12.00 26.87
CA THR A 218 -61.58 -12.79 26.68
C THR A 218 -62.68 -12.43 27.65
N PRO A 219 -62.43 -12.20 28.94
CA PRO A 219 -63.53 -11.83 29.84
C PRO A 219 -64.26 -10.57 29.39
N ILE A 220 -63.54 -9.57 28.89
CA ILE A 220 -64.20 -8.38 28.35
C ILE A 220 -65.00 -8.75 27.11
N ASP A 221 -64.42 -9.57 26.23
CA ASP A 221 -65.16 -10.01 25.06
C ASP A 221 -66.43 -10.76 25.46
N ASN A 222 -66.35 -11.59 26.49
CA ASN A 222 -67.54 -12.30 26.96
C ASN A 222 -68.59 -11.32 27.48
N MET A 223 -68.16 -10.33 28.27
CA MET A 223 -69.07 -9.28 28.70
C MET A 223 -69.75 -8.63 27.51
N LEU A 224 -69.00 -8.35 26.45
CA LEU A 224 -69.56 -7.66 25.30
C LEU A 224 -70.55 -8.54 24.55
N LYS A 225 -70.23 -9.81 24.36
CA LYS A 225 -71.19 -10.73 23.75
C LYS A 225 -72.43 -10.88 24.63
N SER A 226 -72.26 -10.82 25.95
CA SER A 226 -73.42 -10.90 26.84
C SER A 226 -74.30 -9.66 26.70
N LEU A 227 -73.69 -8.48 26.62
CA LEU A 227 -74.47 -7.26 26.43
C LEU A 227 -75.26 -7.31 25.14
N ASP A 228 -74.61 -7.71 24.04
CA ASP A 228 -75.28 -7.76 22.74
C ASP A 228 -76.51 -8.67 22.79
N ASN A 229 -76.42 -9.77 23.53
CA ASN A 229 -77.54 -10.70 23.59
C ASN A 229 -78.71 -10.19 24.43
N LEU A 230 -78.58 -9.02 25.08
CA LEU A 230 -79.65 -8.51 25.92
C LEU A 230 -80.77 -7.84 25.13
N GLY A 231 -80.49 -7.42 23.89
CA GLY A 231 -81.49 -6.70 23.11
C GLY A 231 -81.04 -5.31 22.75
N GLY A 232 -81.56 -4.75 21.65
CA GLY A 232 -81.05 -3.52 21.10
C GLY A 232 -81.76 -2.28 21.60
N ASN A 233 -81.37 -1.15 21.01
CA ASN A 233 -81.93 0.19 21.21
C ASN A 233 -80.89 1.13 21.79
N GLY A 234 -79.95 0.60 22.57
CA GLY A 234 -79.00 1.43 23.28
C GLY A 234 -79.22 1.33 24.77
N GLU A 235 -80.46 1.50 25.19
CA GLU A 235 -80.92 1.15 26.52
C GLU A 235 -81.74 -0.12 26.45
N VAL A 236 -81.79 -0.85 27.56
CA VAL A 236 -82.58 -2.07 27.64
C VAL A 236 -83.20 -2.15 29.03
N VAL A 237 -84.44 -2.63 29.07
CA VAL A 237 -85.16 -2.85 30.33
C VAL A 237 -85.09 -4.33 30.63
N LEU A 238 -84.71 -4.67 31.86
CA LEU A 238 -84.60 -6.05 32.32
C LEU A 238 -85.49 -6.25 33.52
N ASP A 239 -86.29 -7.32 33.49
CA ASP A 239 -86.97 -7.76 34.71
C ASP A 239 -85.93 -8.24 35.70
N ASN A 240 -86.37 -8.43 36.95
CA ASN A 240 -85.44 -8.83 38.00
C ASN A 240 -84.67 -10.09 37.62
N ALA A 241 -85.35 -11.05 36.99
CA ALA A 241 -84.70 -12.31 36.65
C ALA A 241 -83.63 -12.12 35.59
N LYS A 242 -83.98 -11.49 34.46
CA LYS A 242 -82.99 -11.29 33.41
C LYS A 242 -81.83 -10.42 33.88
N TYR A 243 -82.05 -9.57 34.87
CA TYR A 243 -80.98 -8.75 35.41
C TYR A 243 -80.05 -9.57 36.30
N GLN A 244 -80.63 -10.39 37.20
CA GLN A 244 -79.79 -11.24 38.05
C GLN A 244 -78.96 -12.19 37.20
N ALA A 245 -79.53 -12.71 36.12
CA ALA A 245 -78.78 -13.62 35.26
C ALA A 245 -77.63 -12.91 34.58
N TRP A 246 -77.87 -11.71 34.04
CA TRP A 246 -76.79 -10.96 33.41
C TRP A 246 -75.72 -10.58 34.43
N ASN A 247 -76.14 -10.02 35.56
CA ASN A 247 -75.18 -9.56 36.56
C ASN A 247 -74.38 -10.73 37.13
N ALA A 248 -74.98 -11.91 37.24
CA ALA A 248 -74.25 -13.08 37.71
C ALA A 248 -73.09 -13.40 36.78
N GLY A 249 -73.35 -13.46 35.48
CA GLY A 249 -72.28 -13.70 34.53
C GLY A 249 -71.27 -12.57 34.52
N PHE A 250 -71.74 -11.33 34.67
CA PHE A 250 -70.83 -10.19 34.69
C PHE A 250 -69.91 -10.24 35.91
N SER A 251 -70.48 -10.53 37.09
CA SER A 251 -69.66 -10.65 38.29
C SER A 251 -68.70 -11.82 38.21
N ALA A 252 -69.09 -12.90 37.50
CA ALA A 252 -68.20 -14.03 37.34
C ALA A 252 -66.98 -13.65 36.50
N GLU A 253 -67.17 -12.86 35.45
CA GLU A 253 -66.04 -12.39 34.65
C GLU A 253 -65.12 -11.51 35.48
N ASP A 254 -65.69 -10.61 36.29
CA ASP A 254 -64.87 -9.78 37.16
C ASP A 254 -64.04 -10.63 38.10
N GLU A 255 -64.64 -11.67 38.68
CA GLU A 255 -63.88 -12.55 39.58
C GLU A 255 -62.86 -13.37 38.82
N THR A 256 -63.12 -13.65 37.53
CA THR A 256 -62.11 -14.32 36.71
C THR A 256 -60.87 -13.44 36.57
N MET A 257 -61.07 -12.14 36.35
CA MET A 257 -59.93 -11.24 36.24
C MET A 257 -59.23 -11.07 37.59
N LYS A 258 -59.99 -10.94 38.66
CA LYS A 258 -59.39 -10.90 39.99
C LYS A 258 -58.52 -12.13 40.22
N ASN A 259 -59.02 -13.31 39.85
CA ASN A 259 -58.24 -14.52 40.03
C ASN A 259 -56.99 -14.52 39.14
N ASN A 260 -57.12 -14.04 37.90
CA ASN A 260 -55.97 -13.98 37.01
C ASN A 260 -54.87 -13.11 37.60
N LEU A 261 -55.24 -11.93 38.10
CA LEU A 261 -54.26 -11.07 38.76
C LEU A 261 -53.63 -11.81 39.94
N GLN A 262 -54.44 -12.44 40.77
CA GLN A 262 -53.92 -13.17 41.92
C GLN A 262 -52.93 -14.24 41.47
N THR A 263 -53.17 -14.87 40.31
CA THR A 263 -52.26 -15.89 39.81
C THR A 263 -50.91 -15.28 39.44
N LEU A 264 -50.92 -14.11 38.80
CA LEU A 264 -49.67 -13.47 38.41
C LEU A 264 -48.90 -12.97 39.62
N VAL A 265 -49.61 -12.46 40.63
CA VAL A 265 -48.95 -11.99 41.84
C VAL A 265 -48.28 -13.15 42.57
N GLN A 266 -48.93 -14.31 42.59
CA GLN A 266 -48.31 -15.47 43.25
C GLN A 266 -47.06 -15.92 42.52
N LYS A 267 -47.13 -16.00 41.18
CA LYS A 267 -45.96 -16.37 40.41
C LYS A 267 -44.82 -15.37 40.62
N TYR A 268 -45.14 -14.08 40.60
CA TYR A 268 -44.13 -13.06 40.89
C TYR A 268 -43.55 -13.26 42.29
N SER A 269 -44.43 -13.42 43.28
CA SER A 269 -43.96 -13.60 44.65
C SER A 269 -43.08 -14.85 44.78
N ASN A 270 -43.51 -15.97 44.18
CA ASN A 270 -42.73 -17.18 44.27
C ASN A 270 -41.40 -17.05 43.54
N ALA A 271 -41.37 -16.31 42.43
CA ALA A 271 -40.11 -16.07 41.74
C ALA A 271 -39.16 -15.25 42.59
N ASN A 272 -39.69 -14.30 43.36
CA ASN A 272 -38.85 -13.52 44.26
C ASN A 272 -38.23 -14.40 45.34
N SER A 273 -38.93 -15.47 45.75
CA SER A 273 -38.37 -16.39 46.73
C SER A 273 -37.22 -17.20 46.13
N ILE A 274 -37.40 -17.67 44.89
CA ILE A 274 -36.30 -18.35 44.19
C ILE A 274 -35.11 -17.40 44.05
N PHE A 275 -35.38 -16.14 43.70
CA PHE A 275 -34.32 -15.14 43.68
C PHE A 275 -33.69 -14.99 45.06
N ASP A 276 -34.52 -14.92 46.10
CA ASP A 276 -34.01 -14.80 47.46
C ASP A 276 -33.12 -15.98 47.82
N ASN A 277 -33.50 -17.18 47.37
CA ASN A 277 -32.68 -18.37 47.65
C ASN A 277 -31.30 -18.22 47.06
N LEU A 278 -31.20 -17.72 45.82
CA LEU A 278 -29.90 -17.50 45.22
C LEU A 278 -29.07 -16.53 46.05
N VAL A 279 -29.63 -15.38 46.41
CA VAL A 279 -28.92 -14.40 47.20
C VAL A 279 -28.44 -15.02 48.51
N LYS A 280 -29.30 -15.81 49.15
CA LYS A 280 -28.90 -16.52 50.38
C LYS A 280 -27.68 -17.40 50.13
N VAL A 281 -27.72 -18.20 49.05
CA VAL A 281 -26.61 -19.09 48.75
C VAL A 281 -25.36 -18.28 48.43
N LEU A 282 -25.49 -17.24 47.61
CA LEU A 282 -24.33 -16.44 47.24
C LEU A 282 -23.70 -15.80 48.46
N SER A 283 -24.53 -15.32 49.40
CA SER A 283 -23.98 -14.68 50.59
C SER A 283 -23.19 -15.67 51.43
N SER A 284 -23.68 -16.90 51.57
CA SER A 284 -22.90 -17.93 52.26
C SER A 284 -21.57 -18.17 51.56
N THR A 285 -21.57 -18.15 50.23
CA THR A 285 -20.33 -18.35 49.48
C THR A 285 -19.33 -17.24 49.78
N ILE A 286 -19.80 -15.99 49.84
CA ILE A 286 -18.91 -14.87 50.12
C ILE A 286 -18.34 -14.97 51.53
N SER A 287 -19.17 -15.38 52.49
CA SER A 287 -18.71 -15.53 53.87
C SER A 287 -17.61 -16.58 54.00
N SER A 288 -17.37 -17.39 52.97
CA SER A 288 -16.35 -18.42 52.98
C SER A 288 -15.31 -18.19 51.89
N SER A 289 -15.07 -16.93 51.54
CA SER A 289 -14.10 -16.60 50.50
C SER A 289 -13.11 -15.54 50.98
N GLN B 4 -30.70 -19.29 11.14
CA GLN B 4 -31.59 -18.28 11.76
C GLN B 4 -30.87 -17.53 12.87
N VAL B 5 -30.03 -16.56 12.48
CA VAL B 5 -29.22 -15.82 13.44
C VAL B 5 -30.14 -14.96 14.31
N GLN B 6 -29.93 -15.04 15.63
CA GLN B 6 -30.67 -14.22 16.58
C GLN B 6 -29.70 -13.66 17.61
N LEU B 7 -29.95 -12.43 18.04
CA LEU B 7 -29.15 -11.76 19.07
C LEU B 7 -30.11 -11.09 20.04
N ALA B 8 -30.41 -11.77 21.15
CA ALA B 8 -31.34 -11.25 22.14
C ALA B 8 -30.58 -10.47 23.20
N GLU B 9 -31.01 -9.24 23.44
CA GLU B 9 -30.38 -8.34 24.41
C GLU B 9 -31.27 -8.19 25.64
N THR B 10 -30.64 -8.00 26.80
CA THR B 10 -31.36 -7.87 28.05
C THR B 10 -30.55 -7.03 29.03
N GLY B 11 -31.23 -6.16 29.77
CA GLY B 11 -30.65 -5.55 30.95
C GLY B 11 -30.37 -4.06 30.90
N GLY B 12 -31.02 -3.31 30.04
CA GLY B 12 -30.81 -1.87 30.00
C GLY B 12 -31.67 -1.10 30.99
N GLY B 13 -32.20 0.05 30.56
CA GLY B 13 -33.12 0.81 31.38
C GLY B 13 -32.52 2.07 31.97
N LEU B 14 -33.03 2.49 33.12
CA LEU B 14 -32.60 3.72 33.78
C LEU B 14 -31.48 3.41 34.76
N ALA B 15 -30.63 4.42 34.99
CA ALA B 15 -29.56 4.31 35.96
C ALA B 15 -29.17 5.71 36.43
N GLN B 16 -28.74 5.80 37.68
CA GLN B 16 -28.27 7.07 38.20
C GLN B 16 -26.83 7.31 37.76
N PRO B 17 -26.43 8.57 37.56
CA PRO B 17 -25.02 8.86 37.33
C PRO B 17 -24.15 8.25 38.42
N GLY B 18 -23.08 7.58 38.01
CA GLY B 18 -22.22 6.87 38.93
C GLY B 18 -22.63 5.43 39.19
N GLY B 19 -23.77 4.99 38.68
CA GLY B 19 -24.24 3.64 38.87
C GLY B 19 -23.65 2.67 37.87
N SER B 20 -24.18 1.45 37.87
CA SER B 20 -23.68 0.38 37.04
C SER B 20 -24.81 -0.34 36.34
N LEU B 21 -24.47 -0.96 35.21
CA LEU B 21 -25.38 -1.84 34.48
C LEU B 21 -24.55 -2.93 33.83
N ARG B 22 -25.15 -4.10 33.66
CA ARG B 22 -24.51 -5.24 33.00
C ARG B 22 -25.45 -5.72 31.88
N LEU B 23 -25.21 -5.25 30.67
CA LEU B 23 -25.98 -5.68 29.52
C LEU B 23 -25.61 -7.10 29.13
N SER B 24 -26.57 -7.81 28.53
CA SER B 24 -26.37 -9.18 28.09
C SER B 24 -26.78 -9.32 26.63
N CYS B 25 -26.03 -10.14 25.90
CA CYS B 25 -26.32 -10.46 24.51
C CYS B 25 -26.20 -11.97 24.35
N ALA B 26 -27.32 -12.63 24.09
CA ALA B 26 -27.34 -14.08 23.90
C ALA B 26 -27.50 -14.37 22.42
N ALA B 27 -26.62 -15.22 21.89
CA ALA B 27 -26.54 -15.47 20.46
C ALA B 27 -26.95 -16.90 20.14
N SER B 28 -27.51 -17.08 18.94
CA SER B 28 -27.85 -18.40 18.44
C SER B 28 -27.97 -18.30 16.93
N GLY B 29 -27.77 -19.43 16.25
CA GLY B 29 -27.92 -19.52 14.81
C GLY B 29 -26.63 -19.55 14.03
N PHE B 30 -25.48 -19.44 14.69
CA PHE B 30 -24.19 -19.50 14.00
C PHE B 30 -23.18 -20.15 14.92
N THR B 31 -22.01 -20.47 14.34
CA THR B 31 -20.91 -21.05 15.11
C THR B 31 -20.25 -19.94 15.92
N PHE B 32 -20.47 -19.95 17.23
CA PHE B 32 -20.03 -18.85 18.07
C PHE B 32 -18.53 -18.63 18.00
N SER B 33 -17.76 -19.68 17.73
CA SER B 33 -16.31 -19.56 17.70
C SER B 33 -15.81 -18.80 16.46
N ARG B 34 -16.63 -18.68 15.42
CA ARG B 34 -16.25 -17.96 14.21
C ARG B 34 -16.76 -16.54 14.21
N ALA B 35 -17.11 -16.00 15.39
CA ALA B 35 -17.77 -14.70 15.48
C ALA B 35 -17.04 -13.82 16.48
N VAL B 36 -16.71 -12.60 16.06
CA VAL B 36 -16.32 -11.54 16.98
C VAL B 36 -17.58 -10.82 17.44
N MET B 37 -17.73 -10.68 18.74
CA MET B 37 -18.92 -10.09 19.33
C MET B 37 -18.64 -8.67 19.76
N ASN B 38 -19.53 -7.74 19.42
CA ASN B 38 -19.34 -6.32 19.65
C ASN B 38 -20.56 -5.73 20.33
N TRP B 39 -20.33 -4.63 21.06
CA TRP B 39 -21.39 -3.77 21.55
C TRP B 39 -21.21 -2.40 20.94
N TYR B 40 -22.26 -1.90 20.30
CA TYR B 40 -22.30 -0.54 19.78
C TYR B 40 -23.31 0.27 20.56
N ARG B 41 -23.33 1.57 20.29
CA ARG B 41 -24.33 2.45 20.89
C ARG B 41 -24.52 3.65 19.99
N GLN B 42 -25.70 4.26 20.07
CA GLN B 42 -26.03 5.42 19.25
C GLN B 42 -26.86 6.38 20.07
N ALA B 43 -26.29 7.54 20.40
CA ALA B 43 -27.00 8.58 21.09
C ALA B 43 -27.93 9.32 20.14
N PRO B 44 -28.95 10.00 20.65
CA PRO B 44 -29.87 10.71 19.75
C PRO B 44 -29.17 11.82 18.99
N GLY B 45 -29.29 11.78 17.66
CA GLY B 45 -28.70 12.76 16.79
C GLY B 45 -27.25 12.49 16.42
N LYS B 46 -26.57 11.61 17.15
CA LYS B 46 -25.18 11.29 16.87
C LYS B 46 -25.08 10.03 16.02
N GLU B 47 -23.85 9.65 15.68
CA GLU B 47 -23.58 8.47 14.87
C GLU B 47 -23.38 7.25 15.76
N ARG B 48 -23.60 6.09 15.16
CA ARG B 48 -23.38 4.82 15.85
C ARG B 48 -21.88 4.59 16.04
N GLU B 49 -21.47 4.37 17.28
CA GLU B 49 -20.06 4.23 17.61
C GLU B 49 -19.81 2.93 18.37
N LEU B 50 -18.61 2.39 18.20
CA LEU B 50 -18.22 1.16 18.88
C LEU B 50 -18.03 1.41 20.37
N VAL B 51 -18.38 0.40 21.18
CA VAL B 51 -18.19 0.45 22.63
C VAL B 51 -17.13 -0.56 23.07
N ALA B 52 -17.34 -1.84 22.76
CA ALA B 52 -16.41 -2.88 23.15
C ALA B 52 -16.46 -3.99 22.11
N ARG B 53 -15.46 -4.87 22.17
CA ARG B 53 -15.30 -5.92 21.18
C ARG B 53 -14.42 -7.01 21.80
N ILE B 54 -14.85 -8.26 21.66
CA ILE B 54 -14.11 -9.38 22.25
C ILE B 54 -14.26 -10.59 21.35
N TYR B 55 -13.18 -11.35 21.23
CA TYR B 55 -13.22 -12.68 20.61
C TYR B 55 -12.77 -13.76 21.57
N ASP B 56 -11.52 -13.74 22.01
CA ASP B 56 -11.03 -14.74 22.95
C ASP B 56 -11.61 -14.49 24.33
N ALA B 57 -12.41 -15.44 24.81
CA ALA B 57 -13.06 -15.29 26.12
C ALA B 57 -12.05 -15.23 27.26
N GLY B 58 -10.81 -15.65 27.02
CA GLY B 58 -9.80 -15.66 28.07
C GLY B 58 -9.15 -14.33 28.34
N GLY B 59 -9.33 -13.34 27.46
CA GLY B 59 -8.75 -12.03 27.62
C GLY B 59 -9.79 -10.98 27.98
N ASN B 60 -9.42 -9.72 27.76
CA ASN B 60 -10.26 -8.58 28.11
C ASN B 60 -10.87 -7.91 26.89
N GLY B 61 -10.68 -8.47 25.69
CA GLY B 61 -11.21 -7.85 24.51
C GLY B 61 -10.63 -6.45 24.31
N SER B 62 -11.38 -5.64 23.58
CA SER B 62 -11.00 -4.27 23.26
C SER B 62 -12.11 -3.32 23.66
N ILE B 63 -11.73 -2.20 24.28
CA ILE B 63 -12.68 -1.22 24.80
C ILE B 63 -12.43 0.10 24.09
N ALA B 64 -13.51 0.74 23.64
CA ALA B 64 -13.40 2.00 22.93
C ALA B 64 -12.97 3.12 23.88
N ASP B 65 -12.38 4.16 23.30
CA ASP B 65 -11.79 5.24 24.09
C ASP B 65 -12.78 5.94 25.01
N PRO B 66 -13.98 6.34 24.55
CA PRO B 66 -14.89 7.07 25.45
C PRO B 66 -15.37 6.28 26.67
N VAL B 67 -14.96 5.03 26.85
CA VAL B 67 -15.45 4.23 27.97
C VAL B 67 -14.30 3.43 28.58
N LYS B 68 -13.06 3.72 28.18
CA LYS B 68 -11.91 3.05 28.76
C LYS B 68 -11.84 3.34 30.25
N GLY B 69 -11.48 2.33 31.03
CA GLY B 69 -11.43 2.44 32.47
C GLY B 69 -12.78 2.47 33.15
N ARG B 70 -13.87 2.39 32.40
CA ARG B 70 -15.22 2.36 32.96
C ARG B 70 -16.02 1.16 32.50
N PHE B 71 -15.91 0.76 31.24
CA PHE B 71 -16.63 -0.38 30.71
C PHE B 71 -15.68 -1.56 30.52
N THR B 72 -16.21 -2.76 30.70
CA THR B 72 -15.50 -3.99 30.41
C THR B 72 -16.46 -4.97 29.75
N ILE B 73 -15.90 -5.94 29.04
CA ILE B 73 -16.68 -6.91 28.29
C ILE B 73 -16.16 -8.30 28.62
N SER B 74 -17.08 -9.27 28.64
CA SER B 74 -16.74 -10.66 28.92
C SER B 74 -17.56 -11.56 27.99
N ARG B 75 -17.11 -12.80 27.87
CA ARG B 75 -17.73 -13.76 26.96
C ARG B 75 -17.79 -15.12 27.64
N ASP B 76 -18.92 -15.80 27.46
CA ASP B 76 -19.12 -17.16 27.98
C ASP B 76 -19.41 -18.05 26.77
N ASN B 77 -18.40 -18.82 26.35
CA ASN B 77 -18.55 -19.67 25.16
C ASN B 77 -19.50 -20.84 25.40
N ALA B 78 -19.70 -21.24 26.65
CA ALA B 78 -20.62 -22.35 26.92
C ALA B 78 -22.06 -21.94 26.69
N LYS B 79 -22.41 -20.70 27.00
CA LYS B 79 -23.77 -20.21 26.87
C LYS B 79 -23.98 -19.31 25.67
N ASN B 80 -22.94 -19.06 24.87
CA ASN B 80 -23.03 -18.17 23.71
C ASN B 80 -23.58 -16.81 24.12
N THR B 81 -22.88 -16.18 25.08
CA THR B 81 -23.27 -14.88 25.59
C THR B 81 -22.05 -13.99 25.72
N VAL B 82 -22.28 -12.69 25.65
CA VAL B 82 -21.30 -11.68 26.03
C VAL B 82 -22.00 -10.67 26.92
N HIS B 83 -21.29 -10.19 27.93
CA HIS B 83 -21.84 -9.22 28.87
C HIS B 83 -21.01 -7.96 28.83
N LEU B 84 -21.67 -6.82 28.97
CA LEU B 84 -21.02 -5.51 28.98
C LEU B 84 -21.22 -4.91 30.36
N GLN B 85 -20.14 -4.90 31.15
CA GLN B 85 -20.18 -4.31 32.49
C GLN B 85 -19.96 -2.81 32.37
N MET B 86 -21.01 -2.03 32.60
CA MET B 86 -20.95 -0.58 32.47
C MET B 86 -20.89 0.01 33.88
N ASN B 87 -19.76 0.60 34.23
CA ASN B 87 -19.55 1.19 35.54
C ASN B 87 -19.35 2.70 35.42
N SER B 88 -19.46 3.39 36.55
CA SER B 88 -19.25 4.83 36.63
C SER B 88 -19.97 5.55 35.49
N LEU B 89 -21.28 5.33 35.45
CA LEU B 89 -22.09 5.82 34.34
C LEU B 89 -22.18 7.34 34.35
N LYS B 90 -22.32 7.90 33.16
CA LYS B 90 -22.44 9.33 32.93
C LYS B 90 -23.65 9.61 32.06
N PRO B 91 -24.29 10.77 32.21
CA PRO B 91 -25.39 11.11 31.29
C PRO B 91 -24.99 11.02 29.82
N GLU B 92 -23.71 11.26 29.52
CA GLU B 92 -23.24 11.16 28.15
C GLU B 92 -23.32 9.74 27.61
N ASP B 93 -23.39 8.73 28.49
CA ASP B 93 -23.52 7.34 28.05
C ASP B 93 -24.93 7.00 27.61
N THR B 94 -25.89 7.91 27.76
CA THR B 94 -27.25 7.65 27.32
C THR B 94 -27.27 7.40 25.82
N ALA B 95 -27.85 6.26 25.43
CA ALA B 95 -27.88 5.88 24.02
C ALA B 95 -28.66 4.58 23.88
N MET B 96 -28.90 4.19 22.63
CA MET B 96 -29.46 2.89 22.30
C MET B 96 -28.30 1.92 22.08
N TYR B 97 -28.12 0.99 23.00
CA TYR B 97 -27.04 0.01 22.92
C TYR B 97 -27.52 -1.24 22.18
N VAL B 98 -26.65 -1.77 21.32
CA VAL B 98 -26.98 -2.93 20.50
C VAL B 98 -25.74 -3.77 20.31
N CYS B 99 -25.89 -5.08 20.43
CA CYS B 99 -24.76 -5.98 20.18
C CYS B 99 -24.76 -6.43 18.72
N ASN B 100 -23.60 -6.92 18.29
CA ASN B 100 -23.38 -7.24 16.89
C ASN B 100 -22.37 -8.39 16.80
N ALA B 101 -22.56 -9.25 15.81
CA ALA B 101 -21.66 -10.37 15.56
C ALA B 101 -21.01 -10.19 14.21
N GLY B 102 -19.68 -10.23 14.18
CA GLY B 102 -18.94 -10.30 12.94
C GLY B 102 -18.50 -11.73 12.68
N ILE B 103 -19.07 -12.36 11.66
CA ILE B 103 -18.92 -13.80 11.43
C ILE B 103 -18.08 -14.01 10.19
N PHE B 104 -16.96 -14.74 10.36
CA PHE B 104 -16.09 -15.12 9.27
C PHE B 104 -16.38 -16.57 8.91
N ASP B 105 -17.00 -16.79 7.75
CA ASP B 105 -17.41 -18.13 7.36
C ASP B 105 -17.54 -18.23 5.84
N GLY B 106 -16.42 -18.18 5.14
CA GLY B 106 -16.44 -18.15 3.69
C GLY B 106 -16.75 -16.76 3.18
N ASN B 107 -17.90 -16.24 3.59
CA ASN B 107 -18.22 -14.83 3.45
C ASN B 107 -18.03 -14.13 4.79
N TYR B 108 -18.04 -12.81 4.76
CA TYR B 108 -18.11 -12.00 5.97
C TYR B 108 -19.53 -11.49 6.13
N ARG B 109 -20.20 -11.93 7.19
CA ARG B 109 -21.55 -11.49 7.50
C ARG B 109 -21.56 -10.85 8.87
N THR B 110 -22.50 -9.92 9.07
CA THR B 110 -22.65 -9.27 10.36
C THR B 110 -24.13 -9.04 10.64
N TYR B 111 -24.53 -9.26 11.89
CA TYR B 111 -25.92 -9.16 12.29
C TYR B 111 -26.04 -8.28 13.52
N TRP B 112 -27.17 -7.58 13.62
CA TRP B 112 -27.44 -6.67 14.71
C TRP B 112 -28.66 -7.15 15.49
N GLY B 113 -28.71 -6.75 16.77
CA GLY B 113 -29.88 -7.00 17.59
C GLY B 113 -30.85 -5.83 17.54
N GLN B 114 -31.95 -5.98 18.28
CA GLN B 114 -32.97 -4.95 18.32
C GLN B 114 -32.51 -3.73 19.11
N GLY B 115 -31.56 -3.89 20.01
CA GLY B 115 -31.07 -2.78 20.82
C GLY B 115 -31.79 -2.66 22.14
N THR B 116 -31.09 -2.09 23.11
CA THR B 116 -31.63 -1.86 24.45
C THR B 116 -31.29 -0.44 24.87
N GLN B 117 -32.30 0.30 25.32
CA GLN B 117 -32.11 1.69 25.70
C GLN B 117 -31.45 1.78 27.07
N VAL B 118 -30.50 2.71 27.19
CA VAL B 118 -29.84 3.03 28.45
C VAL B 118 -29.95 4.53 28.66
N THR B 119 -30.55 4.93 29.78
CA THR B 119 -30.75 6.33 30.11
C THR B 119 -30.14 6.60 31.47
N VAL B 120 -29.19 7.53 31.52
CA VAL B 120 -28.50 7.90 32.74
C VAL B 120 -28.93 9.32 33.11
N SER B 121 -29.61 9.45 34.24
CA SER B 121 -30.10 10.76 34.68
C SER B 121 -30.57 10.65 36.13
N SER B 122 -30.51 11.78 36.83
CA SER B 122 -30.94 11.85 38.21
C SER B 122 -32.45 12.07 38.30
N SER C 10 -17.74 5.37 -17.75
CA SER C 10 -17.50 6.76 -18.12
C SER C 10 -17.20 6.87 -19.61
N LEU C 11 -16.23 6.08 -20.08
CA LEU C 11 -15.86 6.10 -21.49
C LEU C 11 -16.95 5.50 -22.38
N THR C 12 -17.82 4.66 -21.82
CA THR C 12 -18.93 4.11 -22.59
C THR C 12 -20.06 5.11 -22.75
N MET C 13 -20.34 5.90 -21.71
CA MET C 13 -21.34 6.96 -21.84
C MET C 13 -20.99 7.91 -22.98
N LEU C 14 -19.70 8.22 -23.13
CA LEU C 14 -19.27 9.12 -24.20
C LEU C 14 -19.60 8.53 -25.56
N ASN C 15 -19.17 7.29 -25.82
CA ASN C 15 -19.45 6.66 -27.10
C ASN C 15 -20.95 6.62 -27.38
N ASP C 16 -21.76 6.37 -26.35
CA ASP C 16 -23.21 6.40 -26.52
C ASP C 16 -23.70 7.80 -26.82
N THR C 17 -23.16 8.80 -26.11
CA THR C 17 -23.56 10.18 -26.37
C THR C 17 -23.13 10.63 -27.76
N LEU C 18 -21.89 10.32 -28.15
CA LEU C 18 -21.41 10.73 -29.46
C LEU C 18 -22.27 10.17 -30.59
N HIS C 19 -22.81 8.97 -30.41
CA HIS C 19 -23.68 8.40 -31.43
C HIS C 19 -25.02 9.14 -31.49
N ASN C 20 -25.60 9.45 -30.32
CA ASN C 20 -26.84 10.21 -30.30
C ASN C 20 -26.69 11.52 -31.08
N ILE C 21 -25.56 12.20 -30.90
CA ILE C 21 -25.29 13.42 -31.67
C ILE C 21 -25.40 13.13 -33.16
N ARG C 22 -24.73 12.07 -33.61
CA ARG C 22 -24.76 11.74 -35.03
C ARG C 22 -26.16 11.40 -35.50
N THR C 23 -26.94 10.70 -34.66
CA THR C 23 -28.34 10.46 -34.98
C THR C 23 -29.08 11.78 -35.19
N THR C 24 -28.88 12.73 -34.28
CA THR C 24 -29.51 14.04 -34.43
C THR C 24 -29.01 14.75 -35.68
N ASN C 25 -27.74 14.56 -36.03
CA ASN C 25 -27.19 15.20 -37.22
C ASN C 25 -27.92 14.75 -38.47
N GLN C 26 -28.19 13.45 -38.59
CA GLN C 26 -28.89 12.95 -39.77
C GLN C 26 -30.28 13.57 -39.89
N ALA C 27 -30.95 13.81 -38.76
CA ALA C 27 -32.26 14.43 -38.80
C ALA C 27 -32.17 15.90 -39.19
N LEU C 28 -31.15 16.60 -38.71
CA LEU C 28 -30.98 18.00 -39.09
C LEU C 28 -30.68 18.13 -40.58
N LYS C 29 -29.83 17.25 -41.11
CA LYS C 29 -29.54 17.28 -42.54
C LYS C 29 -30.81 17.08 -43.36
N LYS C 30 -31.67 16.14 -42.93
CA LYS C 30 -32.91 15.89 -43.67
C LYS C 30 -33.83 17.09 -43.63
N GLU C 31 -33.82 17.86 -42.54
CA GLU C 31 -34.67 19.04 -42.44
C GLU C 31 -34.15 20.18 -43.32
N LEU C 32 -32.84 20.25 -43.53
CA LEU C 32 -32.27 21.29 -44.36
C LEU C 32 -32.34 20.96 -45.84
N SER C 33 -32.51 19.69 -46.20
CA SER C 33 -32.64 19.33 -47.61
C SER C 33 -33.95 19.83 -48.20
N GLN C 34 -34.99 19.95 -47.39
CA GLN C 34 -36.21 20.63 -47.82
C GLN C 34 -35.92 22.12 -48.01
N LYS C 35 -36.57 22.72 -49.01
CA LYS C 35 -36.11 24.00 -49.54
C LYS C 35 -37.16 25.10 -49.52
N THR C 36 -38.32 24.87 -48.92
CA THR C 36 -39.30 25.95 -48.67
C THR C 36 -39.41 26.08 -47.16
N LEU C 37 -38.40 26.72 -46.55
CA LEU C 37 -38.37 26.87 -45.10
C LEU C 37 -39.63 27.57 -44.61
N THR C 38 -40.36 26.92 -43.72
CA THR C 38 -41.56 27.47 -43.11
C THR C 38 -41.28 27.82 -41.66
N LYS C 39 -42.31 28.34 -40.97
CA LYS C 39 -42.20 28.53 -39.54
C LYS C 39 -41.98 27.20 -38.82
N THR C 40 -42.44 26.10 -39.43
CA THR C 40 -42.24 24.79 -38.83
C THR C 40 -40.79 24.34 -38.98
N SER C 41 -40.19 24.58 -40.14
CA SER C 41 -38.78 24.21 -40.35
C SER C 41 -37.89 24.83 -39.28
N LEU C 42 -38.10 26.11 -38.97
CA LEU C 42 -37.28 26.76 -37.95
C LEU C 42 -37.47 26.12 -36.58
N GLU C 43 -38.71 25.76 -36.24
CA GLU C 43 -38.95 25.06 -34.98
C GLU C 43 -38.22 23.73 -34.94
N GLU C 44 -38.30 22.96 -36.03
CA GLU C 44 -37.58 21.69 -36.09
C GLU C 44 -36.08 21.91 -36.01
N ILE C 45 -35.56 22.90 -36.74
CA ILE C 45 -34.14 23.21 -36.68
C ILE C 45 -33.72 23.49 -35.24
N ALA C 46 -34.45 24.37 -34.55
CA ALA C 46 -34.13 24.69 -33.17
C ALA C 46 -34.24 23.47 -32.28
N LEU C 47 -35.27 22.65 -32.49
CA LEU C 47 -35.42 21.41 -31.72
C LEU C 47 -34.18 20.54 -31.86
N HIS C 48 -33.75 20.28 -33.10
CA HIS C 48 -32.57 19.46 -33.31
C HIS C 48 -31.33 20.11 -32.73
N SER C 49 -31.19 21.44 -32.90
CA SER C 49 -30.02 22.13 -32.37
C SER C 49 -29.96 22.03 -30.85
N SER C 50 -31.10 22.16 -30.17
CA SER C 50 -31.12 22.03 -28.73
C SER C 50 -30.70 20.64 -28.29
N GLN C 51 -31.02 19.61 -29.08
CA GLN C 51 -30.61 18.26 -28.74
C GLN C 51 -29.13 18.05 -28.98
N ILE C 52 -28.59 18.65 -30.06
CA ILE C 52 -27.15 18.62 -30.28
C ILE C 52 -26.42 19.23 -29.09
N SER C 53 -26.82 20.45 -28.71
CA SER C 53 -26.21 21.10 -27.55
C SER C 53 -26.37 20.26 -26.30
N MET C 54 -27.53 19.60 -26.15
CA MET C 54 -27.75 18.74 -25.00
C MET C 54 -26.65 17.69 -24.88
N ASP C 55 -26.42 16.94 -25.96
CA ASP C 55 -25.42 15.89 -25.95
C ASP C 55 -23.99 16.43 -26.12
N VAL C 56 -23.83 17.65 -26.63
CA VAL C 56 -22.51 18.25 -26.69
C VAL C 56 -22.03 18.62 -25.28
N ASN C 57 -22.94 19.09 -24.44
CA ASN C 57 -22.56 19.47 -23.08
C ASN C 57 -22.25 18.24 -22.24
N LYS C 58 -23.05 17.18 -22.37
CA LYS C 58 -22.74 15.94 -21.66
C LYS C 58 -21.40 15.38 -22.12
N SER C 59 -21.15 15.42 -23.44
CA SER C 59 -19.86 14.97 -23.96
C SER C 59 -18.71 15.74 -23.32
N ALA C 60 -18.85 17.07 -23.25
CA ALA C 60 -17.79 17.89 -22.66
C ALA C 60 -17.59 17.54 -21.19
N GLN C 61 -18.68 17.37 -20.44
CA GLN C 61 -18.56 16.98 -19.04
C GLN C 61 -17.76 15.70 -18.90
N LEU C 62 -18.08 14.69 -19.72
CA LEU C 62 -17.37 13.41 -19.63
C LEU C 62 -15.94 13.55 -20.11
N LEU C 63 -15.71 14.27 -21.22
CA LEU C 63 -14.36 14.54 -21.67
C LEU C 63 -13.57 15.30 -20.60
N ASP C 64 -14.24 16.19 -19.87
CA ASP C 64 -13.59 16.89 -18.77
C ASP C 64 -13.23 15.92 -17.65
N ILE C 65 -14.08 14.91 -17.42
CA ILE C 65 -13.79 13.91 -16.40
C ILE C 65 -12.59 13.05 -16.82
N LEU C 66 -12.53 12.68 -18.10
CA LEU C 66 -11.39 11.91 -18.58
C LEU C 66 -10.10 12.73 -18.47
N SER C 67 -10.19 14.03 -18.72
CA SER C 67 -9.01 14.90 -18.61
C SER C 67 -8.47 14.91 -17.19
N ARG C 68 -9.34 15.10 -16.20
CA ARG C 68 -8.89 15.24 -14.82
C ARG C 68 -8.53 13.90 -14.19
N ASN C 69 -9.12 12.81 -14.67
CA ASN C 69 -8.66 11.48 -14.29
C ASN C 69 -7.44 11.05 -15.11
N GLU C 70 -7.06 11.82 -16.13
CA GLU C 70 -5.88 11.55 -16.94
C GLU C 70 -5.96 10.15 -17.55
N TYR C 71 -7.13 9.79 -18.06
CA TYR C 71 -7.29 8.50 -18.70
C TYR C 71 -6.35 8.43 -19.91
N PRO C 72 -5.62 7.33 -20.11
CA PRO C 72 -4.63 7.29 -21.19
C PRO C 72 -5.27 7.33 -22.57
N ILE C 73 -4.51 7.86 -23.52
CA ILE C 73 -4.87 7.86 -24.94
C ILE C 73 -3.67 7.30 -25.69
N ASN C 74 -3.79 6.08 -26.18
CA ASN C 74 -2.65 5.40 -26.77
C ASN C 74 -2.23 6.05 -28.09
N LYS C 75 -1.09 5.61 -28.60
CA LYS C 75 -0.52 6.20 -29.81
C LYS C 75 -1.49 6.07 -30.99
N ASP C 76 -2.21 4.95 -31.09
CA ASP C 76 -3.11 4.75 -32.22
C ASP C 76 -4.28 5.72 -32.16
N ALA C 77 -4.85 5.94 -30.98
CA ALA C 77 -5.93 6.91 -30.86
C ALA C 77 -5.44 8.33 -31.12
N ARG C 78 -4.18 8.63 -30.79
CA ARG C 78 -3.66 9.97 -30.97
C ARG C 78 -3.46 10.31 -32.44
N GLU C 79 -3.26 9.31 -33.29
CA GLU C 79 -3.10 9.55 -34.71
C GLU C 79 -4.41 9.53 -35.48
N LEU C 80 -5.45 8.91 -34.92
CA LEU C 80 -6.78 9.06 -35.50
C LEU C 80 -7.25 10.50 -35.39
N LEU C 81 -6.94 11.17 -34.28
CA LEU C 81 -7.41 12.53 -34.06
C LEU C 81 -6.86 13.50 -35.09
N HIS C 82 -5.77 13.14 -35.80
CA HIS C 82 -5.30 13.98 -36.89
C HIS C 82 -6.25 13.94 -38.08
N SER C 83 -7.16 12.97 -38.13
CA SER C 83 -8.20 12.94 -39.15
C SER C 83 -9.30 13.96 -38.87
N ALA C 84 -9.26 14.64 -37.72
CA ALA C 84 -10.29 15.59 -37.39
C ALA C 84 -10.26 16.77 -38.37
N PRO C 85 -11.42 17.29 -38.77
CA PRO C 85 -11.42 18.44 -39.68
C PRO C 85 -10.70 19.64 -39.06
N LYS C 86 -10.13 20.48 -39.93
CA LYS C 86 -9.35 21.62 -39.45
C LYS C 86 -10.20 22.57 -38.62
N GLU C 87 -11.50 22.65 -38.91
CA GLU C 87 -12.39 23.51 -38.14
C GLU C 87 -12.43 23.12 -36.66
N ALA C 88 -11.95 21.93 -36.30
CA ALA C 88 -11.89 21.52 -34.91
C ALA C 88 -10.64 22.00 -34.20
N GLU C 89 -9.62 22.42 -34.95
CA GLU C 89 -8.39 22.95 -34.38
C GLU C 89 -7.79 22.00 -33.34
N LEU C 90 -7.59 20.75 -33.76
CA LEU C 90 -6.93 19.74 -32.95
C LEU C 90 -5.62 19.36 -33.64
N ASP C 91 -4.50 19.72 -33.01
CA ASP C 91 -3.20 19.24 -33.49
C ASP C 91 -3.27 17.73 -33.66
N GLY C 92 -3.33 16.98 -32.56
CA GLY C 92 -3.57 15.55 -32.62
C GLY C 92 -2.76 14.72 -31.65
N ASP C 93 -1.44 14.74 -31.80
CA ASP C 93 -0.53 13.92 -30.99
C ASP C 93 0.44 14.79 -30.21
N GLN C 94 1.33 15.52 -30.88
CA GLN C 94 1.96 16.70 -30.28
C GLN C 94 2.98 16.39 -29.20
N MET C 95 3.00 15.16 -28.67
CA MET C 95 3.72 14.82 -27.44
C MET C 95 2.98 15.33 -26.21
N ILE C 96 1.69 15.64 -26.37
CA ILE C 96 0.89 16.24 -25.31
C ILE C 96 0.45 15.18 -24.31
N SER C 97 0.22 15.61 -23.07
CA SER C 97 -0.25 14.70 -22.03
C SER C 97 -1.69 14.29 -22.28
N HIS C 98 -2.10 13.19 -21.63
CA HIS C 98 -3.49 12.76 -21.69
C HIS C 98 -4.40 13.87 -21.15
N ARG C 99 -4.08 14.38 -19.97
CA ARG C 99 -4.91 15.41 -19.34
C ARG C 99 -5.18 16.56 -20.30
N GLU C 100 -4.14 17.08 -20.94
CA GLU C 100 -4.30 18.24 -21.80
C GLU C 100 -4.93 17.89 -23.13
N LEU C 101 -4.77 16.65 -23.60
CA LEU C 101 -5.40 16.25 -24.86
C LEU C 101 -6.90 16.08 -24.69
N TRP C 102 -7.33 15.44 -23.60
CA TRP C 102 -8.75 15.34 -23.31
C TRP C 102 -9.39 16.72 -23.19
N ALA C 103 -8.70 17.65 -22.52
CA ALA C 103 -9.23 19.00 -22.36
C ALA C 103 -9.37 19.69 -23.72
N LYS C 104 -8.41 19.47 -24.63
CA LYS C 104 -8.51 20.04 -25.96
C LYS C 104 -9.67 19.45 -26.75
N ILE C 105 -9.99 18.18 -26.52
CA ILE C 105 -11.14 17.57 -27.17
C ILE C 105 -12.43 18.11 -26.58
N ALA C 106 -12.49 18.21 -25.25
CA ALA C 106 -13.66 18.80 -24.61
C ALA C 106 -13.90 20.22 -25.11
N ASN C 107 -12.83 20.99 -25.32
CA ASN C 107 -12.96 22.34 -25.83
C ASN C 107 -13.34 22.33 -27.31
N SER C 108 -12.77 21.40 -28.08
CA SER C 108 -13.00 21.39 -29.52
C SER C 108 -14.47 21.14 -29.84
N ILE C 109 -15.08 20.13 -29.22
CA ILE C 109 -16.45 19.79 -29.54
C ILE C 109 -17.42 20.84 -29.00
N ASN C 110 -17.10 21.45 -27.86
CA ASN C 110 -17.94 22.50 -27.31
C ASN C 110 -17.78 23.80 -28.07
N ASP C 111 -16.53 24.17 -28.42
CA ASP C 111 -16.29 25.43 -29.09
C ASP C 111 -16.81 25.41 -30.52
N ILE C 112 -16.71 24.27 -31.21
CA ILE C 112 -17.20 24.20 -32.58
C ILE C 112 -18.72 24.28 -32.62
N ASN C 113 -19.39 23.94 -31.52
CA ASN C 113 -20.85 24.08 -31.48
C ASN C 113 -21.27 25.54 -31.31
N GLU C 114 -20.57 26.27 -30.41
CA GLU C 114 -20.97 27.63 -30.09
C GLU C 114 -20.43 28.64 -31.11
N GLN C 115 -19.20 28.43 -31.59
CA GLN C 115 -18.53 29.42 -32.42
C GLN C 115 -18.62 29.13 -33.91
N TYR C 116 -19.31 28.07 -34.30
CA TYR C 116 -19.34 27.67 -35.71
C TYR C 116 -20.73 27.16 -36.11
N LEU C 117 -21.17 26.06 -35.51
CA LEU C 117 -22.43 25.45 -35.91
C LEU C 117 -23.62 26.34 -35.55
N LYS C 118 -23.65 26.85 -34.31
CA LYS C 118 -24.75 27.69 -33.87
C LYS C 118 -24.70 29.10 -34.45
N VAL C 119 -23.56 29.51 -34.99
CA VAL C 119 -23.50 30.78 -35.71
C VAL C 119 -24.24 30.68 -37.04
N TYR C 120 -23.96 29.62 -37.79
CA TYR C 120 -24.71 29.39 -39.03
C TYR C 120 -26.20 29.21 -38.76
N GLU C 121 -26.54 28.58 -37.62
CA GLU C 121 -27.93 28.37 -37.28
C GLU C 121 -28.66 29.70 -37.10
N HIS C 122 -28.09 30.60 -36.30
CA HIS C 122 -28.73 31.88 -36.06
C HIS C 122 -28.83 32.69 -37.34
N ALA C 123 -27.77 32.66 -38.16
CA ALA C 123 -27.81 33.39 -39.42
C ALA C 123 -28.93 32.90 -40.32
N VAL C 124 -29.13 31.58 -40.39
CA VAL C 124 -30.26 31.04 -41.15
C VAL C 124 -31.57 31.50 -40.53
N SER C 125 -31.66 31.48 -39.19
CA SER C 125 -32.89 31.87 -38.53
C SER C 125 -33.25 33.32 -38.83
N SER C 126 -32.25 34.21 -38.82
CA SER C 126 -32.53 35.63 -39.02
C SER C 126 -32.92 35.91 -40.46
N TYR C 127 -32.15 35.40 -41.43
CA TYR C 127 -32.46 35.66 -42.82
C TYR C 127 -33.77 34.99 -43.23
N THR C 128 -34.03 33.78 -42.70
CA THR C 128 -35.29 33.10 -42.98
C THR C 128 -36.48 33.93 -42.52
N GLN C 129 -36.42 34.45 -41.28
CA GLN C 129 -37.51 35.28 -40.79
C GLN C 129 -37.67 36.53 -41.64
N MET C 130 -36.56 37.14 -42.05
CA MET C 130 -36.63 38.31 -42.92
C MET C 130 -37.34 37.97 -44.23
N TYR C 131 -36.97 36.85 -44.84
CA TYR C 131 -37.59 36.49 -46.11
C TYR C 131 -39.04 36.06 -45.93
N GLN C 132 -39.36 35.43 -44.81
CA GLN C 132 -40.76 35.05 -44.55
C GLN C 132 -41.64 36.29 -44.44
N ASP C 133 -41.13 37.36 -43.81
CA ASP C 133 -41.91 38.58 -43.71
C ASP C 133 -42.01 39.29 -45.06
N PHE C 134 -40.96 39.22 -45.88
CA PHE C 134 -41.08 39.74 -47.24
C PHE C 134 -42.08 38.92 -48.05
N SER C 135 -42.07 37.59 -47.86
CA SER C 135 -43.02 36.74 -48.56
C SER C 135 -44.46 37.16 -48.24
N ALA C 136 -44.72 37.59 -47.00
CA ALA C 136 -46.03 38.10 -46.65
C ALA C 136 -46.35 39.37 -47.44
N VAL C 137 -45.36 40.24 -47.62
CA VAL C 137 -45.55 41.41 -48.47
C VAL C 137 -45.86 40.98 -49.90
N LEU C 138 -45.15 39.95 -50.38
CA LEU C 138 -45.37 39.46 -51.73
C LEU C 138 -46.76 38.87 -51.90
N SER C 139 -47.31 38.28 -50.83
CA SER C 139 -48.69 37.79 -50.88
C SER C 139 -49.66 38.94 -51.08
N SER C 140 -49.44 40.06 -50.40
CA SER C 140 -50.34 41.22 -50.47
C SER C 140 -50.24 41.97 -51.78
N LEU C 141 -49.37 41.55 -52.70
CA LEU C 141 -49.16 42.33 -53.93
C LEU C 141 -50.38 42.32 -54.83
N ALA C 142 -51.13 41.21 -54.84
CA ALA C 142 -52.32 41.13 -55.69
C ALA C 142 -53.35 42.16 -55.26
N GLY C 143 -53.51 42.35 -53.96
CA GLY C 143 -54.46 43.33 -53.45
C GLY C 143 -54.08 44.77 -53.73
N TRP C 144 -52.80 45.01 -54.07
CA TRP C 144 -52.32 46.34 -54.42
C TRP C 144 -52.30 46.58 -55.91
N ILE C 145 -52.89 45.67 -56.70
CA ILE C 145 -52.82 45.72 -58.15
C ILE C 145 -54.23 45.56 -58.69
N SER C 146 -54.65 46.48 -59.55
CA SER C 146 -55.98 46.45 -60.14
C SER C 146 -55.90 47.06 -61.53
N PRO C 147 -56.83 46.72 -62.41
CA PRO C 147 -56.81 47.32 -63.75
C PRO C 147 -57.09 48.81 -63.70
N GLY C 148 -56.55 49.52 -64.68
CA GLY C 148 -56.72 50.96 -64.76
C GLY C 148 -56.75 51.47 -66.19
N SER C 154 -54.18 47.08 -69.01
CA SER C 154 -53.14 47.85 -68.33
C SER C 154 -53.41 47.88 -66.83
N VAL C 155 -52.40 48.24 -66.04
CA VAL C 155 -52.38 47.95 -64.61
C VAL C 155 -52.17 49.24 -63.83
N LYS C 156 -52.84 49.33 -62.67
CA LYS C 156 -52.59 50.39 -61.69
C LYS C 156 -52.09 49.75 -60.40
N LEU C 157 -51.12 50.41 -59.76
CA LEU C 157 -50.38 49.83 -58.65
C LEU C 157 -50.35 50.79 -57.48
N GLN C 158 -50.60 50.28 -56.28
CA GLN C 158 -50.57 51.07 -55.04
C GLN C 158 -49.12 51.18 -54.59
N VAL C 159 -48.41 52.18 -55.12
CA VAL C 159 -46.98 52.31 -54.86
C VAL C 159 -46.72 52.63 -53.40
N ASN C 160 -47.41 53.65 -52.87
CA ASN C 160 -47.15 54.07 -51.49
C ASN C 160 -47.42 52.94 -50.50
N SER C 161 -48.45 52.14 -50.77
CA SER C 161 -48.77 51.03 -49.87
C SER C 161 -47.67 49.97 -49.90
N LEU C 162 -47.23 49.59 -51.09
CA LEU C 162 -46.10 48.67 -51.20
C LEU C 162 -44.84 49.30 -50.63
N LYS C 163 -44.63 50.59 -50.89
CA LYS C 163 -43.51 51.32 -50.30
C LYS C 163 -43.52 51.19 -48.79
N LYS C 164 -44.67 51.49 -48.16
CA LYS C 164 -44.76 51.48 -46.71
C LYS C 164 -44.33 50.12 -46.14
N ALA C 165 -44.78 49.04 -46.77
CA ALA C 165 -44.48 47.71 -46.23
C ALA C 165 -43.00 47.38 -46.34
N LEU C 166 -42.36 47.75 -47.46
CA LEU C 166 -40.95 47.44 -47.64
C LEU C 166 -40.09 48.28 -46.69
N GLU C 167 -40.48 49.52 -46.43
CA GLU C 167 -39.75 50.34 -45.47
C GLU C 167 -39.86 49.76 -44.07
N GLU C 168 -41.05 49.27 -43.70
CA GLU C 168 -41.23 48.65 -42.40
C GLU C 168 -40.52 47.30 -42.33
N LEU C 169 -40.35 46.64 -43.47
CA LEU C 169 -39.53 45.42 -43.51
C LEU C 169 -38.10 45.71 -43.08
N LYS C 170 -37.54 46.83 -43.57
CA LYS C 170 -36.19 47.21 -43.16
C LYS C 170 -36.13 47.54 -41.68
N GLU C 171 -37.08 48.35 -41.20
CA GLU C 171 -37.08 48.73 -39.79
C GLU C 171 -37.19 47.51 -38.89
N LYS C 172 -37.95 46.50 -39.31
CA LYS C 172 -38.17 45.32 -38.48
C LYS C 172 -36.91 44.48 -38.34
N TYR C 173 -35.90 44.69 -39.18
CA TYR C 173 -34.71 43.85 -39.18
C TYR C 173 -33.41 44.65 -39.15
N LYS C 174 -33.48 45.97 -39.01
CA LYS C 174 -32.25 46.76 -38.92
C LYS C 174 -31.48 46.47 -37.65
N ASP C 175 -32.13 45.94 -36.62
CA ASP C 175 -31.49 45.57 -35.37
C ASP C 175 -31.48 44.05 -35.15
N LYS C 176 -31.71 43.28 -36.21
CA LYS C 176 -31.69 41.82 -36.15
C LYS C 176 -30.48 41.32 -36.94
N PRO C 177 -29.30 41.28 -36.35
CA PRO C 177 -28.10 40.93 -37.13
C PRO C 177 -28.04 39.44 -37.45
N LEU C 178 -27.31 39.12 -38.52
CA LEU C 178 -27.00 37.74 -38.83
C LEU C 178 -26.07 37.13 -37.78
N TYR C 179 -25.11 37.93 -37.29
CA TYR C 179 -24.13 37.45 -36.33
C TYR C 179 -23.51 38.67 -35.67
N PRO C 180 -23.34 38.68 -34.34
CA PRO C 180 -23.71 37.64 -33.37
C PRO C 180 -25.13 37.80 -32.85
N ALA C 181 -25.65 36.75 -32.21
CA ALA C 181 -27.00 36.81 -31.64
C ALA C 181 -27.06 37.69 -30.40
N ASN C 182 -25.94 37.88 -29.71
CA ASN C 182 -25.89 38.70 -28.51
C ASN C 182 -24.61 39.52 -28.52
N ASN C 183 -24.72 40.77 -28.08
CA ASN C 183 -23.54 41.63 -27.93
C ASN C 183 -22.89 41.91 -29.28
N THR C 184 -21.60 42.26 -29.27
CA THR C 184 -20.89 42.69 -30.46
C THR C 184 -19.58 41.92 -30.57
N VAL C 185 -18.89 42.14 -31.69
CA VAL C 185 -17.56 41.59 -31.93
C VAL C 185 -16.68 42.70 -32.48
N SER C 186 -15.38 42.42 -32.55
CA SER C 186 -14.46 43.36 -33.16
C SER C 186 -14.70 43.43 -34.66
N GLN C 187 -14.24 44.54 -35.27
CA GLN C 187 -14.43 44.71 -36.71
C GLN C 187 -13.75 43.60 -37.49
N GLU C 188 -12.61 43.11 -36.99
CA GLU C 188 -11.92 42.00 -37.65
C GLU C 188 -12.78 40.74 -37.63
N GLN C 189 -13.38 40.43 -36.48
CA GLN C 189 -14.24 39.26 -36.38
C GLN C 189 -15.47 39.41 -37.26
N ALA C 190 -16.06 40.60 -37.30
CA ALA C 190 -17.24 40.82 -38.13
C ALA C 190 -16.93 40.59 -39.59
N ASN C 191 -15.84 41.20 -40.09
CA ASN C 191 -15.46 41.01 -41.48
C ASN C 191 -15.05 39.57 -41.76
N LYS C 192 -14.48 38.89 -40.76
CA LYS C 192 -14.11 37.49 -40.95
C LYS C 192 -15.36 36.64 -41.21
N TRP C 193 -16.46 36.92 -40.51
CA TRP C 193 -17.69 36.16 -40.70
C TRP C 193 -18.49 36.66 -41.89
N LEU C 194 -18.37 37.94 -42.24
CA LEU C 194 -19.02 38.42 -43.45
C LEU C 194 -18.44 37.73 -44.69
N THR C 195 -17.12 37.51 -44.69
CA THR C 195 -16.50 36.77 -45.77
C THR C 195 -16.98 35.32 -45.79
N GLU C 196 -17.08 34.70 -44.62
CA GLU C 196 -17.51 33.31 -44.54
C GLU C 196 -18.95 33.15 -45.05
N LEU C 197 -19.80 34.14 -44.79
CA LEU C 197 -21.19 34.07 -45.21
C LEU C 197 -21.40 34.55 -46.64
N GLY C 198 -20.63 35.54 -47.09
CA GLY C 198 -20.77 36.00 -48.45
C GLY C 198 -20.17 37.37 -48.71
N GLY C 199 -20.87 38.41 -48.27
CA GLY C 199 -20.48 39.78 -48.60
C GLY C 199 -21.67 40.54 -49.15
N THR C 200 -22.56 39.81 -49.82
CA THR C 200 -23.84 40.34 -50.26
C THR C 200 -25.00 39.97 -49.35
N ILE C 201 -24.85 38.89 -48.56
CA ILE C 201 -25.90 38.50 -47.64
C ILE C 201 -25.88 39.35 -46.38
N GLY C 202 -24.68 39.77 -45.94
CA GLY C 202 -24.53 40.56 -44.75
C GLY C 202 -23.81 41.87 -45.02
N LYS C 203 -23.81 42.73 -44.00
CA LYS C 203 -23.11 44.01 -44.04
C LYS C 203 -22.56 44.30 -42.65
N VAL C 204 -21.25 44.57 -42.56
CA VAL C 204 -20.65 44.91 -41.28
C VAL C 204 -21.19 46.26 -40.85
N SER C 205 -21.59 46.35 -39.58
CA SER C 205 -22.22 47.56 -39.05
C SER C 205 -21.79 47.75 -37.61
N GLN C 206 -21.65 49.01 -37.23
CA GLN C 206 -21.25 49.37 -35.87
C GLN C 206 -22.49 49.50 -35.00
N LYS C 207 -22.44 48.92 -33.80
CA LYS C 207 -23.57 48.98 -32.88
C LYS C 207 -23.34 50.07 -31.83
N ASN C 208 -22.52 49.77 -30.81
CA ASN C 208 -22.20 50.73 -29.74
C ASN C 208 -20.70 50.58 -29.45
N GLY C 209 -19.87 51.12 -30.35
CA GLY C 209 -18.45 50.91 -30.27
C GLY C 209 -17.99 49.53 -30.69
N GLY C 210 -18.91 48.59 -30.91
CA GLY C 210 -18.59 47.29 -31.44
C GLY C 210 -19.05 47.13 -32.88
N TYR C 211 -19.13 45.88 -33.32
CA TYR C 211 -19.49 45.60 -34.70
C TYR C 211 -20.32 44.33 -34.76
N VAL C 212 -21.17 44.25 -35.79
CA VAL C 212 -21.98 43.08 -36.07
C VAL C 212 -22.01 42.86 -37.58
N VAL C 213 -22.62 41.76 -37.99
CA VAL C 213 -22.90 41.50 -39.39
C VAL C 213 -24.41 41.60 -39.60
N SER C 214 -24.88 42.78 -39.97
CA SER C 214 -26.31 42.98 -40.19
C SER C 214 -26.77 42.24 -41.44
N ILE C 215 -28.09 42.07 -41.53
CA ILE C 215 -28.69 41.56 -42.75
C ILE C 215 -28.55 42.62 -43.83
N ASN C 216 -27.96 42.24 -44.96
CA ASN C 216 -27.86 43.15 -46.10
C ASN C 216 -29.23 43.24 -46.76
N MET C 217 -29.85 44.42 -46.71
CA MET C 217 -31.16 44.66 -47.30
C MET C 217 -31.06 45.39 -48.63
N THR C 218 -29.93 45.31 -49.31
CA THR C 218 -29.80 45.93 -50.63
C THR C 218 -30.90 45.51 -51.59
N PRO C 219 -31.37 44.25 -51.62
CA PRO C 219 -32.49 43.92 -52.50
C PRO C 219 -33.74 44.73 -52.21
N ILE C 220 -34.02 45.01 -50.93
CA ILE C 220 -35.18 45.82 -50.59
C ILE C 220 -34.93 47.27 -50.98
N ASP C 221 -33.72 47.78 -50.75
CA ASP C 221 -33.40 49.15 -51.15
C ASP C 221 -33.56 49.33 -52.65
N ASN C 222 -33.23 48.31 -53.44
CA ASN C 222 -33.42 48.40 -54.88
C ASN C 222 -34.89 48.43 -55.24
N MET C 223 -35.71 47.58 -54.62
CA MET C 223 -37.15 47.60 -54.86
C MET C 223 -37.72 48.98 -54.61
N LEU C 224 -37.23 49.67 -53.56
CA LEU C 224 -37.71 51.00 -53.26
C LEU C 224 -37.25 52.01 -54.31
N LYS C 225 -36.01 51.89 -54.77
CA LYS C 225 -35.52 52.73 -55.86
C LYS C 225 -36.37 52.55 -57.11
N SER C 226 -36.64 51.30 -57.48
CA SER C 226 -37.43 51.03 -58.68
C SER C 226 -38.86 51.55 -58.54
N LEU C 227 -39.39 51.57 -57.31
CA LEU C 227 -40.73 52.11 -57.10
C LEU C 227 -40.74 53.63 -57.16
N ASP C 228 -39.75 54.28 -56.57
CA ASP C 228 -39.65 55.74 -56.67
C ASP C 228 -39.62 56.19 -58.12
N ASN C 229 -39.04 55.39 -59.01
CA ASN C 229 -38.90 55.76 -60.41
C ASN C 229 -40.20 55.64 -61.20
N LEU C 230 -41.24 55.02 -60.65
CA LEU C 230 -42.43 54.73 -61.44
C LEU C 230 -43.22 56.01 -61.75
N GLY C 231 -43.37 56.89 -60.78
CA GLY C 231 -43.98 58.18 -61.04
C GLY C 231 -44.92 58.60 -59.93
N GLY C 232 -45.67 59.66 -60.22
CA GLY C 232 -46.52 60.33 -59.24
C GLY C 232 -47.33 59.41 -58.35
N ASN C 233 -47.11 59.52 -57.05
CA ASN C 233 -47.77 58.72 -56.03
C ASN C 233 -49.00 59.46 -55.51
N GLY C 234 -49.87 58.77 -54.77
CA GLY C 234 -49.73 57.40 -54.31
C GLY C 234 -49.79 56.28 -55.34
N GLU C 235 -50.73 56.40 -56.28
CA GLU C 235 -50.94 55.36 -57.28
C GLU C 235 -50.14 55.67 -58.55
N VAL C 236 -49.96 54.64 -59.37
CA VAL C 236 -49.39 54.80 -60.70
C VAL C 236 -50.15 53.87 -61.64
N VAL C 237 -50.35 54.33 -62.88
CA VAL C 237 -50.97 53.52 -63.93
C VAL C 237 -49.90 53.23 -64.96
N LEU C 238 -49.66 51.95 -65.23
CA LEU C 238 -48.64 51.51 -66.17
C LEU C 238 -49.30 50.76 -67.32
N ASP C 239 -48.83 51.04 -68.54
CA ASP C 239 -49.19 50.19 -69.65
C ASP C 239 -48.64 48.78 -69.39
N ASN C 240 -49.26 47.79 -70.04
CA ASN C 240 -48.94 46.40 -69.73
C ASN C 240 -47.44 46.15 -69.82
N ALA C 241 -46.78 46.72 -70.83
CA ALA C 241 -45.35 46.47 -71.00
C ALA C 241 -44.55 47.07 -69.87
N LYS C 242 -44.90 48.28 -69.41
CA LYS C 242 -44.18 48.89 -68.30
C LYS C 242 -44.37 48.11 -67.02
N TYR C 243 -45.58 47.60 -66.77
CA TYR C 243 -45.82 46.79 -65.58
C TYR C 243 -44.99 45.52 -65.62
N GLN C 244 -45.02 44.81 -66.75
CA GLN C 244 -44.22 43.60 -66.88
C GLN C 244 -42.74 43.88 -66.63
N ALA C 245 -42.26 45.04 -67.07
CA ALA C 245 -40.86 45.39 -66.84
C ALA C 245 -40.58 45.62 -65.36
N TRP C 246 -41.49 46.29 -64.65
CA TRP C 246 -41.28 46.50 -63.23
C TRP C 246 -41.35 45.18 -62.47
N ASN C 247 -42.34 44.33 -62.78
CA ASN C 247 -42.48 43.07 -62.07
C ASN C 247 -41.30 42.14 -62.34
N ALA C 248 -40.71 42.23 -63.54
CA ALA C 248 -39.51 41.45 -63.83
C ALA C 248 -38.37 41.85 -62.90
N GLY C 249 -38.13 43.15 -62.76
CA GLY C 249 -37.10 43.61 -61.85
C GLY C 249 -37.43 43.30 -60.40
N PHE C 250 -38.70 43.48 -60.02
CA PHE C 250 -39.11 43.17 -58.65
C PHE C 250 -38.90 41.71 -58.33
N SER C 251 -39.17 40.82 -59.29
CA SER C 251 -38.96 39.39 -59.06
C SER C 251 -37.47 39.04 -59.08
N ALA C 252 -36.66 39.79 -59.81
CA ALA C 252 -35.22 39.53 -59.80
C ALA C 252 -34.63 39.80 -58.42
N GLU C 253 -35.12 40.83 -57.73
CA GLU C 253 -34.64 41.11 -56.38
C GLU C 253 -35.16 40.07 -55.40
N ASP C 254 -36.37 39.54 -55.61
CA ASP C 254 -36.85 38.44 -54.81
C ASP C 254 -35.95 37.22 -54.98
N GLU C 255 -35.56 36.91 -56.22
CA GLU C 255 -34.69 35.78 -56.47
C GLU C 255 -33.34 35.96 -55.78
N THR C 256 -32.81 37.18 -55.76
CA THR C 256 -31.56 37.44 -55.06
C THR C 256 -31.66 37.00 -53.60
N MET C 257 -32.80 37.27 -52.95
CA MET C 257 -32.95 36.89 -51.55
C MET C 257 -33.16 35.38 -51.42
N LYS C 258 -33.85 34.78 -52.39
CA LYS C 258 -34.02 33.32 -52.38
C LYS C 258 -32.67 32.62 -52.51
N ASN C 259 -31.84 33.08 -53.46
CA ASN C 259 -30.51 32.52 -53.61
C ASN C 259 -29.70 32.68 -52.33
N ASN C 260 -29.69 33.88 -51.75
CA ASN C 260 -28.96 34.11 -50.52
C ASN C 260 -29.39 33.14 -49.43
N LEU C 261 -30.70 32.94 -49.27
CA LEU C 261 -31.19 32.04 -48.22
C LEU C 261 -30.77 30.60 -48.51
N GLN C 262 -30.92 30.15 -49.75
CA GLN C 262 -30.51 28.78 -50.08
C GLN C 262 -29.01 28.60 -49.86
N THR C 263 -28.21 29.59 -50.22
CA THR C 263 -26.78 29.57 -49.91
C THR C 263 -26.56 29.41 -48.42
N LEU C 264 -27.19 30.28 -47.63
CA LEU C 264 -27.03 30.24 -46.18
C LEU C 264 -27.38 28.87 -45.62
N VAL C 265 -28.45 28.25 -46.13
CA VAL C 265 -28.84 26.93 -45.67
C VAL C 265 -27.79 25.90 -46.04
N GLN C 266 -27.20 26.02 -47.23
CA GLN C 266 -26.19 25.06 -47.66
C GLN C 266 -24.94 25.14 -46.79
N LYS C 267 -24.47 26.35 -46.49
CA LYS C 267 -23.31 26.51 -45.62
C LYS C 267 -23.59 25.97 -44.22
N TYR C 268 -24.83 26.11 -43.74
CA TYR C 268 -25.18 25.55 -42.45
C TYR C 268 -25.23 24.03 -42.50
N SER C 269 -25.60 23.46 -43.65
CA SER C 269 -25.60 22.01 -43.81
C SER C 269 -24.19 21.47 -43.90
N ASN C 270 -23.31 22.16 -44.63
CA ASN C 270 -21.92 21.74 -44.71
C ASN C 270 -21.22 21.88 -43.36
N ALA C 271 -21.58 22.89 -42.57
CA ALA C 271 -21.01 23.03 -41.24
C ALA C 271 -21.42 21.86 -40.35
N ASN C 272 -22.65 21.38 -40.49
CA ASN C 272 -23.11 20.25 -39.68
C ASN C 272 -22.40 18.96 -40.07
N SER C 273 -21.99 18.83 -41.34
CA SER C 273 -21.25 17.64 -41.76
C SER C 273 -19.81 17.69 -41.27
N ILE C 274 -19.17 18.85 -41.36
CA ILE C 274 -17.85 19.03 -40.75
C ILE C 274 -17.92 18.69 -39.27
N PHE C 275 -18.95 19.19 -38.58
CA PHE C 275 -19.17 18.83 -37.19
C PHE C 275 -19.37 17.33 -37.04
N ASP C 276 -20.11 16.72 -37.97
CA ASP C 276 -20.32 15.28 -37.92
C ASP C 276 -19.02 14.51 -38.18
N ASN C 277 -18.14 15.07 -39.01
CA ASN C 277 -16.84 14.43 -39.24
C ASN C 277 -16.05 14.32 -37.94
N LEU C 278 -16.00 15.42 -37.17
CA LEU C 278 -15.29 15.41 -35.90
C LEU C 278 -15.87 14.35 -34.95
N VAL C 279 -17.19 14.35 -34.79
CA VAL C 279 -17.82 13.39 -33.89
C VAL C 279 -17.51 11.97 -34.35
N LYS C 280 -17.52 11.74 -35.67
CA LYS C 280 -17.15 10.42 -36.19
C LYS C 280 -15.74 10.06 -35.79
N VAL C 281 -14.78 10.97 -36.02
CA VAL C 281 -13.39 10.71 -35.66
C VAL C 281 -13.26 10.46 -34.16
N LEU C 282 -13.86 11.32 -33.35
CA LEU C 282 -13.76 11.18 -31.90
C LEU C 282 -14.29 9.82 -31.45
N SER C 283 -15.41 9.38 -32.02
CA SER C 283 -15.99 8.11 -31.61
C SER C 283 -15.05 6.94 -31.93
N SER C 284 -14.32 7.03 -33.04
CA SER C 284 -13.45 5.94 -33.45
C SER C 284 -12.22 5.84 -32.54
N THR C 285 -11.79 6.95 -31.93
CA THR C 285 -10.70 6.88 -30.97
C THR C 285 -11.12 6.19 -29.69
N ILE C 286 -12.42 6.13 -29.41
CA ILE C 286 -12.96 5.37 -28.28
C ILE C 286 -13.20 3.95 -28.76
N SER C 287 -12.17 3.30 -29.29
CA SER C 287 -12.27 1.95 -29.80
C SER C 287 -10.88 1.34 -29.94
N GLN D 4 -5.71 47.32 -27.10
CA GLN D 4 -6.19 46.27 -28.06
C GLN D 4 -6.45 44.95 -27.34
N VAL D 5 -6.55 44.99 -26.01
CA VAL D 5 -6.86 43.79 -25.24
C VAL D 5 -8.30 43.37 -25.50
N GLN D 6 -8.50 42.07 -25.68
CA GLN D 6 -9.82 41.54 -25.97
C GLN D 6 -10.03 40.23 -25.21
N LEU D 7 -11.25 40.04 -24.71
CA LEU D 7 -11.64 38.84 -23.98
C LEU D 7 -13.04 38.46 -24.45
N ALA D 8 -13.13 37.51 -25.38
CA ALA D 8 -14.40 37.13 -25.97
C ALA D 8 -14.94 35.91 -25.26
N GLU D 9 -16.09 36.06 -24.59
CA GLU D 9 -16.74 34.95 -23.92
C GLU D 9 -17.74 34.29 -24.86
N THR D 10 -17.82 32.96 -24.79
CA THR D 10 -18.76 32.19 -25.58
C THR D 10 -19.30 31.05 -24.73
N GLY D 11 -20.40 30.45 -25.20
CA GLY D 11 -21.10 29.46 -24.42
C GLY D 11 -22.08 30.11 -23.46
N GLY D 12 -22.74 29.27 -22.69
CA GLY D 12 -23.75 29.74 -21.76
C GLY D 12 -25.15 29.59 -22.31
N GLY D 13 -26.06 30.45 -21.86
CA GLY D 13 -27.45 30.37 -22.29
C GLY D 13 -28.32 29.69 -21.26
N LEU D 14 -29.36 28.98 -21.72
CA LEU D 14 -30.28 28.32 -20.81
C LEU D 14 -29.81 26.91 -20.50
N ALA D 15 -30.01 26.50 -19.25
CA ALA D 15 -29.68 25.16 -18.81
C ALA D 15 -30.71 24.71 -17.78
N GLN D 16 -30.91 23.41 -17.70
CA GLN D 16 -31.83 22.91 -16.69
C GLN D 16 -31.08 22.50 -15.43
N PRO D 17 -31.72 22.60 -14.26
CA PRO D 17 -31.06 22.16 -13.02
C PRO D 17 -30.47 20.77 -13.18
N GLY D 18 -29.21 20.63 -12.78
CA GLY D 18 -28.49 19.39 -12.95
C GLY D 18 -27.73 19.27 -14.25
N GLY D 19 -27.81 20.28 -15.12
CA GLY D 19 -27.14 20.23 -16.41
C GLY D 19 -25.71 20.75 -16.33
N SER D 20 -25.04 20.73 -17.48
CA SER D 20 -23.65 21.14 -17.58
C SER D 20 -23.49 22.18 -18.68
N LEU D 21 -22.55 23.09 -18.47
CA LEU D 21 -22.15 24.07 -19.46
C LEU D 21 -20.66 24.32 -19.35
N ARG D 22 -19.99 24.44 -20.49
CA ARG D 22 -18.57 24.74 -20.55
C ARG D 22 -18.42 26.12 -21.18
N LEU D 23 -18.12 27.11 -20.36
CA LEU D 23 -17.92 28.47 -20.84
C LEU D 23 -16.50 28.64 -21.37
N SER D 24 -16.35 29.48 -22.38
CA SER D 24 -15.07 29.76 -23.01
C SER D 24 -14.75 31.24 -22.95
N CYS D 25 -13.47 31.56 -22.78
CA CYS D 25 -12.99 32.94 -22.79
C CYS D 25 -11.72 32.97 -23.63
N ALA D 26 -11.76 33.66 -24.76
CA ALA D 26 -10.64 33.74 -25.68
C ALA D 26 -9.93 35.07 -25.50
N ALA D 27 -8.61 35.02 -25.28
CA ALA D 27 -7.81 36.21 -25.01
C ALA D 27 -6.96 36.56 -26.21
N SER D 28 -6.76 37.87 -26.40
CA SER D 28 -5.87 38.37 -27.45
C SER D 28 -5.51 39.81 -27.10
N GLY D 29 -4.32 40.22 -27.55
CA GLY D 29 -3.84 41.56 -27.32
C GLY D 29 -2.81 41.71 -26.23
N PHE D 30 -2.32 40.62 -25.66
CA PHE D 30 -1.30 40.69 -24.63
C PHE D 30 -0.61 39.33 -24.55
N THR D 31 0.52 39.31 -23.84
CA THR D 31 1.27 38.07 -23.62
C THR D 31 0.50 37.23 -22.61
N PHE D 32 -0.08 36.11 -23.08
CA PHE D 32 -0.97 35.32 -22.24
C PHE D 32 -0.29 34.86 -20.95
N SER D 33 1.01 34.56 -21.01
CA SER D 33 1.70 34.02 -19.85
C SER D 33 1.95 35.06 -18.75
N ARG D 34 1.70 36.34 -19.03
CA ARG D 34 1.82 37.39 -18.02
C ARG D 34 0.49 37.70 -17.34
N ALA D 35 -0.51 36.83 -17.50
CA ALA D 35 -1.86 37.13 -17.05
C ALA D 35 -2.41 35.99 -16.22
N VAL D 36 -3.02 36.34 -15.09
CA VAL D 36 -3.87 35.43 -14.33
C VAL D 36 -5.30 35.61 -14.83
N MET D 37 -5.94 34.52 -15.24
CA MET D 37 -7.26 34.57 -15.83
C MET D 37 -8.31 34.20 -14.79
N ASN D 38 -9.37 35.00 -14.73
CA ASN D 38 -10.43 34.84 -13.73
C ASN D 38 -11.79 34.68 -14.41
N TRP D 39 -12.71 34.06 -13.69
CA TRP D 39 -14.12 34.08 -14.04
C TRP D 39 -14.89 34.69 -12.87
N TYR D 40 -15.64 35.75 -13.14
CA TYR D 40 -16.54 36.36 -12.19
C TYR D 40 -17.98 36.14 -12.63
N ARG D 41 -18.90 36.42 -11.72
CA ARG D 41 -20.32 36.37 -12.05
C ARG D 41 -21.06 37.39 -11.20
N GLN D 42 -22.23 37.80 -11.69
CA GLN D 42 -23.06 38.79 -11.00
C GLN D 42 -24.51 38.32 -11.09
N ALA D 43 -25.02 37.81 -9.97
CA ALA D 43 -26.41 37.38 -9.91
C ALA D 43 -27.33 38.60 -9.81
N PRO D 44 -28.59 38.47 -10.24
CA PRO D 44 -29.50 39.63 -10.19
C PRO D 44 -29.67 40.15 -8.76
N GLY D 45 -29.48 41.45 -8.60
CA GLY D 45 -29.61 42.08 -7.30
C GLY D 45 -28.51 41.75 -6.32
N LYS D 46 -27.40 41.20 -6.78
CA LYS D 46 -26.29 40.82 -5.92
C LYS D 46 -24.99 41.40 -6.47
N GLU D 47 -23.99 41.51 -5.59
CA GLU D 47 -22.71 42.06 -6.01
C GLU D 47 -21.93 41.05 -6.85
N ARG D 48 -20.94 41.58 -7.57
CA ARG D 48 -20.10 40.73 -8.41
C ARG D 48 -19.15 39.91 -7.53
N GLU D 49 -19.05 38.61 -7.83
CA GLU D 49 -18.27 37.70 -7.00
C GLU D 49 -17.34 36.87 -7.88
N LEU D 50 -16.24 36.42 -7.27
CA LEU D 50 -15.23 35.63 -7.96
C LEU D 50 -15.66 34.17 -7.99
N VAL D 51 -15.53 33.54 -9.15
CA VAL D 51 -15.88 32.13 -9.32
C VAL D 51 -14.61 31.30 -9.32
N ALA D 52 -13.74 31.54 -10.31
CA ALA D 52 -12.55 30.72 -10.49
C ALA D 52 -11.37 31.63 -10.85
N ARG D 53 -10.18 31.04 -10.82
CA ARG D 53 -8.95 31.77 -11.03
C ARG D 53 -7.85 30.75 -11.29
N ILE D 54 -7.08 30.96 -12.36
CA ILE D 54 -6.05 30.00 -12.75
C ILE D 54 -4.89 30.73 -13.42
N TYR D 55 -3.67 30.30 -13.10
CA TYR D 55 -2.49 30.71 -13.86
C TYR D 55 -1.79 29.49 -14.44
N ASP D 56 -1.24 28.60 -13.60
CA ASP D 56 -0.53 27.43 -14.08
C ASP D 56 -1.51 26.48 -14.75
N ALA D 57 -1.41 26.34 -16.07
CA ALA D 57 -2.33 25.47 -16.81
C ALA D 57 -2.20 24.02 -16.36
N GLY D 58 -1.06 23.63 -15.80
CA GLY D 58 -0.89 22.28 -15.31
C GLY D 58 -1.60 21.99 -14.01
N GLY D 59 -2.12 23.01 -13.33
CA GLY D 59 -2.84 22.84 -12.09
C GLY D 59 -4.35 22.94 -12.28
N ASN D 60 -5.05 23.00 -11.16
CA ASN D 60 -6.50 23.11 -11.13
C ASN D 60 -6.97 24.52 -10.78
N GLY D 61 -6.06 25.48 -10.73
CA GLY D 61 -6.45 26.82 -10.32
C GLY D 61 -7.11 26.82 -8.96
N SER D 62 -7.87 27.89 -8.70
CA SER D 62 -8.57 28.07 -7.44
C SER D 62 -10.04 28.29 -7.72
N ILE D 63 -10.90 27.57 -7.00
CA ILE D 63 -12.34 27.65 -7.15
C ILE D 63 -12.93 28.31 -5.92
N ALA D 64 -14.00 29.08 -6.12
CA ALA D 64 -14.67 29.74 -5.01
C ALA D 64 -15.57 28.75 -4.27
N ASP D 65 -15.80 29.02 -2.99
CA ASP D 65 -16.58 28.11 -2.16
C ASP D 65 -18.00 27.90 -2.66
N PRO D 66 -18.71 28.91 -3.16
CA PRO D 66 -20.11 28.69 -3.59
C PRO D 66 -20.26 27.67 -4.71
N VAL D 67 -19.17 27.21 -5.33
CA VAL D 67 -19.27 26.32 -6.48
C VAL D 67 -18.23 25.19 -6.39
N LYS D 68 -17.61 25.05 -5.21
CA LYS D 68 -16.60 24.01 -5.04
C LYS D 68 -17.22 22.63 -5.27
N GLY D 69 -16.48 21.77 -5.96
CA GLY D 69 -16.96 20.44 -6.29
C GLY D 69 -17.88 20.38 -7.49
N ARG D 70 -18.46 21.50 -7.92
CA ARG D 70 -19.33 21.54 -9.07
C ARG D 70 -18.70 22.23 -10.29
N PHE D 71 -17.86 23.23 -10.08
CA PHE D 71 -17.20 23.94 -11.16
C PHE D 71 -15.71 23.65 -11.15
N THR D 72 -15.13 23.61 -12.35
CA THR D 72 -13.69 23.51 -12.51
C THR D 72 -13.25 24.48 -13.60
N ILE D 73 -11.97 24.77 -13.64
CA ILE D 73 -11.40 25.72 -14.58
C ILE D 73 -10.15 25.12 -15.19
N SER D 74 -10.03 25.18 -16.52
CA SER D 74 -8.86 24.70 -17.24
C SER D 74 -8.32 25.84 -18.09
N ARG D 75 -7.17 25.59 -18.71
CA ARG D 75 -6.46 26.63 -19.43
C ARG D 75 -5.64 26.02 -20.55
N ASP D 76 -5.74 26.61 -21.74
CA ASP D 76 -4.96 26.19 -22.91
C ASP D 76 -4.05 27.35 -23.28
N ASN D 77 -2.75 27.19 -23.03
CA ASN D 77 -1.81 28.28 -23.25
C ASN D 77 -1.46 28.47 -24.72
N ALA D 78 -1.68 27.47 -25.57
CA ALA D 78 -1.42 27.63 -26.99
C ALA D 78 -2.55 28.42 -27.66
N LYS D 79 -3.80 28.17 -27.28
CA LYS D 79 -4.93 28.89 -27.83
C LYS D 79 -5.28 30.14 -27.05
N ASN D 80 -4.64 30.38 -25.91
CA ASN D 80 -4.92 31.56 -25.09
C ASN D 80 -6.39 31.58 -24.65
N THR D 81 -6.84 30.47 -24.07
CA THR D 81 -8.21 30.33 -23.62
C THR D 81 -8.25 29.77 -22.21
N VAL D 82 -9.37 30.03 -21.54
CA VAL D 82 -9.71 29.37 -20.28
C VAL D 82 -11.15 28.91 -20.39
N HIS D 83 -11.42 27.71 -19.89
CA HIS D 83 -12.76 27.14 -19.91
C HIS D 83 -13.23 26.88 -18.49
N LEU D 84 -14.49 27.24 -18.23
CA LEU D 84 -15.12 27.02 -16.92
C LEU D 84 -16.16 25.92 -17.09
N GLN D 85 -15.80 24.70 -16.68
CA GLN D 85 -16.71 23.57 -16.73
C GLN D 85 -17.69 23.67 -15.56
N MET D 86 -18.95 23.93 -15.86
CA MET D 86 -19.98 24.13 -14.86
C MET D 86 -20.87 22.88 -14.82
N ASN D 87 -20.72 22.07 -13.78
CA ASN D 87 -21.45 20.83 -13.64
C ASN D 87 -22.52 20.94 -12.55
N SER D 88 -23.51 20.05 -12.62
CA SER D 88 -24.60 19.99 -11.66
C SER D 88 -25.11 21.39 -11.33
N LEU D 89 -25.69 22.06 -12.32
CA LEU D 89 -26.13 23.44 -12.15
C LEU D 89 -27.40 23.52 -11.32
N LYS D 90 -27.55 24.63 -10.60
CA LYS D 90 -28.73 24.91 -9.80
C LYS D 90 -29.18 26.34 -10.08
N PRO D 91 -30.46 26.65 -9.83
CA PRO D 91 -30.96 28.00 -10.15
C PRO D 91 -30.14 29.14 -9.57
N GLU D 92 -29.49 28.93 -8.42
CA GLU D 92 -28.67 29.98 -7.84
C GLU D 92 -27.51 30.38 -8.75
N ASP D 93 -27.15 29.52 -9.71
CA ASP D 93 -26.05 29.81 -10.62
C ASP D 93 -26.44 30.76 -11.75
N THR D 94 -27.70 31.18 -11.81
CA THR D 94 -28.11 32.18 -12.79
C THR D 94 -27.35 33.48 -12.53
N ALA D 95 -26.64 33.97 -13.55
CA ALA D 95 -25.84 35.18 -13.39
C ALA D 95 -25.24 35.55 -14.74
N MET D 96 -24.64 36.73 -14.79
CA MET D 96 -23.85 37.18 -15.93
C MET D 96 -22.39 36.82 -15.66
N TYR D 97 -21.87 35.85 -16.39
CA TYR D 97 -20.51 35.37 -16.18
C TYR D 97 -19.54 36.17 -17.04
N VAL D 98 -18.53 36.74 -16.40
CA VAL D 98 -17.53 37.57 -17.06
C VAL D 98 -16.15 37.01 -16.74
N CYS D 99 -15.29 36.94 -17.75
CA CYS D 99 -13.90 36.57 -17.54
C CYS D 99 -13.04 37.83 -17.48
N ASN D 100 -11.96 37.73 -16.71
CA ASN D 100 -11.13 38.87 -16.38
C ASN D 100 -9.67 38.47 -16.42
N ALA D 101 -8.82 39.37 -16.90
CA ALA D 101 -7.39 39.14 -16.99
C ALA D 101 -6.65 40.05 -16.03
N GLY D 102 -5.72 39.48 -15.27
CA GLY D 102 -4.84 40.27 -14.43
C GLY D 102 -3.43 40.21 -14.96
N ILE D 103 -3.02 41.26 -15.69
CA ILE D 103 -1.83 41.23 -16.52
C ILE D 103 -0.70 41.95 -15.79
N PHE D 104 0.42 41.24 -15.59
CA PHE D 104 1.62 41.80 -14.97
C PHE D 104 2.67 41.97 -16.07
N ASP D 105 2.80 43.20 -16.59
CA ASP D 105 3.76 43.48 -17.64
C ASP D 105 4.71 44.54 -17.09
N GLY D 106 4.62 45.79 -17.54
CA GLY D 106 5.38 46.86 -16.92
C GLY D 106 4.68 47.35 -15.66
N ASN D 107 3.36 47.47 -15.74
CA ASN D 107 2.50 47.74 -14.61
C ASN D 107 1.40 46.69 -14.56
N TYR D 108 0.60 46.73 -13.50
CA TYR D 108 -0.56 45.85 -13.41
C TYR D 108 -1.75 46.51 -14.08
N ARG D 109 -2.38 45.79 -15.01
CA ARG D 109 -3.60 46.24 -15.67
C ARG D 109 -4.58 45.08 -15.69
N THR D 110 -5.86 45.40 -15.54
CA THR D 110 -6.91 44.40 -15.57
C THR D 110 -7.95 44.78 -16.61
N TYR D 111 -8.53 43.78 -17.26
CA TYR D 111 -9.49 43.99 -18.32
C TYR D 111 -10.66 43.03 -18.15
N TRP D 112 -11.84 43.49 -18.52
CA TRP D 112 -13.08 42.74 -18.35
C TRP D 112 -13.72 42.48 -19.70
N GLY D 113 -14.42 41.36 -19.80
CA GLY D 113 -15.19 41.03 -20.99
C GLY D 113 -16.62 41.55 -20.91
N GLN D 114 -17.35 41.34 -22.00
CA GLN D 114 -18.74 41.79 -22.05
C GLN D 114 -19.66 40.89 -21.23
N GLY D 115 -19.25 39.66 -20.96
CA GLY D 115 -20.06 38.75 -20.18
C GLY D 115 -20.95 37.88 -21.05
N THR D 116 -21.27 36.70 -20.52
CA THR D 116 -22.20 35.78 -21.17
C THR D 116 -23.24 35.35 -20.14
N GLN D 117 -24.51 35.45 -20.50
CA GLN D 117 -25.59 35.20 -19.56
C GLN D 117 -25.83 33.70 -19.40
N VAL D 118 -25.92 33.26 -18.15
CA VAL D 118 -26.28 31.88 -17.81
C VAL D 118 -27.57 31.91 -17.00
N THR D 119 -28.54 31.12 -17.41
CA THR D 119 -29.83 31.02 -16.72
C THR D 119 -30.17 29.55 -16.53
N VAL D 120 -30.42 29.17 -15.28
CA VAL D 120 -30.75 27.78 -14.93
C VAL D 120 -32.21 27.74 -14.52
N SER D 121 -33.01 26.98 -15.28
CA SER D 121 -34.43 26.82 -14.96
C SER D 121 -34.98 25.53 -15.55
N SER E 9 42.49 14.69 -30.26
CA SER E 9 42.87 14.22 -28.93
C SER E 9 41.82 14.61 -27.90
N SER E 10 41.19 13.60 -27.29
CA SER E 10 40.13 13.86 -26.33
C SER E 10 40.58 14.82 -25.23
N LEU E 11 41.85 14.73 -24.82
CA LEU E 11 42.34 15.58 -23.75
C LEU E 11 42.28 17.05 -24.13
N THR E 12 42.65 17.38 -25.37
CA THR E 12 42.69 18.78 -25.77
C THR E 12 41.30 19.35 -25.98
N MET E 13 40.38 18.55 -26.52
CA MET E 13 38.98 18.97 -26.55
C MET E 13 38.46 19.25 -25.15
N LEU E 14 38.88 18.43 -24.18
CA LEU E 14 38.42 18.59 -22.82
C LEU E 14 38.93 19.89 -22.21
N ASN E 15 40.22 20.20 -22.41
CA ASN E 15 40.75 21.45 -21.89
C ASN E 15 40.13 22.66 -22.57
N ASP E 16 39.73 22.50 -23.84
CA ASP E 16 39.06 23.60 -24.54
C ASP E 16 37.69 23.90 -23.92
N THR E 17 36.84 22.87 -23.80
CA THR E 17 35.52 23.10 -23.26
C THR E 17 35.57 23.55 -21.80
N LEU E 18 36.50 22.99 -21.02
CA LEU E 18 36.68 23.47 -19.66
C LEU E 18 37.03 24.95 -19.65
N HIS E 19 37.86 25.40 -20.59
CA HIS E 19 38.15 26.82 -20.71
C HIS E 19 36.91 27.60 -21.09
N ASN E 20 36.16 27.11 -22.07
CA ASN E 20 34.94 27.79 -22.48
C ASN E 20 33.97 27.96 -21.32
N ILE E 21 33.95 26.99 -20.40
CA ILE E 21 33.09 27.11 -19.22
C ILE E 21 33.55 28.28 -18.36
N ARG E 22 34.86 28.34 -18.08
CA ARG E 22 35.38 29.42 -17.24
C ARG E 22 35.13 30.78 -17.88
N THR E 23 35.16 30.86 -19.21
CA THR E 23 34.82 32.11 -19.88
C THR E 23 33.36 32.48 -19.63
N THR E 24 32.46 31.50 -19.74
CA THR E 24 31.05 31.77 -19.49
C THR E 24 30.81 32.20 -18.05
N ASN E 25 31.50 31.55 -17.10
CA ASN E 25 31.34 31.94 -15.70
C ASN E 25 31.63 33.41 -15.49
N GLN E 26 32.69 33.92 -16.14
CA GLN E 26 33.00 35.35 -16.04
C GLN E 26 31.82 36.20 -16.49
N ALA E 27 31.18 35.84 -17.60
CA ALA E 27 30.04 36.61 -18.08
C ALA E 27 28.86 36.50 -17.12
N LEU E 28 28.64 35.32 -16.54
CA LEU E 28 27.57 35.16 -15.56
C LEU E 28 27.87 35.95 -14.30
N LYS E 29 29.13 35.92 -13.83
CA LYS E 29 29.53 36.77 -12.72
C LYS E 29 29.24 38.24 -13.02
N LYS E 30 29.53 38.67 -14.24
CA LYS E 30 29.29 40.07 -14.61
C LYS E 30 27.81 40.41 -14.52
N GLU E 31 26.94 39.52 -15.03
CA GLU E 31 25.51 39.80 -15.00
C GLU E 31 24.98 39.84 -13.57
N LEU E 32 25.51 39.00 -12.69
CA LEU E 32 25.03 38.94 -11.31
C LEU E 32 25.52 40.10 -10.46
N SER E 33 26.52 40.85 -10.92
CA SER E 33 27.04 41.99 -10.16
C SER E 33 26.27 43.28 -10.40
N GLN E 34 25.25 43.25 -11.27
CA GLN E 34 24.31 44.36 -11.37
C GLN E 34 23.32 44.27 -10.22
N LYS E 35 22.95 45.41 -9.65
CA LYS E 35 22.08 45.42 -8.49
C LYS E 35 20.60 45.43 -8.85
N THR E 36 20.25 45.55 -10.12
CA THR E 36 18.86 45.47 -10.56
C THR E 36 18.78 44.44 -11.68
N LEU E 37 18.10 43.33 -11.40
CA LEU E 37 17.93 42.25 -12.38
C LEU E 37 16.67 42.54 -13.18
N THR E 38 16.83 42.99 -14.42
CA THR E 38 15.73 43.30 -15.30
C THR E 38 15.29 42.05 -16.04
N LYS E 39 14.28 42.19 -16.90
CA LYS E 39 13.90 41.09 -17.77
C LYS E 39 15.07 40.67 -18.64
N THR E 40 15.84 41.64 -19.12
CA THR E 40 17.06 41.33 -19.85
C THR E 40 18.03 40.52 -19.00
N SER E 41 18.10 40.82 -17.70
CA SER E 41 19.07 40.17 -16.83
C SER E 41 18.78 38.67 -16.70
N LEU E 42 17.50 38.29 -16.65
CA LEU E 42 17.16 36.89 -16.55
C LEU E 42 17.38 36.15 -17.87
N GLU E 43 17.17 36.83 -18.99
CA GLU E 43 17.43 36.22 -20.28
C GLU E 43 18.92 35.93 -20.45
N GLU E 44 19.78 36.87 -20.05
CA GLU E 44 21.21 36.65 -20.11
C GLU E 44 21.63 35.51 -19.19
N ILE E 45 21.06 35.44 -17.99
CA ILE E 45 21.37 34.36 -17.07
C ILE E 45 21.02 33.01 -17.69
N ALA E 46 19.83 32.91 -18.27
CA ALA E 46 19.41 31.66 -18.89
C ALA E 46 20.36 31.27 -20.03
N LEU E 47 20.76 32.24 -20.85
CA LEU E 47 21.66 31.95 -21.95
C LEU E 47 23.02 31.47 -21.44
N HIS E 48 23.61 32.21 -20.50
CA HIS E 48 24.86 31.77 -19.90
C HIS E 48 24.70 30.41 -19.22
N SER E 49 23.57 30.20 -18.55
CA SER E 49 23.32 28.91 -17.91
C SER E 49 23.24 27.79 -18.95
N SER E 50 22.51 28.02 -20.03
CA SER E 50 22.44 27.02 -21.10
C SER E 50 23.81 26.79 -21.72
N GLN E 51 24.66 27.82 -21.74
CA GLN E 51 25.99 27.67 -22.33
C GLN E 51 26.90 26.84 -21.42
N ILE E 52 26.76 26.99 -20.10
CA ILE E 52 27.50 26.12 -19.18
C ILE E 52 27.06 24.68 -19.38
N SER E 53 25.75 24.44 -19.40
CA SER E 53 25.23 23.08 -19.52
C SER E 53 25.71 22.43 -20.81
N MET E 54 25.71 23.17 -21.93
CA MET E 54 26.16 22.60 -23.19
C MET E 54 27.61 22.12 -23.09
N ASP E 55 28.47 22.92 -22.45
CA ASP E 55 29.88 22.55 -22.33
C ASP E 55 30.10 21.52 -21.22
N VAL E 56 29.33 21.60 -20.13
CA VAL E 56 29.44 20.58 -19.09
C VAL E 56 29.08 19.21 -19.66
N ASN E 57 28.12 19.15 -20.57
CA ASN E 57 27.75 17.88 -21.20
C ASN E 57 28.85 17.41 -22.14
N LYS E 58 29.43 18.32 -22.93
CA LYS E 58 30.58 17.97 -23.74
C LYS E 58 31.73 17.48 -22.87
N SER E 59 31.97 18.13 -21.74
CA SER E 59 33.03 17.69 -20.84
C SER E 59 32.72 16.31 -20.27
N ALA E 60 31.48 16.09 -19.82
CA ALA E 60 31.11 14.78 -19.29
C ALA E 60 31.24 13.71 -20.35
N GLN E 61 30.84 14.01 -21.59
CA GLN E 61 30.96 13.04 -22.67
C GLN E 61 32.42 12.66 -22.89
N LEU E 62 33.31 13.65 -22.93
CA LEU E 62 34.74 13.38 -23.12
C LEU E 62 35.31 12.63 -21.92
N LEU E 63 35.00 13.10 -20.71
CA LEU E 63 35.43 12.38 -19.51
C LEU E 63 34.92 10.95 -19.51
N ASP E 64 33.73 10.72 -20.07
CA ASP E 64 33.19 9.36 -20.15
C ASP E 64 34.04 8.50 -21.08
N ILE E 65 34.57 9.10 -22.16
CA ILE E 65 35.42 8.36 -23.08
C ILE E 65 36.73 7.98 -22.41
N LEU E 66 37.37 8.94 -21.73
CA LEU E 66 38.58 8.63 -20.98
C LEU E 66 38.33 7.49 -20.00
N SER E 67 37.17 7.49 -19.34
CA SER E 67 36.86 6.43 -18.39
C SER E 67 36.80 5.07 -19.08
N ARG E 68 36.06 4.98 -20.19
CA ARG E 68 35.84 3.69 -20.84
C ARG E 68 37.07 3.20 -21.58
N ASN E 69 37.92 4.11 -22.06
CA ASN E 69 39.22 3.72 -22.58
C ASN E 69 40.27 3.54 -21.48
N GLU E 70 39.90 3.79 -20.23
CA GLU E 70 40.80 3.58 -19.10
C GLU E 70 42.10 4.34 -19.29
N TYR E 71 42.00 5.58 -19.76
CA TYR E 71 43.17 6.41 -19.93
C TYR E 71 43.82 6.66 -18.57
N PRO E 72 45.14 6.56 -18.44
CA PRO E 72 45.76 6.65 -17.11
C PRO E 72 45.70 8.05 -16.52
N ILE E 73 45.76 8.09 -15.19
CA ILE E 73 45.80 9.32 -14.41
C ILE E 73 46.96 9.19 -13.43
N ASN E 74 48.06 9.89 -13.71
CA ASN E 74 49.27 9.72 -12.92
C ASN E 74 49.06 10.21 -11.49
N LYS E 75 50.06 9.94 -10.64
CA LYS E 75 49.93 10.25 -9.22
C LYS E 75 49.80 11.75 -8.98
N ASP E 76 50.51 12.56 -9.75
CA ASP E 76 50.45 14.01 -9.57
C ASP E 76 49.07 14.56 -9.91
N ALA E 77 48.55 14.20 -11.09
CA ALA E 77 47.22 14.62 -11.47
C ALA E 77 46.19 14.20 -10.43
N ARG E 78 46.34 13.01 -9.87
CA ARG E 78 45.37 12.51 -8.90
C ARG E 78 45.33 13.38 -7.65
N GLU E 79 46.48 13.89 -7.22
CA GLU E 79 46.53 14.70 -6.00
C GLU E 79 46.05 16.13 -6.23
N LEU E 80 46.14 16.64 -7.46
CA LEU E 80 45.51 17.93 -7.76
C LEU E 80 44.02 17.89 -7.47
N LEU E 81 43.37 16.74 -7.70
CA LEU E 81 41.93 16.65 -7.51
C LEU E 81 41.53 16.89 -6.06
N HIS E 82 42.40 16.59 -5.11
CA HIS E 82 42.05 16.76 -3.71
C HIS E 82 41.87 18.22 -3.34
N SER E 83 42.43 19.14 -4.12
CA SER E 83 42.19 20.56 -3.93
C SER E 83 40.87 21.01 -4.52
N ALA E 84 40.07 20.09 -5.07
CA ALA E 84 38.76 20.46 -5.59
C ALA E 84 37.84 20.87 -4.44
N PRO E 85 36.89 21.76 -4.69
CA PRO E 85 35.96 22.15 -3.62
C PRO E 85 35.18 20.95 -3.11
N LYS E 86 34.87 20.97 -1.82
CA LYS E 86 34.18 19.83 -1.21
C LYS E 86 32.80 19.63 -1.82
N GLU E 87 32.18 20.70 -2.31
CA GLU E 87 30.86 20.57 -2.94
C GLU E 87 30.89 19.62 -4.13
N ALA E 88 32.07 19.37 -4.71
CA ALA E 88 32.20 18.46 -5.84
C ALA E 88 32.29 17.00 -5.42
N GLU E 89 32.63 16.74 -4.16
CA GLU E 89 32.71 15.39 -3.62
C GLU E 89 33.63 14.51 -4.47
N LEU E 90 34.90 14.88 -4.44
CA LEU E 90 35.95 14.12 -5.13
C LEU E 90 37.04 13.70 -4.15
N GLN E 94 42.98 7.36 -3.59
CA GLN E 94 41.97 6.46 -3.03
C GLN E 94 42.21 5.02 -3.48
N MET E 95 43.27 4.82 -4.26
CA MET E 95 43.67 3.51 -4.79
C MET E 95 42.71 2.98 -5.83
N ILE E 96 41.76 3.79 -6.32
CA ILE E 96 40.78 3.32 -7.28
C ILE E 96 41.41 3.34 -8.67
N SER E 97 40.67 2.82 -9.66
CA SER E 97 41.19 2.65 -11.00
C SER E 97 40.98 3.90 -11.84
N HIS E 98 41.74 3.98 -12.93
CA HIS E 98 41.55 5.06 -13.90
C HIS E 98 40.10 5.11 -14.37
N ARG E 99 39.51 3.94 -14.63
CA ARG E 99 38.14 3.88 -15.11
C ARG E 99 37.18 4.55 -14.14
N GLU E 100 37.32 4.23 -12.85
CA GLU E 100 36.39 4.76 -11.86
C GLU E 100 36.62 6.23 -11.58
N LEU E 101 37.87 6.69 -11.67
CA LEU E 101 38.16 8.08 -11.32
C LEU E 101 37.71 9.05 -12.41
N TRP E 102 37.95 8.70 -13.68
CA TRP E 102 37.37 9.50 -14.76
C TRP E 102 35.86 9.54 -14.65
N ALA E 103 35.24 8.43 -14.22
CA ALA E 103 33.80 8.39 -14.09
C ALA E 103 33.33 9.26 -12.93
N LYS E 104 34.07 9.27 -11.82
CA LYS E 104 33.73 10.15 -10.70
C LYS E 104 33.81 11.61 -11.12
N ILE E 105 34.83 11.96 -11.92
CA ILE E 105 34.99 13.34 -12.36
C ILE E 105 33.86 13.74 -13.29
N ALA E 106 33.49 12.87 -14.23
CA ALA E 106 32.37 13.15 -15.11
C ALA E 106 31.08 13.34 -14.32
N ASN E 107 30.84 12.47 -13.33
CA ASN E 107 29.69 12.64 -12.46
C ASN E 107 29.77 13.96 -11.70
N SER E 108 30.96 14.32 -11.23
CA SER E 108 31.10 15.47 -10.36
C SER E 108 30.72 16.76 -11.08
N ILE E 109 31.29 16.99 -12.27
CA ILE E 109 31.03 18.25 -12.96
C ILE E 109 29.58 18.33 -13.41
N ASN E 110 29.01 17.20 -13.84
CA ASN E 110 27.61 17.20 -14.24
C ASN E 110 26.70 17.36 -13.02
N ASP E 111 27.03 16.69 -11.91
CA ASP E 111 26.14 16.70 -10.76
C ASP E 111 26.20 18.04 -10.02
N ILE E 112 27.37 18.67 -9.97
CA ILE E 112 27.45 19.98 -9.35
C ILE E 112 26.69 21.01 -10.17
N ASN E 113 26.60 20.80 -11.48
CA ASN E 113 25.79 21.68 -12.31
C ASN E 113 24.31 21.50 -12.01
N GLU E 114 23.84 20.25 -11.95
CA GLU E 114 22.41 19.97 -11.88
C GLU E 114 21.88 20.09 -10.45
N GLN E 115 22.67 19.70 -9.46
CA GLN E 115 22.21 19.61 -8.09
C GLN E 115 22.63 20.78 -7.22
N TYR E 116 23.43 21.71 -7.76
CA TYR E 116 23.98 22.79 -6.95
C TYR E 116 23.85 24.13 -7.67
N LEU E 117 24.56 24.28 -8.79
CA LEU E 117 24.55 25.56 -9.48
C LEU E 117 23.16 25.90 -10.01
N LYS E 118 22.54 24.97 -10.73
CA LYS E 118 21.24 25.23 -11.32
C LYS E 118 20.13 25.32 -10.29
N VAL E 119 20.35 24.80 -9.07
CA VAL E 119 19.36 24.98 -8.01
C VAL E 119 19.28 26.45 -7.61
N TYR E 120 20.42 27.05 -7.25
CA TYR E 120 20.44 28.48 -6.95
C TYR E 120 19.92 29.29 -8.12
N GLU E 121 20.27 28.88 -9.35
CA GLU E 121 19.81 29.61 -10.53
C GLU E 121 18.29 29.66 -10.57
N HIS E 122 17.63 28.52 -10.41
CA HIS E 122 16.17 28.49 -10.47
C HIS E 122 15.56 29.30 -9.34
N ALA E 123 16.15 29.25 -8.15
CA ALA E 123 15.65 30.05 -7.04
C ALA E 123 15.72 31.54 -7.38
N VAL E 124 16.86 31.99 -7.91
CA VAL E 124 16.99 33.38 -8.34
C VAL E 124 15.96 33.69 -9.41
N SER E 125 15.86 32.82 -10.41
CA SER E 125 14.91 33.04 -11.50
C SER E 125 13.48 33.13 -10.97
N SER E 126 13.08 32.21 -10.09
CA SER E 126 11.71 32.19 -9.59
C SER E 126 11.42 33.42 -8.73
N TYR E 127 12.33 33.77 -7.83
CA TYR E 127 12.08 34.89 -6.93
C TYR E 127 12.20 36.23 -7.66
N THR E 128 13.06 36.31 -8.68
CA THR E 128 13.15 37.55 -9.46
C THR E 128 11.85 37.81 -10.21
N GLN E 129 11.34 36.80 -10.91
CA GLN E 129 10.08 36.95 -11.63
C GLN E 129 8.97 37.41 -10.69
N MET E 130 8.90 36.83 -9.49
CA MET E 130 7.89 37.24 -8.53
C MET E 130 8.07 38.71 -8.16
N TYR E 131 9.30 39.13 -7.89
CA TYR E 131 9.52 40.51 -7.49
C TYR E 131 9.27 41.47 -8.64
N GLN E 132 9.64 41.08 -9.87
CA GLN E 132 9.36 41.92 -11.01
C GLN E 132 7.85 42.10 -11.19
N ASP E 133 7.07 41.04 -10.99
CA ASP E 133 5.63 41.15 -11.11
C ASP E 133 5.04 41.99 -9.97
N PHE E 134 5.65 41.93 -8.78
CA PHE E 134 5.23 42.83 -7.72
C PHE E 134 5.58 44.27 -8.06
N SER E 135 6.76 44.49 -8.65
CA SER E 135 7.13 45.83 -9.07
C SER E 135 6.13 46.42 -10.05
N ALA E 136 5.52 45.57 -10.89
CA ALA E 136 4.47 46.03 -11.78
C ALA E 136 3.25 46.50 -10.99
N VAL E 137 2.92 45.80 -9.90
CA VAL E 137 1.87 46.27 -9.02
C VAL E 137 2.27 47.58 -8.35
N LEU E 138 3.54 47.69 -7.95
CA LEU E 138 4.02 48.92 -7.35
C LEU E 138 3.91 50.09 -8.32
N SER E 139 4.20 49.84 -9.60
CA SER E 139 4.10 50.88 -10.61
C SER E 139 2.66 51.36 -10.82
N SER E 140 1.68 50.55 -10.44
CA SER E 140 0.28 50.91 -10.56
C SER E 140 -0.27 51.59 -9.32
N LEU E 141 0.52 51.69 -8.25
CA LEU E 141 0.02 52.25 -7.01
C LEU E 141 -0.35 53.71 -7.17
N ALA E 142 0.42 54.45 -7.97
CA ALA E 142 0.11 55.87 -8.18
C ALA E 142 -1.28 56.06 -8.75
N GLY E 143 -1.68 55.19 -9.68
CA GLY E 143 -3.01 55.28 -10.27
C GLY E 143 -4.13 54.86 -9.35
N TRP E 144 -3.83 54.20 -8.24
CA TRP E 144 -4.82 53.82 -7.25
C TRP E 144 -4.89 54.81 -6.09
N ILE E 145 -4.13 55.90 -6.15
CA ILE E 145 -4.04 56.88 -5.09
C ILE E 145 -4.45 58.23 -5.67
N SER E 146 -5.44 58.86 -5.06
CA SER E 146 -5.93 60.15 -5.51
C SER E 146 -6.24 61.01 -4.29
N PRO E 147 -6.30 62.33 -4.45
CA PRO E 147 -6.58 63.21 -3.32
C PRO E 147 -8.07 63.29 -3.00
N GLY E 148 -8.37 63.88 -1.85
CA GLY E 148 -9.73 64.16 -1.45
C GLY E 148 -9.86 65.52 -0.81
N GLY E 149 -10.95 65.75 -0.08
CA GLY E 149 -11.11 66.94 0.74
C GLY E 149 -11.05 68.24 -0.04
N ASN E 150 -11.04 69.34 0.74
CA ASN E 150 -10.84 70.67 0.18
C ASN E 150 -9.53 70.70 -0.59
N ASP E 151 -8.42 70.73 0.16
CA ASP E 151 -7.08 70.56 -0.38
C ASP E 151 -6.19 70.05 0.75
N GLY E 152 -6.72 69.10 1.53
CA GLY E 152 -6.14 68.73 2.79
C GLY E 152 -5.34 67.43 2.78
N ASN E 153 -4.49 67.27 1.77
CA ASN E 153 -3.57 66.14 1.61
C ASN E 153 -4.05 64.82 2.23
N SER E 154 -5.36 64.59 2.26
CA SER E 154 -5.88 63.27 2.58
C SER E 154 -5.93 62.44 1.31
N VAL E 155 -5.76 61.13 1.45
CA VAL E 155 -5.52 60.24 0.32
C VAL E 155 -6.65 59.23 0.24
N LYS E 156 -7.19 59.06 -0.97
CA LYS E 156 -8.12 57.99 -1.27
C LYS E 156 -7.36 56.84 -1.90
N LEU E 157 -7.60 55.62 -1.43
CA LEU E 157 -6.84 54.45 -1.84
C LEU E 157 -7.79 53.38 -2.38
N GLN E 158 -7.51 52.92 -3.60
CA GLN E 158 -8.30 51.85 -4.22
C GLN E 158 -7.85 50.52 -3.60
N VAL E 159 -8.37 50.26 -2.41
CA VAL E 159 -7.97 49.07 -1.66
C VAL E 159 -8.25 47.80 -2.45
N ASN E 160 -9.46 47.71 -3.02
CA ASN E 160 -9.85 46.49 -3.73
C ASN E 160 -8.96 46.25 -4.94
N SER E 161 -8.78 47.27 -5.78
CA SER E 161 -7.94 47.12 -6.97
C SER E 161 -6.53 46.68 -6.59
N LEU E 162 -6.01 47.15 -5.46
CA LEU E 162 -4.70 46.70 -5.00
C LEU E 162 -4.76 45.27 -4.45
N LYS E 163 -5.79 44.98 -3.66
CA LYS E 163 -5.97 43.62 -3.16
C LYS E 163 -6.07 42.62 -4.31
N LYS E 164 -6.89 42.93 -5.31
CA LYS E 164 -7.04 42.04 -6.47
C LYS E 164 -5.68 41.71 -7.07
N ALA E 165 -4.89 42.74 -7.38
CA ALA E 165 -3.59 42.51 -7.99
C ALA E 165 -2.70 41.64 -7.10
N LEU E 166 -2.68 41.92 -5.79
CA LEU E 166 -1.81 41.17 -4.89
C LEU E 166 -2.28 39.74 -4.72
N GLU E 167 -3.59 39.52 -4.68
CA GLU E 167 -4.10 38.16 -4.59
C GLU E 167 -3.72 37.34 -5.81
N GLU E 168 -3.75 37.96 -6.98
CA GLU E 168 -3.37 37.25 -8.20
C GLU E 168 -1.86 37.02 -8.27
N LEU E 169 -1.08 37.93 -7.69
CA LEU E 169 0.36 37.71 -7.60
C LEU E 169 0.66 36.39 -6.89
N LYS E 170 -0.07 36.11 -5.80
CA LYS E 170 0.09 34.83 -5.12
C LYS E 170 -0.31 33.68 -6.02
N GLU E 171 -1.46 33.80 -6.69
CA GLU E 171 -1.90 32.75 -7.61
C GLU E 171 -0.88 32.51 -8.71
N LYS E 172 -0.21 33.56 -9.16
CA LYS E 172 0.75 33.43 -10.26
C LYS E 172 1.99 32.64 -9.84
N TYR E 173 2.29 32.56 -8.54
CA TYR E 173 3.45 31.86 -8.05
C TYR E 173 3.09 30.79 -7.01
N LYS E 174 1.81 30.43 -6.94
CA LYS E 174 1.40 29.34 -6.06
C LYS E 174 2.06 28.02 -6.44
N ASP E 175 2.34 27.82 -7.73
CA ASP E 175 2.88 26.55 -8.22
C ASP E 175 4.29 26.70 -8.79
N LYS E 176 4.97 27.82 -8.51
CA LYS E 176 6.34 28.04 -8.96
C LYS E 176 7.26 28.07 -7.74
N PRO E 177 7.73 26.94 -7.26
CA PRO E 177 8.58 26.93 -6.06
C PRO E 177 10.00 27.35 -6.36
N LEU E 178 10.74 27.66 -5.30
CA LEU E 178 12.17 27.90 -5.41
C LEU E 178 12.91 26.63 -5.78
N TYR E 179 12.58 25.53 -5.11
CA TYR E 179 13.27 24.27 -5.29
C TYR E 179 12.28 23.14 -5.01
N PRO E 180 12.21 22.11 -5.88
CA PRO E 180 12.90 21.94 -7.16
C PRO E 180 12.07 22.47 -8.32
N ALA E 181 12.72 22.73 -9.45
CA ALA E 181 11.99 23.20 -10.63
C ALA E 181 11.00 22.16 -11.13
N ASN E 182 11.30 20.88 -10.90
CA ASN E 182 10.44 19.79 -11.34
C ASN E 182 10.31 18.76 -10.23
N ASN E 183 9.18 18.04 -10.24
CA ASN E 183 8.95 16.95 -9.29
C ASN E 183 9.01 17.46 -7.85
N THR E 184 9.08 16.53 -6.91
CA THR E 184 9.12 16.84 -5.48
C THR E 184 10.35 16.17 -4.87
N VAL E 185 10.57 16.45 -3.58
CA VAL E 185 11.67 15.87 -2.83
C VAL E 185 11.15 15.48 -1.44
N SER E 186 11.97 14.74 -0.71
CA SER E 186 11.62 14.37 0.65
C SER E 186 11.57 15.61 1.53
N GLN E 187 10.86 15.49 2.66
CA GLN E 187 10.74 16.61 3.58
C GLN E 187 12.11 17.00 4.14
N GLU E 188 12.93 16.01 4.48
CA GLU E 188 14.29 16.30 4.93
C GLU E 188 15.05 17.10 3.87
N GLN E 189 14.98 16.65 2.62
CA GLN E 189 15.70 17.34 1.55
C GLN E 189 15.17 18.76 1.34
N ALA E 190 13.85 18.93 1.39
CA ALA E 190 13.28 20.27 1.24
C ALA E 190 13.73 21.19 2.37
N ASN E 191 13.85 20.65 3.58
CA ASN E 191 14.32 21.44 4.72
C ASN E 191 15.81 21.69 4.65
N LYS E 192 16.58 20.79 4.03
CA LYS E 192 18.00 21.05 3.84
C LYS E 192 18.21 22.28 2.98
N TRP E 193 17.41 22.43 1.93
CA TRP E 193 17.56 23.57 1.03
C TRP E 193 16.86 24.82 1.55
N LEU E 194 15.76 24.65 2.30
CA LEU E 194 15.15 25.80 2.97
C LEU E 194 16.18 26.51 3.85
N THR E 195 16.96 25.73 4.61
CA THR E 195 17.99 26.31 5.46
C THR E 195 19.10 26.93 4.64
N GLU E 196 19.47 26.29 3.52
CA GLU E 196 20.55 26.80 2.70
C GLU E 196 20.16 28.11 2.03
N LEU E 197 18.97 28.16 1.43
CA LEU E 197 18.54 29.36 0.71
C LEU E 197 18.17 30.51 1.64
N GLY E 198 17.85 30.20 2.90
CA GLY E 198 17.34 31.21 3.81
C GLY E 198 15.93 30.90 4.25
N GLY E 199 15.73 30.67 5.55
CA GLY E 199 14.45 30.21 6.06
C GLY E 199 13.30 31.19 5.88
N THR E 200 13.57 32.41 5.43
CA THR E 200 12.52 33.39 5.21
C THR E 200 12.16 33.59 3.74
N ILE E 201 13.03 33.16 2.82
CA ILE E 201 12.73 33.32 1.40
C ILE E 201 11.80 32.21 0.91
N GLY E 202 11.89 31.02 1.50
CA GLY E 202 11.08 29.89 1.12
C GLY E 202 10.24 29.38 2.28
N LYS E 203 9.42 28.38 1.97
CA LYS E 203 8.56 27.73 2.97
C LYS E 203 8.27 26.32 2.50
N VAL E 204 8.64 25.32 3.29
CA VAL E 204 8.37 23.93 2.92
C VAL E 204 6.86 23.72 2.91
N SER E 205 6.38 23.06 1.86
CA SER E 205 4.96 22.72 1.75
C SER E 205 4.83 21.40 1.00
N GLN E 206 3.70 20.73 1.23
CA GLN E 206 3.46 19.45 0.60
C GLN E 206 3.03 19.61 -0.85
N LYS E 207 3.42 18.64 -1.67
CA LYS E 207 2.95 18.51 -3.06
C LYS E 207 2.64 17.03 -3.27
N ASN E 208 1.39 16.66 -3.01
CA ASN E 208 0.93 15.27 -3.06
C ASN E 208 2.03 14.27 -2.71
N GLY E 209 2.15 13.95 -1.42
CA GLY E 209 3.13 12.96 -0.98
C GLY E 209 4.54 13.48 -0.78
N GLY E 210 5.07 14.20 -1.78
CA GLY E 210 6.37 14.81 -1.67
C GLY E 210 6.29 16.21 -1.09
N TYR E 211 7.42 16.91 -1.17
CA TYR E 211 7.54 18.25 -0.62
C TYR E 211 8.30 19.14 -1.60
N VAL E 212 8.12 20.44 -1.45
CA VAL E 212 8.86 21.45 -2.21
C VAL E 212 9.12 22.63 -1.29
N VAL E 213 10.02 23.51 -1.72
CA VAL E 213 10.29 24.76 -1.02
C VAL E 213 9.58 25.84 -1.82
N SER E 214 8.34 26.13 -1.42
CA SER E 214 7.56 27.16 -2.08
C SER E 214 8.14 28.54 -1.78
N ILE E 215 7.76 29.52 -2.61
CA ILE E 215 8.14 30.90 -2.35
C ILE E 215 7.36 31.40 -1.14
N ASN E 216 8.09 31.91 -0.15
CA ASN E 216 7.46 32.48 1.04
C ASN E 216 6.82 33.81 0.66
N MET E 217 5.49 33.84 0.61
CA MET E 217 4.74 35.04 0.26
C MET E 217 4.24 35.78 1.49
N THR E 218 4.85 35.56 2.64
CA THR E 218 4.47 36.29 3.85
C THR E 218 4.46 37.81 3.64
N PRO E 219 5.42 38.42 2.95
CA PRO E 219 5.34 39.87 2.72
C PRO E 219 4.04 40.29 2.05
N ILE E 220 3.61 39.55 1.03
CA ILE E 220 2.35 39.88 0.35
C ILE E 220 1.17 39.67 1.29
N ASP E 221 1.24 38.62 2.12
CA ASP E 221 0.18 38.38 3.09
C ASP E 221 0.13 39.50 4.12
N ASN E 222 1.28 40.01 4.53
CA ASN E 222 1.29 41.15 5.45
C ASN E 222 0.65 42.37 4.81
N MET E 223 0.94 42.62 3.53
CA MET E 223 0.31 43.74 2.83
C MET E 223 -1.21 43.59 2.84
N LEU E 224 -1.70 42.38 2.57
CA LEU E 224 -3.15 42.18 2.48
C LEU E 224 -3.83 42.41 3.82
N LYS E 225 -3.18 41.99 4.92
CA LYS E 225 -3.78 42.23 6.24
C LYS E 225 -3.77 43.71 6.58
N SER E 226 -2.70 44.43 6.23
CA SER E 226 -2.67 45.87 6.45
C SER E 226 -3.77 46.56 5.64
N LEU E 227 -4.09 46.04 4.46
CA LEU E 227 -5.16 46.63 3.66
C LEU E 227 -6.53 46.38 4.27
N ASP E 228 -6.73 45.20 4.86
CA ASP E 228 -7.99 44.93 5.55
C ASP E 228 -8.11 45.74 6.83
N ASN E 229 -6.99 46.07 7.47
CA ASN E 229 -7.01 46.86 8.69
C ASN E 229 -7.26 48.35 8.45
N LEU E 230 -7.51 48.75 7.21
CA LEU E 230 -7.73 50.17 6.91
C LEU E 230 -9.20 50.58 7.00
N GLY E 231 -10.10 49.76 6.50
CA GLY E 231 -11.52 50.07 6.51
C GLY E 231 -12.23 49.40 5.37
N GLY E 232 -13.56 49.36 5.48
CA GLY E 232 -14.38 48.68 4.50
C GLY E 232 -14.49 49.45 3.20
N ASN E 233 -15.25 48.86 2.28
CA ASN E 233 -15.51 49.44 0.96
C ASN E 233 -14.33 49.19 0.03
N GLY E 234 -14.57 49.34 -1.28
CA GLY E 234 -13.49 49.20 -2.23
C GLY E 234 -12.46 50.30 -2.12
N GLU E 235 -12.88 51.48 -1.65
CA GLU E 235 -12.00 52.61 -1.44
C GLU E 235 -11.89 52.91 0.05
N VAL E 236 -10.92 53.74 0.40
CA VAL E 236 -10.75 54.21 1.77
C VAL E 236 -10.07 55.57 1.73
N VAL E 237 -10.55 56.48 2.56
CA VAL E 237 -9.99 57.82 2.65
C VAL E 237 -9.16 57.91 3.93
N LEU E 238 -7.86 58.12 3.77
CA LEU E 238 -6.94 58.21 4.89
C LEU E 238 -6.44 59.64 5.02
N ASP E 239 -6.38 60.14 6.25
CA ASP E 239 -5.66 61.38 6.49
C ASP E 239 -4.18 61.15 6.24
N ASN E 240 -3.48 62.24 5.89
CA ASN E 240 -2.11 62.11 5.40
C ASN E 240 -1.26 61.21 6.30
N ALA E 241 -1.42 61.36 7.63
CA ALA E 241 -0.54 60.64 8.54
C ALA E 241 -0.82 59.14 8.56
N LYS E 242 -2.09 58.74 8.39
CA LYS E 242 -2.40 57.32 8.30
C LYS E 242 -1.92 56.74 6.99
N TYR E 243 -1.96 57.52 5.91
CA TYR E 243 -1.45 57.05 4.63
C TYR E 243 0.05 56.85 4.68
N GLN E 244 0.79 57.83 5.23
CA GLN E 244 2.23 57.66 5.38
C GLN E 244 2.56 56.45 6.25
N ALA E 245 1.70 56.16 7.22
CA ALA E 245 1.91 54.97 8.06
C ALA E 245 1.73 53.70 7.24
N TRP E 246 0.60 53.58 6.54
CA TRP E 246 0.38 52.40 5.71
C TRP E 246 1.45 52.29 4.62
N ASN E 247 1.70 53.40 3.92
CA ASN E 247 2.69 53.38 2.85
C ASN E 247 4.08 53.04 3.38
N ALA E 248 4.36 53.37 4.65
CA ALA E 248 5.65 53.05 5.23
C ALA E 248 5.82 51.54 5.42
N GLY E 249 4.79 50.88 5.94
CA GLY E 249 4.86 49.44 6.09
C GLY E 249 4.83 48.71 4.77
N PHE E 250 4.04 49.22 3.81
CA PHE E 250 4.03 48.64 2.48
C PHE E 250 5.42 48.68 1.85
N SER E 251 6.14 49.78 2.03
CA SER E 251 7.51 49.87 1.51
C SER E 251 8.48 49.03 2.32
N ALA E 252 8.17 48.74 3.58
CA ALA E 252 9.05 47.89 4.38
C ALA E 252 8.95 46.44 3.94
N GLU E 253 7.75 45.99 3.56
CA GLU E 253 7.62 44.65 3.00
C GLU E 253 8.30 44.56 1.64
N ASP E 254 8.21 45.63 0.84
CA ASP E 254 8.91 45.65 -0.44
C ASP E 254 10.41 45.52 -0.25
N GLU E 255 10.97 46.21 0.76
CA GLU E 255 12.40 46.10 1.03
C GLU E 255 12.78 44.70 1.48
N THR E 256 11.90 44.04 2.23
CA THR E 256 12.15 42.65 2.62
C THR E 256 12.40 41.78 1.39
N MET E 257 11.55 41.95 0.36
CA MET E 257 11.71 41.15 -0.85
C MET E 257 12.96 41.55 -1.62
N LYS E 258 13.30 42.84 -1.63
CA LYS E 258 14.53 43.28 -2.28
C LYS E 258 15.74 42.61 -1.65
N ASN E 259 15.82 42.61 -0.32
CA ASN E 259 16.95 41.99 0.36
C ASN E 259 16.95 40.48 0.17
N ASN E 260 15.78 39.84 0.21
CA ASN E 260 15.70 38.42 -0.08
C ASN E 260 16.30 38.10 -1.44
N LEU E 261 15.95 38.92 -2.45
CA LEU E 261 16.50 38.70 -3.78
C LEU E 261 18.00 38.97 -3.80
N GLN E 262 18.42 40.07 -3.17
CA GLN E 262 19.85 40.35 -3.05
C GLN E 262 20.60 39.19 -2.42
N THR E 263 19.96 38.50 -1.47
CA THR E 263 20.58 37.35 -0.83
C THR E 263 20.74 36.19 -1.81
N LEU E 264 19.63 35.80 -2.47
CA LEU E 264 19.70 34.69 -3.42
C LEU E 264 20.76 34.94 -4.49
N VAL E 265 20.82 36.15 -5.02
CA VAL E 265 21.80 36.47 -6.05
C VAL E 265 23.21 36.22 -5.52
N GLN E 266 23.48 36.68 -4.29
CA GLN E 266 24.80 36.50 -3.70
C GLN E 266 25.13 35.02 -3.55
N LYS E 267 24.15 34.21 -3.12
CA LYS E 267 24.38 32.79 -3.00
C LYS E 267 24.61 32.15 -4.36
N TYR E 268 23.81 32.53 -5.36
CA TYR E 268 24.01 32.01 -6.71
C TYR E 268 25.40 32.35 -7.23
N SER E 269 25.86 33.58 -6.99
CA SER E 269 27.18 33.98 -7.44
C SER E 269 28.28 33.19 -6.74
N ASN E 270 28.18 33.08 -5.41
CA ASN E 270 29.16 32.29 -4.67
C ASN E 270 29.14 30.83 -5.12
N ALA E 271 27.98 30.33 -5.55
CA ALA E 271 27.91 28.97 -6.08
C ALA E 271 28.68 28.86 -7.39
N ASN E 272 28.61 29.89 -8.23
CA ASN E 272 29.36 29.86 -9.48
C ASN E 272 30.85 29.96 -9.23
N SER E 273 31.27 30.60 -8.14
CA SER E 273 32.68 30.65 -7.80
C SER E 273 33.20 29.29 -7.37
N ILE E 274 32.41 28.56 -6.58
CA ILE E 274 32.79 27.20 -6.20
C ILE E 274 32.81 26.29 -7.42
N PHE E 275 31.83 26.45 -8.32
CA PHE E 275 31.82 25.70 -9.56
C PHE E 275 33.05 26.04 -10.41
N ASP E 276 33.35 27.34 -10.53
CA ASP E 276 34.53 27.75 -11.29
C ASP E 276 35.80 27.19 -10.65
N ASN E 277 35.85 27.12 -9.33
CA ASN E 277 37.01 26.52 -8.66
C ASN E 277 37.21 25.08 -9.11
N LEU E 278 36.13 24.31 -9.19
CA LEU E 278 36.24 22.91 -9.64
C LEU E 278 36.80 22.85 -11.05
N VAL E 279 36.23 23.63 -11.97
CA VAL E 279 36.66 23.57 -13.37
C VAL E 279 38.15 23.91 -13.48
N LYS E 280 38.62 24.85 -12.67
CA LYS E 280 40.05 25.18 -12.68
C LYS E 280 40.88 23.98 -12.25
N VAL E 281 40.49 23.33 -11.15
CA VAL E 281 41.20 22.16 -10.68
C VAL E 281 41.18 21.06 -11.73
N LEU E 282 40.03 20.86 -12.37
CA LEU E 282 39.92 19.81 -13.39
C LEU E 282 40.85 20.09 -14.56
N SER E 283 40.86 21.33 -15.04
CA SER E 283 41.73 21.67 -16.17
C SER E 283 43.20 21.52 -15.81
N SER E 284 43.55 21.75 -14.54
CA SER E 284 44.92 21.53 -14.10
C SER E 284 45.23 20.04 -14.01
N THR E 285 44.25 19.24 -13.58
CA THR E 285 44.41 17.79 -13.59
C THR E 285 44.63 17.28 -15.01
N ILE E 286 43.90 17.84 -15.98
CA ILE E 286 44.02 17.40 -17.37
C ILE E 286 45.39 17.77 -17.92
N SER E 287 45.86 18.98 -17.63
CA SER E 287 47.16 19.41 -18.17
C SER E 287 48.27 18.45 -17.77
N SER E 288 48.16 17.82 -16.60
CA SER E 288 49.17 16.88 -16.13
C SER E 288 48.93 15.47 -16.69
N SER E 289 48.66 15.38 -17.99
CA SER E 289 48.43 14.09 -18.63
C SER E 289 49.09 14.05 -20.00
N GLN F 4 12.94 4.78 4.40
CA GLN F 4 12.11 4.73 3.16
C GLN F 4 13.00 4.70 1.92
N VAL F 5 12.57 3.96 0.90
CA VAL F 5 13.32 3.85 -0.35
C VAL F 5 13.13 5.13 -1.15
N GLN F 6 14.23 5.60 -1.76
CA GLN F 6 14.21 6.80 -2.58
C GLN F 6 15.08 6.60 -3.81
N LEU F 7 14.62 7.15 -4.95
CA LEU F 7 15.37 7.13 -6.21
C LEU F 7 15.27 8.53 -6.81
N ALA F 8 16.11 9.44 -6.33
CA ALA F 8 16.10 10.82 -6.78
C ALA F 8 16.77 10.93 -8.14
N GLU F 9 16.05 11.45 -9.13
CA GLU F 9 16.54 11.58 -10.49
C GLU F 9 16.89 13.03 -10.77
N THR F 10 17.94 13.24 -11.57
CA THR F 10 18.40 14.57 -11.91
C THR F 10 19.05 14.56 -13.28
N GLY F 11 18.98 15.69 -13.97
CA GLY F 11 19.77 15.93 -15.16
C GLY F 11 19.03 15.89 -16.49
N GLY F 12 17.70 15.83 -16.49
CA GLY F 12 16.97 15.82 -17.74
C GLY F 12 17.06 17.14 -18.48
N GLY F 13 15.98 17.54 -19.15
CA GLY F 13 15.91 18.85 -19.76
C GLY F 13 15.98 18.78 -21.28
N LEU F 14 16.10 19.96 -21.89
CA LEU F 14 16.12 20.11 -23.33
C LEU F 14 17.53 19.94 -23.87
N ALA F 15 17.62 19.42 -25.10
CA ALA F 15 18.90 19.22 -25.75
C ALA F 15 18.69 19.23 -27.25
N GLN F 16 19.78 19.51 -27.97
CA GLN F 16 19.76 19.57 -29.43
C GLN F 16 20.10 18.19 -30.00
N PRO F 17 19.60 17.86 -31.19
CA PRO F 17 20.07 16.65 -31.87
C PRO F 17 21.59 16.64 -31.98
N GLY F 18 22.19 15.50 -31.66
CA GLY F 18 23.63 15.37 -31.64
C GLY F 18 24.27 15.74 -30.32
N GLY F 19 23.56 16.42 -29.43
CA GLY F 19 24.09 16.78 -28.14
C GLY F 19 24.17 15.59 -27.21
N SER F 20 24.52 15.88 -25.97
CA SER F 20 24.70 14.85 -24.95
C SER F 20 23.97 15.25 -23.67
N LEU F 21 23.64 14.23 -22.89
CA LEU F 21 23.08 14.42 -21.56
C LEU F 21 23.52 13.25 -20.68
N ARG F 22 23.66 13.51 -19.39
CA ARG F 22 24.05 12.49 -18.42
C ARG F 22 23.05 12.54 -17.26
N LEU F 23 22.08 11.63 -17.29
CA LEU F 23 21.11 11.55 -16.21
C LEU F 23 21.75 10.88 -14.99
N SER F 24 21.19 11.17 -13.82
CA SER F 24 21.67 10.62 -12.57
C SER F 24 20.49 10.10 -11.76
N CYS F 25 20.70 8.98 -11.08
CA CYS F 25 19.73 8.40 -10.17
C CYS F 25 20.44 8.09 -8.86
N ALA F 26 20.06 8.79 -7.79
CA ALA F 26 20.66 8.61 -6.48
C ALA F 26 19.74 7.73 -5.63
N ALA F 27 20.26 6.58 -5.22
CA ALA F 27 19.48 5.62 -4.45
C ALA F 27 19.76 5.74 -2.96
N SER F 28 18.77 5.39 -2.16
CA SER F 28 18.91 5.39 -0.70
C SER F 28 17.74 4.62 -0.11
N GLY F 29 17.96 4.06 1.07
CA GLY F 29 16.93 3.29 1.76
C GLY F 29 16.98 1.81 1.53
N PHE F 30 18.01 1.30 0.86
CA PHE F 30 18.15 -0.14 0.65
C PHE F 30 19.61 -0.45 0.39
N THR F 31 19.97 -1.72 0.56
CA THR F 31 21.33 -2.17 0.33
C THR F 31 21.62 -2.13 -1.16
N PHE F 32 22.49 -1.19 -1.57
CA PHE F 32 22.73 -0.97 -2.99
C PHE F 32 23.28 -2.22 -3.67
N SER F 33 24.15 -2.96 -2.97
CA SER F 33 24.78 -4.13 -3.57
C SER F 33 23.80 -5.26 -3.86
N ARG F 34 22.57 -5.18 -3.35
CA ARG F 34 21.55 -6.18 -3.61
C ARG F 34 20.55 -5.73 -4.66
N ALA F 35 20.88 -4.69 -5.44
CA ALA F 35 19.94 -4.08 -6.35
C ALA F 35 20.53 -4.01 -7.75
N VAL F 36 19.70 -4.33 -8.75
CA VAL F 36 20.00 -4.08 -10.15
C VAL F 36 19.31 -2.77 -10.51
N MET F 37 20.09 -1.81 -11.02
CA MET F 37 19.59 -0.48 -11.31
C MET F 37 19.27 -0.37 -12.79
N ASN F 38 18.08 0.14 -13.10
CA ASN F 38 17.57 0.17 -14.47
C ASN F 38 17.13 1.58 -14.83
N TRP F 39 17.17 1.88 -16.13
CA TRP F 39 16.60 3.11 -16.67
C TRP F 39 15.51 2.73 -17.67
N TYR F 40 14.34 3.31 -17.49
CA TYR F 40 13.20 3.10 -18.38
C TYR F 40 12.84 4.40 -19.09
N ARG F 41 11.90 4.29 -20.03
CA ARG F 41 11.61 5.38 -20.95
C ARG F 41 10.16 5.27 -21.40
N GLN F 42 9.46 6.40 -21.42
CA GLN F 42 8.07 6.41 -21.86
C GLN F 42 7.69 7.78 -22.39
N ALA F 43 7.08 7.81 -23.58
CA ALA F 43 6.47 8.98 -24.14
C ALA F 43 4.95 8.86 -24.08
N PRO F 44 4.22 9.95 -23.83
CA PRO F 44 2.76 9.83 -23.75
C PRO F 44 2.19 9.18 -25.00
N GLY F 45 1.38 8.13 -24.79
CA GLY F 45 0.80 7.38 -25.89
C GLY F 45 1.44 6.01 -26.05
N LYS F 46 2.77 5.96 -25.98
CA LYS F 46 3.50 4.72 -26.15
C LYS F 46 3.74 4.06 -24.79
N GLU F 47 4.23 2.82 -24.84
CA GLU F 47 4.40 2.03 -23.64
C GLU F 47 5.81 2.19 -23.07
N ARG F 48 5.95 1.80 -21.81
CA ARG F 48 7.22 1.90 -21.10
C ARG F 48 8.19 0.85 -21.62
N GLU F 49 9.37 1.29 -22.04
CA GLU F 49 10.40 0.40 -22.59
C GLU F 49 11.70 0.55 -21.82
N LEU F 50 12.44 -0.55 -21.72
CA LEU F 50 13.71 -0.55 -21.00
C LEU F 50 14.79 0.16 -21.81
N VAL F 51 15.62 0.93 -21.11
CA VAL F 51 16.73 1.64 -21.73
C VAL F 51 18.07 0.95 -21.43
N ALA F 52 18.32 0.65 -20.16
CA ALA F 52 19.59 0.06 -19.77
C ALA F 52 19.49 -0.54 -18.38
N ARG F 53 20.37 -1.50 -18.12
CA ARG F 53 20.54 -2.08 -16.79
C ARG F 53 22.03 -2.08 -16.45
N ILE F 54 22.31 -2.21 -15.16
CA ILE F 54 23.68 -2.45 -14.70
C ILE F 54 23.66 -2.91 -13.26
N TYR F 55 24.36 -4.02 -12.98
CA TYR F 55 24.62 -4.45 -11.61
C TYR F 55 26.09 -4.29 -11.28
N ASP F 56 26.97 -5.04 -11.95
CA ASP F 56 28.40 -4.95 -11.69
C ASP F 56 28.93 -3.63 -12.22
N ALA F 57 29.32 -2.73 -11.30
CA ALA F 57 29.85 -1.44 -11.70
C ALA F 57 31.14 -1.56 -12.49
N GLY F 58 31.81 -2.71 -12.41
CA GLY F 58 33.01 -2.94 -13.19
C GLY F 58 32.78 -3.27 -14.64
N GLY F 59 31.53 -3.53 -15.03
CA GLY F 59 31.17 -3.83 -16.40
C GLY F 59 30.47 -2.67 -17.07
N ASN F 60 29.88 -2.98 -18.23
CA ASN F 60 29.19 -1.99 -19.05
C ASN F 60 27.67 -2.13 -19.00
N GLY F 61 27.15 -3.00 -18.14
CA GLY F 61 25.72 -3.19 -18.06
C GLY F 61 25.15 -3.66 -19.38
N SER F 62 23.84 -3.42 -19.54
CA SER F 62 23.10 -3.83 -20.73
C SER F 62 22.39 -2.62 -21.32
N ILE F 63 22.47 -2.48 -22.64
CA ILE F 63 21.87 -1.39 -23.37
C ILE F 63 20.87 -1.96 -24.37
N ALA F 64 19.65 -1.42 -24.37
CA ALA F 64 18.61 -1.91 -25.25
C ALA F 64 18.89 -1.53 -26.70
N ASP F 65 18.34 -2.31 -27.62
CA ASP F 65 18.58 -2.11 -29.04
C ASP F 65 18.32 -0.68 -29.52
N PRO F 66 17.25 -0.01 -29.11
CA PRO F 66 16.98 1.34 -29.64
C PRO F 66 18.11 2.34 -29.43
N VAL F 67 19.09 2.04 -28.56
CA VAL F 67 20.11 3.03 -28.21
C VAL F 67 21.49 2.39 -28.16
N LYS F 68 21.69 1.31 -28.90
CA LYS F 68 23.02 0.71 -29.00
C LYS F 68 23.96 1.67 -29.70
N GLY F 69 25.18 1.80 -29.17
CA GLY F 69 26.17 2.68 -29.73
C GLY F 69 26.08 4.12 -29.29
N ARG F 70 24.94 4.55 -28.75
CA ARG F 70 24.73 5.93 -28.35
C ARG F 70 24.61 6.12 -26.85
N PHE F 71 23.97 5.19 -26.15
CA PHE F 71 23.78 5.29 -24.70
C PHE F 71 24.69 4.29 -24.00
N THR F 72 25.30 4.73 -22.90
CA THR F 72 26.04 3.85 -22.00
C THR F 72 25.60 4.14 -20.57
N ILE F 73 25.91 3.21 -19.68
CA ILE F 73 25.47 3.27 -18.28
C ILE F 73 26.66 2.97 -17.38
N SER F 74 26.74 3.68 -16.26
CA SER F 74 27.81 3.49 -15.29
C SER F 74 27.21 3.48 -13.88
N ARG F 75 28.01 3.03 -12.93
CA ARG F 75 27.53 2.80 -11.56
C ARG F 75 28.65 3.13 -10.58
N ASP F 76 28.31 3.89 -9.53
CA ASP F 76 29.24 4.24 -8.47
C ASP F 76 28.68 3.69 -7.17
N ASN F 77 29.27 2.62 -6.66
CA ASN F 77 28.73 1.94 -5.50
C ASN F 77 28.98 2.73 -4.22
N ALA F 78 30.05 3.53 -4.17
CA ALA F 78 30.30 4.35 -2.98
C ALA F 78 29.21 5.39 -2.79
N LYS F 79 28.73 5.99 -3.89
CA LYS F 79 27.72 7.02 -3.82
C LYS F 79 26.29 6.49 -3.97
N ASN F 80 26.13 5.21 -4.28
CA ASN F 80 24.80 4.63 -4.50
C ASN F 80 24.07 5.37 -5.63
N THR F 81 24.77 5.55 -6.75
CA THR F 81 24.24 6.26 -7.90
C THR F 81 24.50 5.48 -9.17
N VAL F 82 23.70 5.78 -10.19
CA VAL F 82 23.94 5.31 -11.55
C VAL F 82 23.72 6.49 -12.48
N HIS F 83 24.50 6.52 -13.56
CA HIS F 83 24.42 7.59 -14.54
C HIS F 83 24.20 7.00 -15.92
N LEU F 84 23.31 7.63 -16.68
CA LEU F 84 23.01 7.23 -18.05
C LEU F 84 23.56 8.29 -18.99
N GLN F 85 24.71 7.98 -19.61
CA GLN F 85 25.32 8.89 -20.58
C GLN F 85 24.58 8.77 -21.89
N MET F 86 23.83 9.81 -22.27
CA MET F 86 23.03 9.82 -23.48
C MET F 86 23.76 10.65 -24.53
N ASN F 87 24.43 9.97 -25.46
CA ASN F 87 25.16 10.62 -26.54
C ASN F 87 24.37 10.54 -27.84
N SER F 88 24.75 11.39 -28.80
CA SER F 88 24.18 11.39 -30.14
C SER F 88 22.65 11.41 -30.08
N LEU F 89 22.12 12.40 -29.37
CA LEU F 89 20.69 12.46 -29.12
C LEU F 89 19.91 12.65 -30.43
N LYS F 90 18.70 12.12 -30.44
CA LYS F 90 17.79 12.22 -31.58
C LYS F 90 16.40 12.56 -31.07
N PRO F 91 15.58 13.22 -31.89
CA PRO F 91 14.22 13.57 -31.43
C PRO F 91 13.44 12.40 -30.88
N GLU F 92 13.62 11.20 -31.43
CA GLU F 92 12.87 10.04 -30.96
C GLU F 92 13.22 9.65 -29.52
N ASP F 93 14.32 10.17 -28.98
CA ASP F 93 14.67 9.94 -27.59
C ASP F 93 13.83 10.76 -26.62
N THR F 94 12.99 11.67 -27.12
CA THR F 94 12.16 12.48 -26.24
C THR F 94 11.21 11.59 -25.47
N ALA F 95 11.25 11.71 -24.14
CA ALA F 95 10.40 10.89 -23.28
C ALA F 95 10.63 11.24 -21.82
N MET F 96 9.89 10.58 -20.92
CA MET F 96 10.13 10.68 -19.49
C MET F 96 11.00 9.51 -19.07
N TYR F 97 12.24 9.81 -18.69
CA TYR F 97 13.20 8.79 -18.27
C TYR F 97 13.06 8.58 -16.77
N VAL F 98 12.76 7.35 -16.36
CA VAL F 98 12.49 7.02 -14.97
C VAL F 98 13.48 5.97 -14.50
N CYS F 99 13.92 6.11 -13.26
CA CYS F 99 14.85 5.18 -12.64
C CYS F 99 14.09 4.07 -11.92
N ASN F 100 14.69 2.87 -11.91
CA ASN F 100 14.06 1.73 -11.28
C ASN F 100 15.14 0.85 -10.66
N ALA F 101 14.82 0.26 -9.51
CA ALA F 101 15.72 -0.61 -8.77
C ALA F 101 15.05 -1.96 -8.56
N GLY F 102 15.73 -3.03 -8.96
CA GLY F 102 15.30 -4.38 -8.65
C GLY F 102 16.14 -4.96 -7.53
N ILE F 103 15.54 -5.20 -6.37
CA ILE F 103 16.27 -5.47 -5.14
C ILE F 103 16.03 -6.93 -4.74
N PHE F 104 17.12 -7.67 -4.55
CA PHE F 104 17.08 -9.08 -4.18
C PHE F 104 17.58 -9.24 -2.74
N ASP F 105 16.65 -9.39 -1.81
CA ASP F 105 17.00 -9.80 -0.45
C ASP F 105 15.74 -10.18 0.32
N GLY F 106 15.70 -11.39 0.85
CA GLY F 106 14.49 -11.92 1.44
C GLY F 106 13.47 -12.21 0.35
N ASN F 107 12.88 -11.15 -0.19
CA ASN F 107 11.99 -11.24 -1.35
C ASN F 107 12.45 -10.23 -2.39
N TYR F 108 11.85 -10.33 -3.58
CA TYR F 108 12.14 -9.38 -4.65
C TYR F 108 11.21 -8.18 -4.52
N ARG F 109 11.80 -6.99 -4.53
CA ARG F 109 11.06 -5.74 -4.46
C ARG F 109 11.61 -4.79 -5.50
N THR F 110 10.75 -3.98 -6.10
CA THR F 110 11.15 -3.01 -7.10
C THR F 110 10.49 -1.67 -6.82
N TYR F 111 11.19 -0.59 -7.17
CA TYR F 111 10.73 0.77 -6.89
C TYR F 111 11.03 1.66 -8.09
N TRP F 112 10.14 2.62 -8.32
CA TRP F 112 10.24 3.54 -9.44
C TRP F 112 10.42 4.96 -8.97
N GLY F 113 11.15 5.75 -9.75
CA GLY F 113 11.29 7.16 -9.50
C GLY F 113 10.17 7.97 -10.14
N GLN F 114 10.21 9.28 -9.87
CA GLN F 114 9.19 10.17 -10.41
C GLN F 114 9.36 10.39 -11.90
N GLY F 115 10.59 10.33 -12.39
CA GLY F 115 10.87 10.56 -13.79
C GLY F 115 11.49 11.92 -14.03
N THR F 116 12.28 12.01 -15.10
CA THR F 116 12.87 13.26 -15.55
C THR F 116 12.65 13.38 -17.05
N GLN F 117 12.09 14.51 -17.47
CA GLN F 117 11.78 14.72 -18.88
C GLN F 117 13.03 15.04 -19.67
N VAL F 118 13.15 14.41 -20.83
CA VAL F 118 14.21 14.69 -21.79
C VAL F 118 13.54 15.04 -23.11
N THR F 119 13.83 16.24 -23.63
CA THR F 119 13.24 16.73 -24.87
C THR F 119 14.36 17.06 -25.85
N VAL F 120 14.33 16.42 -27.01
CA VAL F 120 15.30 16.66 -28.08
C VAL F 120 14.55 17.31 -29.23
N SER F 121 14.83 18.58 -29.49
CA SER F 121 14.13 19.32 -30.53
C SER F 121 14.51 18.80 -31.92
N SER G 9 59.87 -24.14 18.27
CA SER G 9 60.43 -24.87 17.13
C SER G 9 59.57 -24.69 15.89
N SER G 10 60.22 -24.36 14.77
CA SER G 10 59.48 -24.18 13.52
C SER G 10 58.90 -25.49 13.01
N LEU G 11 59.65 -26.59 13.16
CA LEU G 11 59.19 -27.86 12.62
C LEU G 11 57.95 -28.37 13.36
N THR G 12 57.85 -28.11 14.66
CA THR G 12 56.67 -28.52 15.42
C THR G 12 55.53 -27.52 15.33
N MET G 13 55.81 -26.26 15.00
CA MET G 13 54.74 -25.31 14.71
C MET G 13 54.09 -25.61 13.36
N LEU G 14 54.84 -26.24 12.45
CA LEU G 14 54.26 -26.73 11.20
C LEU G 14 53.19 -27.78 11.50
N ASN G 15 53.58 -28.84 12.23
CA ASN G 15 52.59 -29.64 12.93
C ASN G 15 51.83 -28.70 13.86
N ASP G 16 50.67 -29.11 14.35
CA ASP G 16 49.73 -28.20 14.99
C ASP G 16 48.97 -27.44 13.90
N THR G 17 49.69 -26.61 13.14
CA THR G 17 49.06 -25.92 12.01
C THR G 17 48.48 -26.93 11.02
N LEU G 18 49.26 -27.96 10.67
CA LEU G 18 48.72 -29.03 9.85
C LEU G 18 47.59 -29.75 10.55
N HIS G 19 47.72 -29.93 11.88
CA HIS G 19 46.65 -30.58 12.64
C HIS G 19 45.42 -29.69 12.72
N ASN G 20 45.61 -28.39 12.94
CA ASN G 20 44.48 -27.47 12.98
C ASN G 20 43.75 -27.41 11.65
N ILE G 21 44.46 -27.69 10.55
CA ILE G 21 43.81 -27.73 9.23
C ILE G 21 42.87 -28.94 9.16
N ARG G 22 43.28 -30.08 9.73
CA ARG G 22 42.41 -31.24 9.72
C ARG G 22 41.25 -31.08 10.71
N THR G 23 41.48 -30.37 11.82
CA THR G 23 40.40 -29.99 12.72
C THR G 23 39.72 -28.73 12.17
N THR G 24 39.19 -28.88 10.95
CA THR G 24 38.54 -27.81 10.22
C THR G 24 37.99 -28.41 8.93
N ASN G 25 38.81 -29.24 8.27
CA ASN G 25 38.30 -30.11 7.23
C ASN G 25 37.17 -30.98 7.78
N GLN G 26 37.27 -31.38 9.05
CA GLN G 26 36.21 -32.14 9.69
C GLN G 26 34.90 -31.36 9.68
N ALA G 27 34.92 -30.16 10.27
CA ALA G 27 33.70 -29.34 10.30
C ALA G 27 33.22 -29.00 8.90
N LEU G 28 34.15 -28.75 7.99
CA LEU G 28 33.77 -28.46 6.60
C LEU G 28 33.04 -29.64 5.98
N LYS G 29 33.59 -30.84 6.11
CA LYS G 29 32.95 -32.03 5.56
C LYS G 29 31.55 -32.22 6.12
N LYS G 30 31.39 -32.02 7.44
CA LYS G 30 30.07 -32.18 8.06
C LYS G 30 29.06 -31.23 7.44
N GLU G 31 29.48 -30.00 7.12
CA GLU G 31 28.56 -29.02 6.55
C GLU G 31 28.29 -29.28 5.07
N LEU G 32 29.25 -29.88 4.36
CA LEU G 32 29.04 -30.23 2.97
C LEU G 32 28.28 -31.56 2.81
N SER G 33 27.84 -32.16 3.91
CA SER G 33 27.00 -33.36 3.85
C SER G 33 25.52 -33.02 3.80
N GLN G 34 25.14 -31.81 4.19
CA GLN G 34 23.74 -31.40 4.12
C GLN G 34 23.22 -31.50 2.70
N LYS G 35 22.00 -32.01 2.56
CA LYS G 35 21.36 -32.12 1.25
C LYS G 35 20.70 -30.82 0.80
N THR G 36 20.78 -29.77 1.61
CA THR G 36 20.20 -28.48 1.24
C THR G 36 20.79 -27.37 2.08
N LEU G 42 26.45 -20.68 4.39
CA LEU G 42 27.31 -19.97 3.45
C LEU G 42 28.31 -19.10 4.19
N GLU G 43 27.87 -18.49 5.30
CA GLU G 43 28.77 -17.77 6.18
C GLU G 43 29.50 -18.69 7.14
N GLU G 44 28.93 -19.86 7.43
CA GLU G 44 29.60 -20.83 8.29
C GLU G 44 30.68 -21.59 7.53
N ILE G 45 30.40 -21.99 6.29
CA ILE G 45 31.44 -22.57 5.44
C ILE G 45 32.55 -21.57 5.20
N ALA G 46 32.20 -20.39 4.67
CA ALA G 46 33.18 -19.35 4.39
C ALA G 46 34.11 -19.12 5.57
N LEU G 47 33.61 -19.33 6.79
CA LEU G 47 34.47 -19.22 7.96
C LEU G 47 35.45 -20.39 8.03
N HIS G 48 34.96 -21.61 7.80
CA HIS G 48 35.82 -22.78 7.83
C HIS G 48 36.87 -22.71 6.74
N SER G 49 36.46 -22.41 5.51
CA SER G 49 37.42 -22.30 4.41
C SER G 49 38.34 -21.11 4.59
N SER G 50 37.86 -20.04 5.22
CA SER G 50 38.71 -18.91 5.55
C SER G 50 39.79 -19.31 6.56
N GLN G 51 39.43 -20.18 7.50
CA GLN G 51 40.40 -20.65 8.49
C GLN G 51 41.42 -21.58 7.86
N ILE G 52 40.99 -22.41 6.90
CA ILE G 52 41.92 -23.27 6.18
C ILE G 52 42.98 -22.43 5.46
N SER G 53 42.53 -21.39 4.76
CA SER G 53 43.47 -20.53 4.05
C SER G 53 44.42 -19.84 5.02
N MET G 54 43.91 -19.47 6.21
CA MET G 54 44.77 -18.86 7.22
C MET G 54 45.91 -19.79 7.60
N ASP G 55 45.62 -21.08 7.79
CA ASP G 55 46.64 -22.04 8.20
C ASP G 55 47.51 -22.48 7.03
N VAL G 56 46.96 -22.51 5.81
CA VAL G 56 47.78 -22.84 4.64
C VAL G 56 48.83 -21.77 4.41
N ASN G 57 48.46 -20.50 4.58
CA ASN G 57 49.45 -19.43 4.49
C ASN G 57 50.52 -19.59 5.56
N LYS G 58 50.11 -19.94 6.77
CA LYS G 58 51.07 -20.18 7.85
C LYS G 58 51.93 -21.40 7.55
N SER G 59 51.30 -22.49 7.10
CA SER G 59 52.04 -23.69 6.76
C SER G 59 53.06 -23.43 5.66
N ALA G 60 52.67 -22.65 4.65
CA ALA G 60 53.58 -22.36 3.55
C ALA G 60 54.79 -21.56 4.04
N GLN G 61 54.56 -20.58 4.92
CA GLN G 61 55.66 -19.81 5.48
C GLN G 61 56.63 -20.72 6.22
N LEU G 62 56.10 -21.57 7.11
CA LEU G 62 56.97 -22.48 7.86
C LEU G 62 57.73 -23.41 6.94
N LEU G 63 57.05 -23.96 5.92
CA LEU G 63 57.74 -24.80 4.95
C LEU G 63 58.82 -24.01 4.22
N ASP G 64 58.53 -22.76 3.85
CA ASP G 64 59.53 -21.93 3.22
C ASP G 64 60.71 -21.66 4.16
N ILE G 65 60.42 -21.46 5.45
CA ILE G 65 61.49 -21.31 6.44
C ILE G 65 62.39 -22.53 6.44
N LEU G 66 61.79 -23.73 6.42
CA LEU G 66 62.58 -24.95 6.37
C LEU G 66 63.38 -25.04 5.08
N SER G 67 62.81 -24.55 3.97
CA SER G 67 63.53 -24.56 2.70
C SER G 67 64.78 -23.69 2.77
N ARG G 68 64.62 -22.45 3.23
CA ARG G 68 65.75 -21.51 3.22
C ARG G 68 66.77 -21.86 4.30
N ASN G 69 66.35 -22.53 5.38
CA ASN G 69 67.29 -23.02 6.37
C ASN G 69 67.89 -24.36 6.00
N GLU G 70 67.48 -24.95 4.87
CA GLU G 70 68.05 -26.21 4.39
C GLU G 70 67.94 -27.30 5.46
N TYR G 71 66.84 -27.29 6.20
CA TYR G 71 66.58 -28.34 7.17
C TYR G 71 66.49 -29.68 6.44
N PRO G 72 67.12 -30.73 6.97
CA PRO G 72 67.19 -31.99 6.21
C PRO G 72 65.92 -32.82 6.29
N ILE G 73 65.67 -33.57 5.21
CA ILE G 73 64.57 -34.52 5.13
C ILE G 73 65.17 -35.90 4.96
N ASN G 74 64.74 -36.84 5.79
CA ASN G 74 65.54 -38.02 6.12
C ASN G 74 65.06 -39.26 5.37
N LYS G 75 65.28 -39.25 4.05
CA LYS G 75 65.09 -40.44 3.22
C LYS G 75 63.78 -41.16 3.51
N ASP G 76 63.63 -41.68 4.73
CA ASP G 76 62.35 -42.24 5.17
C ASP G 76 61.21 -41.29 4.83
N ALA G 77 61.31 -40.05 5.30
CA ALA G 77 60.24 -39.08 5.07
C ALA G 77 60.01 -38.85 3.57
N ARG G 78 61.09 -38.76 2.80
CA ARG G 78 60.95 -38.47 1.37
C ARG G 78 60.18 -39.56 0.63
N GLU G 79 60.15 -40.78 1.16
CA GLU G 79 59.36 -41.84 0.55
C GLU G 79 57.88 -41.75 0.94
N LEU G 80 57.59 -41.19 2.11
CA LEU G 80 56.19 -41.01 2.51
C LEU G 80 55.46 -40.07 1.56
N LEU G 81 56.17 -39.11 0.96
CA LEU G 81 55.55 -38.13 0.09
C LEU G 81 55.09 -38.73 -1.24
N HIS G 82 55.54 -39.93 -1.58
CA HIS G 82 55.05 -40.59 -2.80
C HIS G 82 53.61 -41.06 -2.64
N SER G 83 53.10 -41.13 -1.42
CA SER G 83 51.70 -41.47 -1.17
C SER G 83 50.80 -40.25 -1.19
N ALA G 84 51.32 -39.09 -1.60
CA ALA G 84 50.49 -37.89 -1.68
C ALA G 84 49.52 -38.01 -2.87
N PRO G 85 48.37 -37.35 -2.80
CA PRO G 85 47.42 -37.43 -3.91
C PRO G 85 48.02 -36.89 -5.21
N LYS G 86 47.54 -37.45 -6.33
CA LYS G 86 48.00 -36.99 -7.63
C LYS G 86 47.73 -35.50 -7.81
N GLU G 87 46.61 -35.00 -7.26
CA GLU G 87 46.28 -33.60 -7.41
C GLU G 87 47.31 -32.68 -6.77
N ALA G 88 48.08 -33.19 -5.80
CA ALA G 88 49.12 -32.38 -5.17
C ALA G 88 50.26 -32.07 -6.12
N GLU G 89 50.41 -32.84 -7.20
CA GLU G 89 51.50 -32.67 -8.16
C GLU G 89 52.83 -32.50 -7.43
N LEU G 90 53.14 -33.50 -6.62
CA LEU G 90 54.30 -33.47 -5.74
C LEU G 90 55.31 -34.50 -6.24
N ASP G 91 56.44 -34.02 -6.78
CA ASP G 91 57.46 -34.90 -7.33
C ASP G 91 58.39 -35.36 -6.20
N GLY G 92 58.34 -36.65 -5.90
CA GLY G 92 59.24 -37.23 -4.93
C GLY G 92 60.51 -37.72 -5.58
N ASP G 93 61.65 -37.30 -5.03
CA ASP G 93 62.94 -37.67 -5.60
C ASP G 93 63.95 -37.80 -4.47
N GLN G 94 64.90 -38.71 -4.65
CA GLN G 94 66.00 -38.90 -3.70
C GLN G 94 67.21 -38.06 -4.03
N MET G 95 67.25 -37.43 -5.21
CA MET G 95 68.37 -36.59 -5.61
C MET G 95 68.08 -35.11 -5.49
N ILE G 96 66.80 -34.72 -5.43
CA ILE G 96 66.46 -33.33 -5.15
C ILE G 96 67.04 -32.92 -3.79
N SER G 97 67.41 -31.66 -3.67
CA SER G 97 68.00 -31.16 -2.45
C SER G 97 66.93 -30.93 -1.37
N HIS G 98 67.39 -30.84 -0.12
CA HIS G 98 66.49 -30.49 0.97
C HIS G 98 65.82 -29.16 0.71
N ARG G 99 66.60 -28.15 0.34
CA ARG G 99 66.06 -26.82 0.06
C ARG G 99 64.97 -26.89 -1.01
N GLU G 100 65.24 -27.61 -2.10
CA GLU G 100 64.29 -27.67 -3.20
C GLU G 100 63.05 -28.47 -2.84
N LEU G 101 63.16 -29.40 -1.88
CA LEU G 101 62.02 -30.27 -1.58
C LEU G 101 61.06 -29.61 -0.60
N TRP G 102 61.57 -28.86 0.39
CA TRP G 102 60.68 -28.07 1.23
C TRP G 102 59.92 -27.04 0.42
N ALA G 103 60.61 -26.36 -0.50
CA ALA G 103 59.93 -25.44 -1.40
C ALA G 103 58.89 -26.17 -2.23
N LYS G 104 59.22 -27.36 -2.72
CA LYS G 104 58.26 -28.14 -3.49
C LYS G 104 57.01 -28.43 -2.67
N ILE G 105 57.17 -28.66 -1.37
CA ILE G 105 56.03 -28.92 -0.50
C ILE G 105 55.28 -27.63 -0.21
N ALA G 106 56.01 -26.55 0.10
CA ALA G 106 55.35 -25.26 0.29
C ALA G 106 54.50 -24.90 -0.91
N ASN G 107 55.04 -25.09 -2.12
CA ASN G 107 54.26 -24.83 -3.32
C ASN G 107 53.06 -25.76 -3.42
N SER G 108 53.25 -27.03 -3.06
CA SER G 108 52.19 -28.03 -3.25
C SER G 108 50.96 -27.69 -2.42
N ILE G 109 51.15 -27.47 -1.11
CA ILE G 109 50.00 -27.19 -0.25
C ILE G 109 49.40 -25.83 -0.56
N ASN G 110 50.24 -24.86 -0.95
CA ASN G 110 49.72 -23.54 -1.31
C ASN G 110 48.99 -23.58 -2.64
N ASP G 111 49.54 -24.31 -3.62
CA ASP G 111 48.94 -24.31 -4.95
C ASP G 111 47.64 -25.10 -4.97
N ILE G 112 47.55 -26.19 -4.19
CA ILE G 112 46.32 -26.97 -4.19
C ILE G 112 45.19 -26.22 -3.52
N ASN G 113 45.50 -25.23 -2.68
CA ASN G 113 44.44 -24.41 -2.08
C ASN G 113 43.94 -23.35 -3.06
N GLU G 114 44.86 -22.70 -3.78
CA GLU G 114 44.49 -21.60 -4.66
C GLU G 114 43.90 -22.09 -5.98
N GLN G 115 44.46 -23.15 -6.55
CA GLN G 115 44.11 -23.60 -7.90
C GLN G 115 43.15 -24.77 -7.92
N TYR G 116 42.66 -25.21 -6.76
CA TYR G 116 41.80 -26.38 -6.69
C TYR G 116 40.74 -26.21 -5.62
N LEU G 117 41.17 -26.11 -4.36
CA LEU G 117 40.23 -26.04 -3.25
C LEU G 117 39.41 -24.75 -3.30
N LYS G 118 40.09 -23.60 -3.44
CA LYS G 118 39.38 -22.33 -3.50
C LYS G 118 38.53 -22.20 -4.76
N VAL G 119 38.88 -22.91 -5.83
CA VAL G 119 38.08 -22.86 -7.05
C VAL G 119 36.70 -23.45 -6.80
N TYR G 120 36.65 -24.70 -6.32
CA TYR G 120 35.37 -25.30 -5.98
C TYR G 120 34.59 -24.44 -5.00
N GLU G 121 35.30 -23.85 -4.03
CA GLU G 121 34.63 -23.04 -3.02
C GLU G 121 33.95 -21.83 -3.64
N HIS G 122 34.63 -21.17 -4.58
CA HIS G 122 34.04 -19.99 -5.21
C HIS G 122 32.88 -20.37 -6.12
N ALA G 123 32.99 -21.50 -6.82
CA ALA G 123 31.88 -21.98 -7.64
C ALA G 123 30.64 -22.22 -6.78
N VAL G 124 30.81 -22.89 -5.64
CA VAL G 124 29.70 -23.10 -4.72
C VAL G 124 29.16 -21.76 -4.23
N SER G 125 30.06 -20.85 -3.85
CA SER G 125 29.62 -19.56 -3.35
C SER G 125 28.89 -18.76 -4.42
N SER G 126 29.43 -18.73 -5.64
CA SER G 126 28.79 -17.98 -6.72
C SER G 126 27.40 -18.54 -7.02
N TYR G 127 27.31 -19.87 -7.21
CA TYR G 127 26.04 -20.46 -7.60
C TYR G 127 25.01 -20.37 -6.48
N THR G 128 25.45 -20.50 -5.23
CA THR G 128 24.53 -20.37 -4.10
C THR G 128 23.87 -19.01 -4.09
N GLN G 129 24.66 -17.93 -4.20
CA GLN G 129 24.09 -16.60 -4.24
C GLN G 129 23.07 -16.47 -5.36
N MET G 130 23.39 -17.01 -6.53
CA MET G 130 22.44 -16.98 -7.63
C MET G 130 21.13 -17.65 -7.23
N TYR G 131 21.21 -18.84 -6.62
CA TYR G 131 19.98 -19.53 -6.21
C TYR G 131 19.28 -18.81 -5.08
N GLN G 132 20.03 -18.19 -4.17
CA GLN G 132 19.40 -17.41 -3.10
C GLN G 132 18.64 -16.22 -3.66
N ASP G 133 19.22 -15.52 -4.64
CA ASP G 133 18.50 -14.42 -5.26
C ASP G 133 17.29 -14.92 -6.03
N PHE G 134 17.40 -16.09 -6.66
CA PHE G 134 16.23 -16.69 -7.29
C PHE G 134 15.17 -17.04 -6.25
N SER G 135 15.60 -17.57 -5.10
CA SER G 135 14.64 -17.87 -4.04
C SER G 135 13.89 -16.63 -3.59
N ALA G 136 14.57 -15.47 -3.59
CA ALA G 136 13.89 -14.22 -3.29
C ALA G 136 12.79 -13.95 -4.31
N VAL G 137 13.02 -14.29 -5.58
CA VAL G 137 11.99 -14.15 -6.59
C VAL G 137 10.85 -15.13 -6.32
N LEU G 138 11.18 -16.32 -5.82
CA LEU G 138 10.15 -17.25 -5.42
C LEU G 138 9.32 -16.71 -4.25
N SER G 139 9.93 -15.87 -3.41
CA SER G 139 9.22 -15.29 -2.28
C SER G 139 8.21 -14.23 -2.70
N SER G 140 8.24 -13.79 -3.96
CA SER G 140 7.29 -12.83 -4.48
C SER G 140 6.30 -13.46 -5.46
N LEU G 141 6.44 -14.75 -5.75
CA LEU G 141 5.62 -15.37 -6.79
C LEU G 141 4.17 -15.49 -6.36
N ALA G 142 3.92 -15.82 -5.09
CA ALA G 142 2.55 -15.98 -4.63
C ALA G 142 1.74 -14.70 -4.84
N GLY G 143 2.35 -13.54 -4.57
CA GLY G 143 1.65 -12.28 -4.75
C GLY G 143 1.39 -11.95 -6.20
N TRP G 144 2.20 -12.47 -7.11
CA TRP G 144 2.02 -12.26 -8.53
C TRP G 144 0.97 -13.19 -9.13
N ILE G 145 0.29 -13.97 -8.31
CA ILE G 145 -0.74 -14.91 -8.75
C ILE G 145 -2.04 -14.54 -8.04
N SER G 146 -3.12 -14.45 -8.80
CA SER G 146 -4.40 -14.01 -8.27
C SER G 146 -5.53 -14.77 -8.97
N PRO G 147 -6.71 -14.79 -8.38
CA PRO G 147 -7.88 -15.32 -9.10
C PRO G 147 -8.21 -14.43 -10.29
N GLY G 148 -8.38 -15.06 -11.45
CA GLY G 148 -8.66 -14.36 -12.68
C GLY G 148 -9.94 -14.87 -13.33
N GLY G 149 -10.25 -14.26 -14.48
CA GLY G 149 -11.47 -14.63 -15.18
C GLY G 149 -12.69 -14.04 -14.52
N ASN G 150 -13.78 -14.81 -14.50
CA ASN G 150 -15.06 -14.32 -14.01
C ASN G 150 -15.76 -15.25 -13.03
N ASP G 151 -15.13 -16.36 -12.63
CA ASP G 151 -15.79 -17.29 -11.73
C ASP G 151 -14.79 -18.10 -10.91
N GLY G 152 -14.25 -19.16 -11.50
CA GLY G 152 -13.34 -20.04 -10.80
C GLY G 152 -12.53 -20.85 -11.79
N ASN G 153 -11.51 -21.53 -11.26
CA ASN G 153 -10.55 -22.26 -12.08
C ASN G 153 -10.00 -21.36 -13.19
N SER G 154 -9.40 -20.27 -12.75
CA SER G 154 -8.79 -19.30 -13.67
C SER G 154 -7.78 -18.48 -12.88
N VAL G 155 -6.52 -18.54 -13.31
CA VAL G 155 -5.42 -17.91 -12.59
C VAL G 155 -4.94 -16.71 -13.39
N LYS G 156 -4.71 -15.60 -12.70
CA LYS G 156 -4.10 -14.41 -13.28
C LYS G 156 -2.65 -14.34 -12.83
N LEU G 157 -1.73 -14.27 -13.79
CA LEU G 157 -0.31 -14.27 -13.51
C LEU G 157 0.31 -12.96 -13.99
N GLN G 158 1.05 -12.30 -13.10
CA GLN G 158 1.80 -11.08 -13.46
C GLN G 158 3.06 -11.50 -14.20
N VAL G 159 2.89 -11.74 -15.50
CA VAL G 159 3.99 -12.24 -16.32
C VAL G 159 5.13 -11.23 -16.36
N ASN G 160 4.82 -9.98 -16.71
CA ASN G 160 5.87 -8.98 -16.83
C ASN G 160 6.62 -8.82 -15.51
N SER G 161 5.91 -8.82 -14.39
CA SER G 161 6.56 -8.68 -13.09
C SER G 161 7.55 -9.82 -12.85
N LEU G 162 7.17 -11.05 -13.22
CA LEU G 162 8.09 -12.18 -13.06
C LEU G 162 9.23 -12.10 -14.08
N LYS G 163 8.91 -11.77 -15.34
CA LYS G 163 9.96 -11.65 -16.35
C LYS G 163 10.98 -10.59 -15.95
N LYS G 164 10.51 -9.45 -15.42
CA LYS G 164 11.43 -8.39 -15.02
C LYS G 164 12.43 -8.89 -13.98
N ALA G 165 11.95 -9.60 -12.96
CA ALA G 165 12.83 -10.09 -11.91
C ALA G 165 13.84 -11.10 -12.46
N LEU G 166 13.38 -12.02 -13.30
CA LEU G 166 14.28 -13.04 -13.83
C LEU G 166 15.34 -12.44 -14.75
N GLU G 167 14.94 -11.51 -15.61
CA GLU G 167 15.92 -10.84 -16.46
C GLU G 167 16.95 -10.11 -15.62
N GLU G 168 16.52 -9.53 -14.50
CA GLU G 168 17.47 -8.84 -13.61
C GLU G 168 18.34 -9.83 -12.85
N LEU G 169 17.82 -11.03 -12.55
CA LEU G 169 18.64 -12.05 -11.95
C LEU G 169 19.81 -12.42 -12.85
N LYS G 170 19.55 -12.57 -14.16
CA LYS G 170 20.62 -12.83 -15.12
C LYS G 170 21.65 -11.71 -15.11
N GLU G 171 21.18 -10.47 -15.20
CA GLU G 171 22.10 -9.33 -15.21
C GLU G 171 22.94 -9.28 -13.93
N LYS G 172 22.37 -9.73 -12.81
CA LYS G 172 23.10 -9.68 -11.54
C LYS G 172 24.26 -10.66 -11.49
N TYR G 173 24.25 -11.69 -12.34
CA TYR G 173 25.31 -12.69 -12.37
C TYR G 173 25.95 -12.82 -13.73
N LYS G 174 25.70 -11.88 -14.64
CA LYS G 174 26.35 -11.89 -15.95
C LYS G 174 27.86 -11.69 -15.84
N ASP G 175 28.31 -11.00 -14.78
CA ASP G 175 29.73 -10.69 -14.60
C ASP G 175 30.33 -11.41 -13.39
N LYS G 176 29.64 -12.43 -12.85
CA LYS G 176 30.13 -13.20 -11.71
C LYS G 176 30.34 -14.64 -12.17
N PRO G 177 31.53 -14.97 -12.69
CA PRO G 177 31.75 -16.33 -13.19
C PRO G 177 31.84 -17.34 -12.05
N LEU G 178 31.61 -18.61 -12.41
CA LEU G 178 31.95 -19.71 -11.51
C LEU G 178 33.46 -19.76 -11.28
N TYR G 179 34.23 -19.55 -12.35
CA TYR G 179 35.67 -19.64 -12.29
C TYR G 179 36.22 -18.89 -13.49
N PRO G 180 37.26 -18.05 -13.34
CA PRO G 180 37.93 -17.67 -12.09
C PRO G 180 37.26 -16.49 -11.41
N ALA G 181 37.44 -16.38 -10.08
CA ALA G 181 36.90 -15.24 -9.35
C ALA G 181 37.53 -13.93 -9.78
N ASN G 182 38.74 -13.97 -10.32
CA ASN G 182 39.44 -12.78 -10.77
C ASN G 182 40.15 -13.09 -12.08
N ASN G 183 40.24 -12.10 -12.96
CA ASN G 183 40.96 -12.23 -14.22
C ASN G 183 40.30 -13.25 -15.14
N THR G 184 41.04 -13.70 -16.16
CA THR G 184 40.56 -14.64 -17.15
C THR G 184 41.59 -15.76 -17.31
N VAL G 185 41.27 -16.73 -18.15
CA VAL G 185 42.15 -17.86 -18.43
C VAL G 185 42.00 -18.25 -19.89
N SER G 186 42.98 -19.01 -20.37
CA SER G 186 42.94 -19.51 -21.74
C SER G 186 41.66 -20.31 -21.96
N GLN G 187 41.21 -20.36 -23.21
CA GLN G 187 40.04 -21.16 -23.55
C GLN G 187 40.24 -22.61 -23.12
N GLU G 188 41.45 -23.12 -23.28
CA GLU G 188 41.74 -24.50 -22.88
C GLU G 188 41.52 -24.69 -21.39
N GLN G 189 42.02 -23.76 -20.57
CA GLN G 189 41.87 -23.87 -19.12
C GLN G 189 40.41 -23.76 -18.71
N ALA G 190 39.65 -22.88 -19.36
CA ALA G 190 38.24 -22.72 -19.02
C ALA G 190 37.44 -23.98 -19.30
N ASN G 191 37.77 -24.68 -20.39
CA ASN G 191 37.04 -25.90 -20.72
C ASN G 191 37.42 -27.05 -19.78
N LYS G 192 38.69 -27.11 -19.37
CA LYS G 192 39.09 -28.12 -18.40
C LYS G 192 38.24 -28.02 -17.14
N TRP G 193 37.99 -26.80 -16.67
CA TRP G 193 37.19 -26.62 -15.47
C TRP G 193 35.69 -26.73 -15.74
N LEU G 194 35.25 -26.41 -16.96
CA LEU G 194 33.86 -26.66 -17.31
C LEU G 194 33.54 -28.15 -17.22
N THR G 195 34.39 -28.98 -17.83
CA THR G 195 34.24 -30.43 -17.69
C THR G 195 34.26 -30.86 -16.24
N GLU G 196 35.20 -30.30 -15.47
CA GLU G 196 35.36 -30.71 -14.07
C GLU G 196 34.14 -30.34 -13.24
N LEU G 197 33.60 -29.14 -13.45
CA LEU G 197 32.46 -28.69 -12.64
C LEU G 197 31.17 -29.42 -13.02
N GLY G 198 31.08 -29.90 -14.25
CA GLY G 198 29.89 -30.62 -14.68
C GLY G 198 29.67 -30.59 -16.17
N GLY G 199 29.61 -29.38 -16.73
CA GLY G 199 29.36 -29.21 -18.15
C GLY G 199 28.10 -28.42 -18.43
N THR G 200 27.07 -28.61 -17.60
CA THR G 200 25.82 -27.89 -17.72
C THR G 200 25.62 -26.82 -16.65
N ILE G 201 26.38 -26.87 -15.56
CA ILE G 201 26.30 -25.82 -14.55
C ILE G 201 27.01 -24.55 -15.01
N GLY G 202 27.94 -24.65 -15.95
CA GLY G 202 28.68 -23.50 -16.43
C GLY G 202 28.64 -23.41 -17.94
N LYS G 203 29.25 -22.34 -18.44
CA LYS G 203 29.33 -22.07 -19.88
C LYS G 203 30.54 -21.20 -20.15
N VAL G 204 31.40 -21.63 -21.08
CA VAL G 204 32.60 -20.87 -21.41
C VAL G 204 32.21 -19.63 -22.21
N SER G 205 32.74 -18.49 -21.81
CA SER G 205 32.45 -17.22 -22.47
C SER G 205 33.72 -16.39 -22.58
N GLN G 206 33.77 -15.54 -23.59
CA GLN G 206 34.89 -14.64 -23.77
C GLN G 206 34.80 -13.46 -22.81
N LYS G 207 35.93 -13.08 -22.24
CA LYS G 207 36.05 -11.84 -21.47
C LYS G 207 37.23 -11.07 -22.06
N ASN G 208 36.92 -10.15 -22.96
CA ASN G 208 37.93 -9.45 -23.75
C ASN G 208 38.98 -10.42 -24.29
N GLY G 209 40.12 -10.53 -23.62
CA GLY G 209 41.23 -11.31 -24.14
C GLY G 209 41.17 -12.79 -23.80
N GLY G 210 40.70 -13.12 -22.60
CA GLY G 210 40.69 -14.49 -22.12
C GLY G 210 39.29 -15.08 -22.06
N TYR G 211 39.15 -16.10 -21.22
CA TYR G 211 37.91 -16.85 -21.10
C TYR G 211 37.61 -17.12 -19.64
N VAL G 212 36.32 -17.26 -19.33
CA VAL G 212 35.86 -17.61 -18.00
C VAL G 212 34.84 -18.72 -18.13
N VAL G 213 34.48 -19.31 -16.98
CA VAL G 213 33.39 -20.27 -16.92
C VAL G 213 32.21 -19.58 -16.25
N SER G 214 31.37 -18.92 -17.05
CA SER G 214 30.23 -18.21 -16.52
C SER G 214 29.20 -19.18 -15.94
N ILE G 215 28.36 -18.67 -15.05
CA ILE G 215 27.23 -19.43 -14.55
C ILE G 215 26.26 -19.69 -15.70
N ASN G 216 25.87 -20.94 -15.89
CA ASN G 216 24.91 -21.30 -16.92
C ASN G 216 23.51 -20.94 -16.44
N MET G 217 22.90 -19.94 -17.06
CA MET G 217 21.58 -19.48 -16.70
C MET G 217 20.50 -20.02 -17.64
N THR G 218 20.78 -21.10 -18.35
CA THR G 218 19.77 -21.75 -19.18
C THR G 218 18.48 -22.02 -18.44
N PRO G 219 18.48 -22.49 -17.17
CA PRO G 219 17.20 -22.67 -16.49
C PRO G 219 16.35 -21.42 -16.46
N ILE G 220 16.96 -20.26 -16.19
CA ILE G 220 16.21 -19.01 -16.17
C ILE G 220 15.76 -18.66 -17.59
N ASP G 221 16.61 -18.88 -18.58
CA ASP G 221 16.21 -18.64 -19.97
C ASP G 221 15.01 -19.48 -20.35
N ASN G 222 14.97 -20.73 -19.89
CA ASN G 222 13.81 -21.58 -20.14
C ASN G 222 12.56 -21.00 -19.49
N MET G 223 12.67 -20.55 -18.25
CA MET G 223 11.53 -19.92 -17.58
C MET G 223 11.00 -18.75 -18.39
N LEU G 224 11.90 -17.93 -18.95
CA LEU G 224 11.47 -16.75 -19.70
C LEU G 224 10.81 -17.16 -21.01
N LYS G 225 11.35 -18.15 -21.71
CA LYS G 225 10.73 -18.61 -22.95
C LYS G 225 9.34 -19.14 -22.69
N SER G 226 9.15 -19.89 -21.60
CA SER G 226 7.83 -20.41 -21.28
C SER G 226 6.87 -19.29 -20.93
N LEU G 227 7.34 -18.28 -20.19
CA LEU G 227 6.47 -17.15 -19.85
C LEU G 227 6.02 -16.40 -21.10
N ASP G 228 6.95 -16.17 -22.05
CA ASP G 228 6.58 -15.53 -23.30
C ASP G 228 5.58 -16.37 -24.09
N ASN G 229 5.67 -17.70 -23.98
CA ASN G 229 4.74 -18.59 -24.68
C ASN G 229 3.35 -18.60 -24.05
N LEU G 230 3.17 -18.01 -22.87
CA LEU G 230 1.85 -17.98 -22.26
C LEU G 230 0.91 -17.00 -22.96
N GLY G 231 1.44 -16.08 -23.74
CA GLY G 231 0.60 -15.13 -24.45
C GLY G 231 0.25 -13.94 -23.59
N GLY G 232 -0.74 -13.18 -24.07
CA GLY G 232 -1.07 -11.92 -23.43
C GLY G 232 0.15 -11.02 -23.36
N ASN G 233 -0.03 -9.89 -22.68
CA ASN G 233 1.08 -8.97 -22.44
C ASN G 233 0.79 -8.18 -21.18
N GLY G 234 1.71 -8.27 -20.22
CA GLY G 234 1.49 -7.70 -18.90
C GLY G 234 0.97 -8.76 -17.96
N GLU G 235 -0.33 -9.02 -18.04
CA GLU G 235 -0.98 -10.08 -17.29
C GLU G 235 -1.57 -11.09 -18.26
N VAL G 236 -1.57 -12.35 -17.86
CA VAL G 236 -2.23 -13.42 -18.61
C VAL G 236 -3.19 -14.13 -17.67
N VAL G 237 -4.34 -14.51 -18.20
CA VAL G 237 -5.31 -15.33 -17.48
C VAL G 237 -5.23 -16.74 -18.04
N LEU G 238 -5.06 -17.72 -17.16
CA LEU G 238 -4.92 -19.11 -17.54
C LEU G 238 -6.00 -19.92 -16.84
N ASP G 239 -6.67 -20.80 -17.58
CA ASP G 239 -7.49 -21.80 -16.92
C ASP G 239 -6.58 -22.69 -16.07
N ASN G 240 -7.19 -23.33 -15.07
CA ASN G 240 -6.40 -24.10 -14.09
C ASN G 240 -5.49 -25.10 -14.78
N ALA G 241 -5.93 -25.69 -15.89
CA ALA G 241 -5.11 -26.70 -16.56
C ALA G 241 -3.83 -26.08 -17.12
N LYS G 242 -3.95 -24.97 -17.85
CA LYS G 242 -2.78 -24.32 -18.41
C LYS G 242 -1.85 -23.81 -17.31
N TYR G 243 -2.39 -23.41 -16.17
CA TYR G 243 -1.56 -22.91 -15.09
C TYR G 243 -0.79 -24.04 -14.42
N GLN G 244 -1.48 -25.14 -14.07
CA GLN G 244 -0.81 -26.27 -13.45
C GLN G 244 0.32 -26.78 -14.32
N ALA G 245 0.13 -26.74 -15.64
CA ALA G 245 1.20 -27.17 -16.55
C ALA G 245 2.37 -26.19 -16.50
N TRP G 246 2.08 -24.89 -16.53
CA TRP G 246 3.17 -23.91 -16.45
C TRP G 246 3.93 -24.05 -15.14
N ASN G 247 3.20 -24.17 -14.02
CA ASN G 247 3.86 -24.25 -12.72
C ASN G 247 4.69 -25.53 -12.60
N ALA G 248 4.29 -26.59 -13.29
CA ALA G 248 5.08 -27.82 -13.27
C ALA G 248 6.40 -27.64 -14.01
N GLY G 249 6.37 -26.96 -15.16
CA GLY G 249 7.60 -26.68 -15.88
C GLY G 249 8.49 -25.69 -15.17
N PHE G 250 7.88 -24.72 -14.47
CA PHE G 250 8.66 -23.74 -13.72
C PHE G 250 9.35 -24.39 -12.53
N SER G 251 8.65 -25.28 -11.82
CA SER G 251 9.24 -25.95 -10.68
C SER G 251 10.33 -26.93 -11.11
N ALA G 252 10.20 -27.52 -12.30
CA ALA G 252 11.23 -28.42 -12.79
C ALA G 252 12.54 -27.69 -13.06
N GLU G 253 12.45 -26.46 -13.58
CA GLU G 253 13.66 -25.65 -13.76
C GLU G 253 14.25 -25.27 -12.41
N ASP G 254 13.39 -25.01 -11.42
CA ASP G 254 13.87 -24.75 -10.06
C ASP G 254 14.64 -25.95 -9.52
N GLU G 255 14.14 -27.16 -9.78
CA GLU G 255 14.81 -28.36 -9.28
C GLU G 255 16.14 -28.58 -9.97
N THR G 256 16.23 -28.26 -11.26
CA THR G 256 17.50 -28.35 -11.97
C THR G 256 18.58 -27.54 -11.25
N MET G 257 18.24 -26.33 -10.82
CA MET G 257 19.22 -25.50 -10.13
C MET G 257 19.55 -26.07 -8.76
N LYS G 258 18.57 -26.63 -8.06
CA LYS G 258 18.84 -27.30 -6.80
C LYS G 258 19.83 -28.44 -6.99
N ASN G 259 19.58 -29.30 -8.00
CA ASN G 259 20.49 -30.40 -8.27
C ASN G 259 21.89 -29.88 -8.57
N ASN G 260 22.01 -28.91 -9.49
CA ASN G 260 23.30 -28.36 -9.83
C ASN G 260 24.07 -27.93 -8.58
N LEU G 261 23.40 -27.19 -7.69
CA LEU G 261 24.07 -26.74 -6.47
C LEU G 261 24.51 -27.93 -5.63
N GLN G 262 23.66 -28.95 -5.49
CA GLN G 262 24.02 -30.13 -4.73
C GLN G 262 25.21 -30.84 -5.36
N THR G 263 25.28 -30.85 -6.69
CA THR G 263 26.43 -31.44 -7.37
C THR G 263 27.71 -30.70 -7.02
N LEU G 264 27.68 -29.37 -7.09
CA LEU G 264 28.87 -28.58 -6.77
C LEU G 264 29.30 -28.82 -5.33
N VAL G 265 28.34 -28.81 -4.39
CA VAL G 265 28.67 -29.07 -3.00
C VAL G 265 29.37 -30.41 -2.85
N GLN G 266 28.94 -31.41 -3.64
CA GLN G 266 29.54 -32.73 -3.54
C GLN G 266 30.96 -32.73 -4.10
N LYS G 267 31.16 -32.05 -5.24
CA LYS G 267 32.50 -31.96 -5.80
C LYS G 267 33.43 -31.17 -4.90
N TYR G 268 32.94 -30.09 -4.29
CA TYR G 268 33.73 -29.36 -3.30
C TYR G 268 34.07 -30.25 -2.11
N SER G 269 33.13 -31.13 -1.73
CA SER G 269 33.38 -32.03 -0.60
C SER G 269 34.47 -33.04 -0.95
N ASN G 270 34.38 -33.65 -2.13
CA ASN G 270 35.42 -34.58 -2.56
C ASN G 270 36.76 -33.88 -2.64
N ALA G 271 36.78 -32.64 -3.14
CA ALA G 271 38.03 -31.90 -3.26
C ALA G 271 38.67 -31.67 -1.89
N ASN G 272 37.84 -31.43 -0.87
CA ASN G 272 38.38 -31.22 0.47
C ASN G 272 38.93 -32.50 1.08
N SER G 273 38.45 -33.66 0.63
CA SER G 273 39.02 -34.93 1.11
C SER G 273 40.39 -35.17 0.49
N ILE G 274 40.52 -34.91 -0.81
CA ILE G 274 41.84 -35.00 -1.45
C ILE G 274 42.81 -34.04 -0.77
N PHE G 275 42.36 -32.84 -0.45
CA PHE G 275 43.19 -31.91 0.31
C PHE G 275 43.52 -32.48 1.68
N ASP G 276 42.54 -33.10 2.34
CA ASP G 276 42.78 -33.70 3.66
C ASP G 276 43.78 -34.85 3.57
N ASN G 277 43.88 -35.52 2.42
CA ASN G 277 44.85 -36.58 2.27
C ASN G 277 46.27 -36.02 2.22
N LEU G 278 46.47 -34.94 1.45
CA LEU G 278 47.79 -34.31 1.40
C LEU G 278 48.24 -33.89 2.78
N VAL G 279 47.37 -33.19 3.53
CA VAL G 279 47.73 -32.73 4.87
C VAL G 279 48.09 -33.90 5.76
N LYS G 280 47.37 -35.02 5.63
CA LYS G 280 47.69 -36.19 6.43
C LYS G 280 49.07 -36.73 6.09
N VAL G 281 49.36 -36.90 4.80
CA VAL G 281 50.66 -37.41 4.39
C VAL G 281 51.77 -36.45 4.80
N LEU G 282 51.51 -35.15 4.73
CA LEU G 282 52.53 -34.18 5.11
C LEU G 282 52.79 -34.21 6.62
N SER G 283 51.72 -34.20 7.42
CA SER G 283 51.88 -34.20 8.87
C SER G 283 52.61 -35.45 9.35
N SER G 284 52.47 -36.57 8.64
CA SER G 284 53.21 -37.77 8.98
C SER G 284 54.65 -37.69 8.48
N THR G 285 54.88 -37.02 7.35
CA THR G 285 56.24 -36.82 6.86
C THR G 285 57.09 -36.13 7.92
N ILE G 286 56.53 -35.10 8.57
CA ILE G 286 57.20 -34.47 9.71
C ILE G 286 57.41 -35.54 10.77
N SER G 287 56.31 -36.02 11.35
CA SER G 287 56.33 -37.14 12.29
C SER G 287 55.02 -37.19 13.08
N GLN H 4 52.60 -20.08 -27.88
CA GLN H 4 52.44 -18.69 -27.37
C GLN H 4 52.83 -18.59 -25.90
N VAL H 5 53.49 -17.49 -25.53
CA VAL H 5 53.97 -17.32 -24.17
C VAL H 5 52.80 -17.05 -23.22
N GLN H 6 52.81 -17.70 -22.07
CA GLN H 6 51.80 -17.50 -21.04
C GLN H 6 52.48 -17.42 -19.68
N LEU H 7 51.98 -16.52 -18.84
CA LEU H 7 52.44 -16.37 -17.46
C LEU H 7 51.19 -16.25 -16.59
N ALA H 8 50.74 -17.36 -16.02
CA ALA H 8 49.53 -17.37 -15.20
C ALA H 8 49.90 -17.18 -13.73
N GLU H 9 49.34 -16.15 -13.11
CA GLU H 9 49.58 -15.83 -11.71
C GLU H 9 48.43 -16.36 -10.85
N THR H 10 48.77 -16.70 -9.61
CA THR H 10 47.78 -17.18 -8.64
C THR H 10 48.29 -16.87 -7.24
N GLY H 11 47.35 -16.76 -6.30
CA GLY H 11 47.66 -16.73 -4.89
C GLY H 11 47.51 -15.40 -4.18
N GLY H 12 47.03 -14.36 -4.87
CA GLY H 12 46.89 -13.06 -4.23
C GLY H 12 45.78 -13.01 -3.20
N GLY H 13 45.15 -11.85 -3.06
CA GLY H 13 44.00 -11.69 -2.19
C GLY H 13 44.28 -10.73 -1.06
N LEU H 14 43.38 -10.75 -0.07
CA LEU H 14 43.46 -9.86 1.07
C LEU H 14 44.33 -10.47 2.17
N ALA H 15 44.92 -9.58 2.97
CA ALA H 15 45.77 -9.99 4.08
C ALA H 15 45.76 -8.88 5.13
N GLN H 16 46.19 -9.24 6.35
CA GLN H 16 46.31 -8.27 7.41
C GLN H 16 47.79 -7.97 7.69
N PRO H 17 48.10 -6.79 8.22
CA PRO H 17 49.50 -6.47 8.53
C PRO H 17 50.13 -7.55 9.39
N GLY H 18 51.27 -8.08 8.91
CA GLY H 18 51.98 -9.15 9.59
C GLY H 18 51.73 -10.53 9.02
N GLY H 19 50.77 -10.68 8.10
CA GLY H 19 50.45 -11.97 7.54
C GLY H 19 51.44 -12.38 6.46
N SER H 20 51.11 -13.50 5.80
CA SER H 20 51.99 -14.07 4.79
C SER H 20 51.17 -14.55 3.60
N LEU H 21 51.66 -14.22 2.39
CA LEU H 21 51.08 -14.66 1.14
C LEU H 21 52.18 -15.23 0.26
N ARG H 22 51.91 -16.38 -0.37
CA ARG H 22 52.81 -16.96 -1.36
C ARG H 22 52.16 -16.83 -2.73
N LEU H 23 52.78 -16.03 -3.59
CA LEU H 23 52.31 -15.86 -4.97
C LEU H 23 52.97 -16.89 -5.87
N SER H 24 52.26 -17.27 -6.93
CA SER H 24 52.73 -18.28 -7.86
C SER H 24 52.62 -17.76 -9.29
N CYS H 25 53.67 -18.00 -10.08
CA CYS H 25 53.66 -17.70 -11.50
C CYS H 25 54.04 -18.97 -12.26
N ALA H 26 53.23 -19.33 -13.25
CA ALA H 26 53.43 -20.54 -14.04
C ALA H 26 53.66 -20.13 -15.48
N ALA H 27 54.83 -20.47 -16.02
CA ALA H 27 55.22 -20.07 -17.36
C ALA H 27 55.07 -21.23 -18.33
N SER H 28 54.85 -20.89 -19.60
CA SER H 28 54.72 -21.87 -20.65
C SER H 28 54.89 -21.17 -22.00
N GLY H 29 55.35 -21.93 -22.99
CA GLY H 29 55.52 -21.40 -24.33
C GLY H 29 56.91 -20.90 -24.65
N PHE H 30 57.89 -21.20 -23.80
CA PHE H 30 59.27 -20.80 -24.08
C PHE H 30 60.20 -21.62 -23.21
N THR H 31 61.44 -21.78 -23.68
CA THR H 31 62.45 -22.53 -22.93
C THR H 31 62.71 -21.83 -21.59
N PHE H 32 62.29 -22.47 -20.50
CA PHE H 32 62.38 -21.81 -19.20
C PHE H 32 63.82 -21.44 -18.85
N SER H 33 64.77 -22.29 -19.21
CA SER H 33 66.17 -22.04 -18.89
C SER H 33 66.73 -20.81 -19.59
N ARG H 34 66.05 -20.30 -20.62
CA ARG H 34 66.51 -19.12 -21.34
C ARG H 34 65.98 -17.83 -20.75
N ALA H 35 65.24 -17.89 -19.64
CA ALA H 35 64.48 -16.75 -19.14
C ALA H 35 64.91 -16.39 -17.72
N VAL H 36 64.94 -15.09 -17.44
CA VAL H 36 65.03 -14.57 -16.08
C VAL H 36 63.63 -14.18 -15.65
N MET H 37 63.14 -14.79 -14.58
CA MET H 37 61.79 -14.54 -14.09
C MET H 37 61.81 -13.42 -13.06
N ASN H 38 60.81 -12.53 -13.16
CA ASN H 38 60.74 -11.36 -12.31
C ASN H 38 59.34 -11.24 -11.71
N TRP H 39 59.26 -10.57 -10.57
CA TRP H 39 58.00 -10.10 -10.00
C TRP H 39 58.06 -8.58 -9.92
N TYR H 40 57.02 -7.94 -10.43
CA TYR H 40 56.86 -6.49 -10.34
C TYR H 40 55.59 -6.19 -9.56
N ARG H 41 55.41 -4.92 -9.22
CA ARG H 41 54.18 -4.49 -8.55
C ARG H 41 53.92 -3.03 -8.89
N GLN H 42 52.63 -2.69 -8.96
CA GLN H 42 52.22 -1.35 -9.32
C GLN H 42 50.90 -1.01 -8.66
N ALA H 43 50.86 0.13 -7.98
CA ALA H 43 49.60 0.68 -7.52
C ALA H 43 49.04 1.64 -8.57
N PRO H 44 47.71 1.73 -8.71
CA PRO H 44 47.16 2.57 -9.77
C PRO H 44 47.62 4.01 -9.64
N GLY H 45 48.14 4.55 -10.75
CA GLY H 45 48.68 5.88 -10.77
C GLY H 45 50.14 5.98 -10.38
N LYS H 46 50.67 4.99 -9.66
CA LYS H 46 52.07 4.98 -9.26
C LYS H 46 52.90 4.22 -10.29
N GLU H 47 54.22 4.35 -10.16
CA GLU H 47 55.13 3.77 -11.14
C GLU H 47 55.38 2.29 -10.85
N ARG H 48 55.37 1.49 -11.90
CA ARG H 48 55.67 0.07 -11.78
C ARG H 48 57.12 -0.13 -11.32
N GLU H 49 57.30 -0.91 -10.25
CA GLU H 49 58.61 -1.11 -9.66
C GLU H 49 58.91 -2.60 -9.53
N LEU H 50 60.20 -2.93 -9.55
CA LEU H 50 60.66 -4.30 -9.44
C LEU H 50 60.58 -4.78 -7.99
N VAL H 51 60.21 -6.04 -7.81
CA VAL H 51 60.11 -6.66 -6.50
C VAL H 51 61.20 -7.71 -6.30
N ALA H 52 61.28 -8.67 -7.21
CA ALA H 52 62.22 -9.78 -7.07
C ALA H 52 62.61 -10.28 -8.46
N ARG H 53 63.68 -11.05 -8.49
CA ARG H 53 64.28 -11.50 -9.73
C ARG H 53 65.13 -12.72 -9.44
N ILE H 54 65.08 -13.73 -10.31
CA ILE H 54 65.83 -14.96 -10.09
C ILE H 54 66.06 -15.64 -11.43
N TYR H 55 67.27 -16.18 -11.59
CA TYR H 55 67.55 -17.11 -12.68
C TYR H 55 67.99 -18.46 -12.13
N ASP H 56 69.14 -18.53 -11.47
CA ASP H 56 69.61 -19.80 -10.93
C ASP H 56 68.68 -20.27 -9.83
N ALA H 57 67.94 -21.35 -10.09
CA ALA H 57 66.98 -21.86 -9.11
C ALA H 57 67.66 -22.34 -7.84
N GLY H 58 68.96 -22.66 -7.89
CA GLY H 58 69.68 -23.07 -6.70
C GLY H 58 70.01 -21.94 -5.75
N GLY H 59 69.91 -20.69 -6.20
CA GLY H 59 70.22 -19.54 -5.37
C GLY H 59 68.97 -18.83 -4.88
N ASN H 60 69.18 -17.62 -4.36
CA ASN H 60 68.13 -16.82 -3.74
C ASN H 60 67.68 -15.66 -4.62
N GLY H 61 68.20 -15.55 -5.84
CA GLY H 61 67.84 -14.43 -6.68
C GLY H 61 68.17 -13.10 -6.03
N SER H 62 67.43 -12.07 -6.43
CA SER H 62 67.65 -10.71 -5.94
C SER H 62 66.33 -10.13 -5.47
N ILE H 63 66.38 -9.38 -4.36
CA ILE H 63 65.19 -8.80 -3.74
C ILE H 63 65.38 -7.30 -3.67
N ALA H 64 64.36 -6.56 -4.08
CA ALA H 64 64.42 -5.11 -4.09
C ALA H 64 64.45 -4.57 -2.66
N ASP H 65 65.07 -3.39 -2.50
CA ASP H 65 65.22 -2.78 -1.19
C ASP H 65 63.90 -2.65 -0.43
N PRO H 66 62.80 -2.18 -1.02
CA PRO H 66 61.58 -1.94 -0.23
C PRO H 66 61.02 -3.17 0.45
N VAL H 67 61.48 -4.38 0.10
CA VAL H 67 60.92 -5.60 0.65
C VAL H 67 62.03 -6.52 1.13
N LYS H 68 63.26 -6.01 1.20
CA LYS H 68 64.36 -6.83 1.66
C LYS H 68 64.13 -7.28 3.09
N GLY H 69 64.48 -8.53 3.37
CA GLY H 69 64.25 -9.11 4.68
C GLY H 69 62.82 -9.52 4.95
N ARG H 70 61.93 -9.38 3.97
CA ARG H 70 60.54 -9.77 4.13
C ARG H 70 60.03 -10.61 2.96
N PHE H 71 60.43 -10.29 1.74
CA PHE H 71 60.03 -11.05 0.56
C PHE H 71 61.19 -11.93 0.09
N THR H 72 60.87 -13.15 -0.30
CA THR H 72 61.84 -14.05 -0.91
C THR H 72 61.22 -14.66 -2.17
N ILE H 73 62.09 -15.12 -3.05
CA ILE H 73 61.69 -15.67 -4.34
C ILE H 73 62.32 -17.04 -4.50
N SER H 74 61.57 -17.98 -5.09
CA SER H 74 62.06 -19.32 -5.37
C SER H 74 61.68 -19.70 -6.79
N ARG H 75 62.26 -20.79 -7.27
CA ARG H 75 62.10 -21.20 -8.66
C ARG H 75 62.14 -22.73 -8.73
N ASP H 76 61.27 -23.29 -9.56
CA ASP H 76 61.19 -24.73 -9.78
C ASP H 76 61.26 -24.98 -11.28
N ASN H 77 62.43 -25.43 -11.76
CA ASN H 77 62.66 -25.58 -13.18
C ASN H 77 61.93 -26.78 -13.79
N ALA H 78 61.49 -27.73 -12.96
CA ALA H 78 60.74 -28.86 -13.49
C ALA H 78 59.30 -28.48 -13.80
N LYS H 79 58.72 -27.55 -13.05
CA LYS H 79 57.35 -27.12 -13.26
C LYS H 79 57.25 -25.75 -13.92
N ASN H 80 58.38 -25.12 -14.23
CA ASN H 80 58.37 -23.80 -14.88
C ASN H 80 57.60 -22.78 -14.06
N THR H 81 57.88 -22.73 -12.76
CA THR H 81 57.20 -21.82 -11.85
C THR H 81 58.21 -21.04 -11.03
N VAL H 82 57.75 -19.90 -10.53
CA VAL H 82 58.44 -19.14 -9.49
C VAL H 82 57.39 -18.77 -8.45
N HIS H 83 57.83 -18.66 -7.20
CA HIS H 83 56.94 -18.31 -6.10
C HIS H 83 57.53 -17.14 -5.32
N LEU H 84 56.69 -16.16 -4.99
CA LEU H 84 57.08 -15.02 -4.18
C LEU H 84 56.49 -15.21 -2.78
N GLN H 85 57.36 -15.42 -1.80
CA GLN H 85 56.94 -15.57 -0.41
C GLN H 85 56.96 -14.20 0.24
N MET H 86 55.78 -13.67 0.54
CA MET H 86 55.63 -12.34 1.12
C MET H 86 55.33 -12.50 2.62
N ASN H 87 56.29 -12.14 3.45
CA ASN H 87 56.13 -12.18 4.90
C ASN H 87 56.14 -10.78 5.47
N SER H 88 55.62 -10.66 6.70
CA SER H 88 55.52 -9.37 7.38
C SER H 88 54.89 -8.32 6.48
N LEU H 89 53.70 -8.66 5.97
CA LEU H 89 53.02 -7.80 5.01
C LEU H 89 52.68 -6.45 5.65
N LYS H 90 52.91 -5.39 4.89
CA LYS H 90 52.60 -4.03 5.29
C LYS H 90 51.46 -3.46 4.45
N PRO H 91 50.72 -2.48 4.97
CA PRO H 91 49.75 -1.78 4.12
C PRO H 91 50.36 -1.23 2.84
N GLU H 92 51.62 -0.76 2.92
CA GLU H 92 52.29 -0.22 1.74
C GLU H 92 52.49 -1.28 0.66
N ASP H 93 52.43 -2.55 1.02
CA ASP H 93 52.59 -3.63 0.04
C ASP H 93 51.35 -3.82 -0.83
N THR H 94 50.31 -3.03 -0.63
CA THR H 94 49.11 -3.13 -1.45
C THR H 94 49.42 -2.71 -2.88
N ALA H 95 49.18 -3.60 -3.84
CA ALA H 95 49.52 -3.32 -5.23
C ALA H 95 49.06 -4.48 -6.10
N MET H 96 49.18 -4.30 -7.41
CA MET H 96 48.96 -5.36 -8.38
C MET H 96 50.29 -6.01 -8.71
N TYR H 97 50.46 -7.27 -8.30
CA TYR H 97 51.71 -7.99 -8.52
C TYR H 97 51.62 -8.76 -9.83
N VAL H 98 52.59 -8.52 -10.71
CA VAL H 98 52.57 -9.08 -12.06
C VAL H 98 53.87 -9.85 -12.30
N CYS H 99 53.76 -10.96 -13.03
CA CYS H 99 54.89 -11.80 -13.38
C CYS H 99 55.48 -11.34 -14.71
N ASN H 100 56.80 -11.39 -14.82
CA ASN H 100 57.49 -10.99 -16.03
C ASN H 100 58.62 -11.97 -16.33
N ALA H 101 58.77 -12.30 -17.61
CA ALA H 101 59.85 -13.16 -18.08
C ALA H 101 60.73 -12.38 -19.04
N GLY H 102 62.03 -12.34 -18.75
CA GLY H 102 63.00 -11.78 -19.67
C GLY H 102 63.75 -12.90 -20.37
N ILE H 103 63.55 -13.02 -21.68
CA ILE H 103 63.94 -14.22 -22.42
C ILE H 103 65.08 -13.86 -23.38
N PHE H 104 66.16 -14.62 -23.29
CA PHE H 104 67.32 -14.48 -24.17
C PHE H 104 67.35 -15.69 -25.09
N ASP H 105 66.89 -15.49 -26.33
CA ASP H 105 66.86 -16.57 -27.31
C ASP H 105 67.80 -16.18 -28.43
N GLY H 106 67.28 -15.72 -29.58
CA GLY H 106 68.12 -15.11 -30.59
C GLY H 106 68.12 -13.61 -30.42
N ASN H 107 67.01 -13.09 -29.92
CA ASN H 107 66.88 -11.70 -29.52
C ASN H 107 66.32 -11.65 -28.10
N TYR H 108 66.28 -10.46 -27.53
CA TYR H 108 65.67 -10.26 -26.23
C TYR H 108 64.20 -9.88 -26.40
N ARG H 109 63.33 -10.53 -25.64
CA ARG H 109 61.91 -10.20 -25.61
C ARG H 109 61.38 -10.56 -24.24
N THR H 110 60.43 -9.75 -23.75
CA THR H 110 59.86 -9.94 -22.43
C THR H 110 58.34 -9.90 -22.52
N TYR H 111 57.70 -10.64 -21.61
CA TYR H 111 56.26 -10.74 -21.56
C TYR H 111 55.79 -10.54 -20.13
N TRP H 112 54.58 -10.01 -19.99
CA TRP H 112 53.99 -9.72 -18.69
C TRP H 112 52.74 -10.56 -18.49
N GLY H 113 52.35 -10.71 -17.22
CA GLY H 113 51.13 -11.40 -16.86
C GLY H 113 49.99 -10.43 -16.62
N GLN H 114 48.81 -11.01 -16.36
CA GLN H 114 47.64 -10.20 -16.07
C GLN H 114 47.78 -9.45 -14.75
N GLY H 115 48.52 -10.00 -13.82
CA GLY H 115 48.64 -9.42 -12.50
C GLY H 115 47.63 -10.00 -11.52
N THR H 116 48.04 -10.08 -10.26
CA THR H 116 47.19 -10.55 -9.17
C THR H 116 47.21 -9.50 -8.07
N GLN H 117 46.02 -9.09 -7.61
CA GLN H 117 45.92 -8.04 -6.62
C GLN H 117 46.24 -8.57 -5.23
N VAL H 118 46.99 -7.77 -4.48
CA VAL H 118 47.29 -8.04 -3.07
C VAL H 118 46.90 -6.80 -2.28
N THR H 119 46.07 -6.99 -1.26
CA THR H 119 45.55 -5.88 -0.46
C THR H 119 45.83 -6.18 1.01
N VAL H 120 46.54 -5.27 1.68
CA VAL H 120 46.88 -5.40 3.09
C VAL H 120 46.20 -4.24 3.81
N SER H 121 45.19 -4.54 4.62
CA SER H 121 44.43 -3.54 5.34
C SER H 121 44.44 -3.85 6.84
N SER H 122 44.57 -2.80 7.64
CA SER H 122 44.60 -2.94 9.09
C SER H 122 43.40 -3.73 9.60
N SER I 9 10.00 -59.79 14.36
CA SER I 9 10.80 -59.18 15.41
C SER I 9 10.39 -57.73 15.64
N SER I 10 10.77 -57.18 16.79
CA SER I 10 10.59 -55.75 17.02
C SER I 10 11.44 -54.93 16.07
N LEU I 11 12.57 -55.49 15.61
CA LEU I 11 13.47 -54.77 14.72
C LEU I 11 12.83 -54.57 13.35
N THR I 12 12.22 -55.62 12.79
CA THR I 12 11.61 -55.50 11.47
C THR I 12 10.36 -54.64 11.53
N MET I 13 9.56 -54.77 12.58
CA MET I 13 8.37 -53.94 12.75
C MET I 13 8.72 -52.46 12.81
N LEU I 14 9.96 -52.12 13.19
CA LEU I 14 10.38 -50.73 13.17
C LEU I 14 10.65 -50.25 11.75
N ASN I 15 11.24 -51.12 10.92
CA ASN I 15 11.51 -50.74 9.54
C ASN I 15 10.22 -50.54 8.75
N ASP I 16 9.19 -51.33 9.06
CA ASP I 16 7.88 -51.11 8.43
C ASP I 16 7.33 -49.74 8.78
N THR I 17 7.36 -49.39 10.06
CA THR I 17 6.79 -48.12 10.50
C THR I 17 7.52 -46.94 9.89
N LEU I 18 8.85 -47.06 9.75
CA LEU I 18 9.62 -45.96 9.17
C LEU I 18 9.25 -45.74 7.71
N HIS I 19 9.05 -46.81 6.95
CA HIS I 19 8.63 -46.67 5.56
C HIS I 19 7.22 -46.07 5.47
N ASN I 20 6.36 -46.37 6.43
CA ASN I 20 5.02 -45.78 6.43
C ASN I 20 5.08 -44.28 6.70
N ILE I 21 6.03 -43.84 7.52
CA ILE I 21 6.23 -42.41 7.72
C ILE I 21 6.58 -41.74 6.40
N ARG I 22 7.52 -42.34 5.66
CA ARG I 22 7.92 -41.76 4.38
C ARG I 22 6.76 -41.77 3.39
N THR I 23 5.84 -42.74 3.51
CA THR I 23 4.64 -42.72 2.69
C THR I 23 3.81 -41.47 2.97
N THR I 24 3.60 -41.15 4.25
CA THR I 24 2.84 -39.96 4.61
C THR I 24 3.58 -38.70 4.22
N ASN I 25 4.91 -38.70 4.34
CA ASN I 25 5.70 -37.53 3.96
C ASN I 25 5.44 -37.13 2.51
N GLN I 26 5.25 -38.11 1.63
CA GLN I 26 4.92 -37.82 0.24
C GLN I 26 3.54 -37.22 0.12
N ALA I 27 2.55 -37.82 0.79
CA ALA I 27 1.19 -37.29 0.74
C ALA I 27 1.13 -35.87 1.31
N LEU I 28 1.90 -35.61 2.38
CA LEU I 28 1.92 -34.28 2.97
C LEU I 28 2.47 -33.23 2.02
N LYS I 29 3.25 -33.65 1.01
CA LYS I 29 3.73 -32.74 -0.03
C LYS I 29 2.74 -32.72 -1.19
N LYS I 30 1.62 -32.06 -0.94
CA LYS I 30 0.51 -31.98 -1.88
C LYS I 30 -0.53 -31.00 -1.38
N SER I 41 -8.01 -28.82 2.76
CA SER I 41 -6.58 -28.60 2.64
C SER I 41 -5.93 -28.54 4.02
N LEU I 42 -6.32 -27.55 4.82
CA LEU I 42 -5.84 -27.49 6.19
C LEU I 42 -6.28 -28.72 6.97
N GLU I 43 -7.44 -29.27 6.64
CA GLU I 43 -7.86 -30.54 7.25
C GLU I 43 -6.97 -31.69 6.81
N GLU I 44 -6.57 -31.69 5.53
CA GLU I 44 -5.67 -32.73 5.03
C GLU I 44 -4.33 -32.67 5.76
N ILE I 45 -3.81 -31.47 6.01
CA ILE I 45 -2.54 -31.34 6.72
C ILE I 45 -2.66 -31.93 8.12
N ALA I 46 -3.79 -31.70 8.79
CA ALA I 46 -3.98 -32.20 10.14
C ALA I 46 -4.01 -33.73 10.17
N LEU I 47 -4.51 -34.37 9.11
CA LEU I 47 -4.55 -35.82 9.06
C LEU I 47 -3.18 -36.42 8.79
N HIS I 48 -2.45 -35.86 7.82
CA HIS I 48 -1.11 -36.36 7.53
C HIS I 48 -0.19 -36.15 8.72
N SER I 49 -0.22 -34.95 9.32
CA SER I 49 0.58 -34.70 10.52
C SER I 49 0.17 -35.65 11.64
N SER I 50 -1.13 -35.86 11.83
CA SER I 50 -1.59 -36.76 12.87
C SER I 50 -1.12 -38.19 12.62
N GLN I 51 -1.03 -38.59 11.35
CA GLN I 51 -0.52 -39.92 11.02
C GLN I 51 0.97 -40.02 11.30
N ILE I 52 1.73 -39.02 10.89
CA ILE I 52 3.18 -39.01 11.18
C ILE I 52 3.40 -39.15 12.68
N SER I 53 2.65 -38.40 13.48
CA SER I 53 2.86 -38.42 14.92
C SER I 53 2.62 -39.82 15.50
N MET I 54 1.55 -40.48 15.05
CA MET I 54 1.24 -41.80 15.59
C MET I 54 2.29 -42.83 15.18
N ASP I 55 2.78 -42.73 13.94
CA ASP I 55 3.84 -43.65 13.51
C ASP I 55 5.16 -43.33 14.21
N VAL I 56 5.45 -42.05 14.43
CA VAL I 56 6.66 -41.68 15.17
C VAL I 56 6.59 -42.22 16.59
N ASN I 57 5.43 -42.10 17.23
CA ASN I 57 5.29 -42.60 18.60
C ASN I 57 5.57 -44.10 18.66
N LYS I 58 5.07 -44.85 17.68
CA LYS I 58 5.38 -46.28 17.63
C LYS I 58 6.87 -46.50 17.36
N SER I 59 7.47 -45.66 16.52
CA SER I 59 8.90 -45.79 16.25
C SER I 59 9.72 -45.54 17.51
N ALA I 60 9.32 -44.53 18.31
CA ALA I 60 10.04 -44.26 19.55
C ALA I 60 9.89 -45.40 20.55
N GLN I 61 8.68 -45.97 20.64
CA GLN I 61 8.46 -47.10 21.52
C GLN I 61 9.38 -48.27 21.15
N LEU I 62 9.51 -48.55 19.86
CA LEU I 62 10.37 -49.64 19.41
C LEU I 62 11.83 -49.30 19.65
N LEU I 63 12.26 -48.10 19.24
CA LEU I 63 13.64 -47.68 19.50
C LEU I 63 13.94 -47.72 20.98
N ASP I 64 12.96 -47.39 21.83
CA ASP I 64 13.17 -47.42 23.27
C ASP I 64 13.41 -48.84 23.77
N ILE I 65 12.82 -49.84 23.11
CA ILE I 65 13.02 -51.23 23.52
C ILE I 65 14.39 -51.72 23.07
N LEU I 66 14.80 -51.37 21.86
CA LEU I 66 16.15 -51.70 21.42
C LEU I 66 17.19 -51.10 22.36
N SER I 67 16.90 -49.94 22.92
CA SER I 67 17.82 -49.30 23.86
C SER I 67 17.90 -50.07 25.17
N ARG I 68 16.74 -50.44 25.71
CA ARG I 68 16.70 -51.06 27.03
C ARG I 68 17.08 -52.54 27.01
N ASN I 69 17.01 -53.19 25.86
CA ASN I 69 17.56 -54.53 25.70
C ASN I 69 18.99 -54.50 25.16
N GLU I 70 19.51 -53.33 24.81
CA GLU I 70 20.90 -53.16 24.41
C GLU I 70 21.21 -53.97 23.14
N TYR I 71 20.28 -53.97 22.20
CA TYR I 71 20.53 -54.58 20.90
C TYR I 71 21.71 -53.87 20.24
N PRO I 72 22.70 -54.59 19.72
CA PRO I 72 23.92 -53.94 19.26
C PRO I 72 23.74 -53.20 17.93
N ILE I 73 24.61 -52.23 17.71
CA ILE I 73 24.71 -51.47 16.48
C ILE I 73 26.05 -51.82 15.86
N ASN I 74 26.04 -52.63 14.80
CA ASN I 74 27.28 -53.01 14.16
C ASN I 74 28.06 -51.78 13.72
N LYS I 75 29.35 -51.98 13.45
CA LYS I 75 30.23 -50.85 13.10
C LYS I 75 29.72 -50.10 11.87
N ASP I 76 29.00 -50.80 10.97
CA ASP I 76 28.55 -50.16 9.74
C ASP I 76 27.34 -49.27 9.97
N ALA I 77 26.30 -49.81 10.62
CA ALA I 77 25.11 -49.01 10.88
C ALA I 77 25.44 -47.73 11.64
N ARG I 78 26.54 -47.72 12.39
CA ARG I 78 26.92 -46.53 13.14
C ARG I 78 27.41 -45.43 12.22
N GLU I 79 27.96 -45.78 11.05
CA GLU I 79 28.53 -44.78 10.17
C GLU I 79 27.47 -44.12 9.28
N LEU I 80 26.46 -44.89 8.85
CA LEU I 80 25.39 -44.28 8.05
C LEU I 80 24.66 -43.21 8.83
N LEU I 81 24.67 -43.30 10.17
CA LEU I 81 24.07 -42.26 11.00
C LEU I 81 24.65 -40.89 10.67
N HIS I 82 25.93 -40.84 10.28
CA HIS I 82 26.55 -39.57 9.89
C HIS I 82 25.86 -38.93 8.70
N SER I 83 25.04 -39.68 7.97
CA SER I 83 24.24 -39.09 6.89
C SER I 83 23.01 -38.36 7.41
N ALA I 84 22.66 -38.54 8.67
CA ALA I 84 21.48 -37.90 9.22
C ALA I 84 21.60 -36.38 9.09
N PRO I 85 20.49 -35.68 8.85
CA PRO I 85 20.57 -34.21 8.76
C PRO I 85 21.15 -33.61 10.02
N LYS I 86 21.76 -32.43 9.87
CA LYS I 86 22.33 -31.73 11.01
C LYS I 86 21.28 -31.47 12.08
N GLU I 87 20.02 -31.27 11.68
CA GLU I 87 18.98 -30.95 12.65
C GLU I 87 18.62 -32.13 13.54
N ALA I 88 19.02 -33.35 13.17
CA ALA I 88 18.76 -34.52 14.02
C ALA I 88 19.77 -34.65 15.14
N GLU I 89 20.91 -33.97 15.04
CA GLU I 89 21.92 -33.95 16.11
C GLU I 89 22.38 -35.36 16.47
N LEU I 90 22.69 -36.16 15.45
CA LEU I 90 23.30 -37.46 15.64
C LEU I 90 24.75 -37.46 15.15
N ILE I 96 30.01 -44.96 21.57
CA ILE I 96 29.22 -44.95 22.80
C ILE I 96 28.21 -46.10 22.77
N SER I 97 27.74 -46.49 23.96
CA SER I 97 27.03 -47.75 24.12
C SER I 97 25.82 -47.83 23.19
N HIS I 98 25.37 -49.06 22.97
CA HIS I 98 24.19 -49.30 22.14
C HIS I 98 22.94 -48.73 22.82
N ARG I 99 22.79 -48.99 24.12
CA ARG I 99 21.69 -48.42 24.88
C ARG I 99 21.65 -46.90 24.72
N GLU I 100 22.80 -46.25 24.89
CA GLU I 100 22.86 -44.80 24.79
C GLU I 100 22.56 -44.31 23.39
N LEU I 101 22.86 -45.12 22.36
CA LEU I 101 22.69 -44.68 20.99
C LEU I 101 21.26 -44.88 20.51
N TRP I 102 20.67 -46.04 20.78
CA TRP I 102 19.25 -46.24 20.46
C TRP I 102 18.41 -45.14 21.09
N ALA I 103 18.76 -44.73 22.31
CA ALA I 103 18.02 -43.66 22.98
C ALA I 103 18.11 -42.35 22.20
N LYS I 104 19.31 -42.01 21.75
CA LYS I 104 19.48 -40.79 20.96
C LYS I 104 18.58 -40.82 19.73
N ILE I 105 18.52 -41.97 19.05
CA ILE I 105 17.69 -42.09 17.86
C ILE I 105 16.22 -41.95 18.22
N ALA I 106 15.78 -42.65 19.27
CA ALA I 106 14.42 -42.50 19.76
C ALA I 106 14.10 -41.03 20.03
N ASN I 107 14.99 -40.35 20.76
CA ASN I 107 14.80 -38.93 21.02
C ASN I 107 14.84 -38.11 19.74
N SER I 108 15.66 -38.51 18.77
CA SER I 108 15.87 -37.69 17.58
C SER I 108 14.61 -37.65 16.72
N ILE I 109 14.07 -38.83 16.38
CA ILE I 109 12.88 -38.87 15.53
C ILE I 109 11.70 -38.20 16.25
N ASN I 110 11.61 -38.39 17.56
CA ASN I 110 10.49 -37.83 18.32
C ASN I 110 10.66 -36.32 18.50
N ASP I 111 11.86 -35.89 18.90
CA ASP I 111 12.08 -34.46 19.14
C ASP I 111 12.00 -33.66 17.85
N ILE I 112 12.45 -34.23 16.72
CA ILE I 112 12.41 -33.49 15.47
C ILE I 112 10.97 -33.28 15.02
N ASN I 113 10.05 -34.15 15.45
CA ASN I 113 8.66 -33.98 15.07
C ASN I 113 7.96 -32.94 15.94
N GLU I 114 8.32 -32.87 17.22
CA GLU I 114 7.66 -31.97 18.17
C GLU I 114 8.25 -30.56 18.16
N GLN I 115 9.56 -30.43 18.02
CA GLN I 115 10.25 -29.16 18.17
C GLN I 115 10.60 -28.49 16.85
N TYR I 116 10.25 -29.12 15.72
CA TYR I 116 10.70 -28.62 14.42
C TYR I 116 9.57 -28.74 13.41
N LEU I 117 9.16 -29.97 13.10
CA LEU I 117 8.12 -30.19 12.09
C LEU I 117 6.79 -29.56 12.53
N LYS I 118 6.31 -29.95 13.70
CA LYS I 118 5.00 -29.47 14.16
C LYS I 118 5.02 -27.99 14.54
N VAL I 119 6.21 -27.40 14.72
CA VAL I 119 6.28 -25.96 14.91
C VAL I 119 5.94 -25.23 13.62
N TYR I 120 6.56 -25.64 12.51
CA TYR I 120 6.24 -25.05 11.23
C TYR I 120 4.78 -25.31 10.86
N GLU I 121 4.26 -26.50 11.21
CA GLU I 121 2.89 -26.83 10.89
C GLU I 121 1.92 -25.86 11.56
N HIS I 122 2.15 -25.57 12.85
CA HIS I 122 1.24 -24.68 13.56
C HIS I 122 1.32 -23.25 13.02
N ALA I 123 2.53 -22.80 12.68
CA ALA I 123 2.68 -21.48 12.08
C ALA I 123 1.87 -21.38 10.79
N VAL I 124 1.85 -22.45 10.00
CA VAL I 124 1.06 -22.46 8.77
C VAL I 124 -0.43 -22.45 9.08
N SER I 125 -0.85 -23.31 10.02
CA SER I 125 -2.26 -23.39 10.37
C SER I 125 -2.79 -22.05 10.87
N SER I 126 -2.04 -21.40 11.76
CA SER I 126 -2.50 -20.13 12.32
C SER I 126 -2.58 -19.05 11.25
N TYR I 127 -1.53 -18.91 10.44
CA TYR I 127 -1.52 -17.85 9.43
C TYR I 127 -2.51 -18.16 8.31
N THR I 128 -2.67 -19.45 7.96
CA THR I 128 -3.64 -19.81 6.94
C THR I 128 -5.05 -19.46 7.38
N GLN I 129 -5.39 -19.79 8.63
CA GLN I 129 -6.72 -19.46 9.15
C GLN I 129 -6.96 -17.95 9.11
N MET I 130 -5.96 -17.16 9.49
CA MET I 130 -6.08 -15.71 9.42
C MET I 130 -6.35 -15.27 7.99
N TYR I 131 -5.59 -15.80 7.03
CA TYR I 131 -5.78 -15.40 5.65
C TYR I 131 -7.11 -15.90 5.09
N GLN I 132 -7.58 -17.06 5.55
CA GLN I 132 -8.89 -17.53 5.13
C GLN I 132 -9.97 -16.57 5.61
N ASP I 133 -9.87 -16.10 6.84
CA ASP I 133 -10.84 -15.11 7.34
C ASP I 133 -10.73 -13.80 6.57
N PHE I 134 -9.51 -13.38 6.23
CA PHE I 134 -9.35 -12.21 5.38
C PHE I 134 -9.99 -12.43 4.03
N SER I 135 -9.84 -13.64 3.48
CA SER I 135 -10.48 -13.95 2.20
C SER I 135 -11.99 -13.81 2.29
N ALA I 136 -12.57 -14.12 3.45
CA ALA I 136 -14.01 -13.90 3.64
C ALA I 136 -14.34 -12.41 3.56
N VAL I 137 -13.46 -11.57 4.09
CA VAL I 137 -13.65 -10.12 3.96
C VAL I 137 -13.53 -9.69 2.51
N LEU I 138 -12.58 -10.27 1.77
CA LEU I 138 -12.47 -9.96 0.35
C LEU I 138 -13.75 -10.33 -0.40
N SER I 139 -14.34 -11.48 -0.05
CA SER I 139 -15.56 -11.90 -0.73
C SER I 139 -16.67 -10.85 -0.60
N SER I 140 -16.66 -10.07 0.48
CA SER I 140 -17.68 -9.06 0.72
C SER I 140 -17.32 -7.70 0.14
N LEU I 141 -16.09 -7.50 -0.34
CA LEU I 141 -15.67 -6.18 -0.77
C LEU I 141 -16.47 -5.70 -1.97
N ALA I 142 -16.85 -6.61 -2.86
CA ALA I 142 -17.62 -6.21 -4.04
C ALA I 142 -18.94 -5.56 -3.66
N GLY I 143 -19.62 -6.13 -2.65
CA GLY I 143 -20.88 -5.55 -2.19
C GLY I 143 -20.73 -4.25 -1.44
N TRP I 144 -19.51 -3.92 -1.00
CA TRP I 144 -19.23 -2.66 -0.34
C TRP I 144 -18.80 -1.57 -1.31
N ILE I 145 -18.82 -1.84 -2.60
CA ILE I 145 -18.43 -0.88 -3.63
C ILE I 145 -19.60 -0.72 -4.59
N SER I 146 -19.88 0.52 -4.98
CA SER I 146 -20.99 0.82 -5.87
C SER I 146 -20.75 2.18 -6.50
N PRO I 147 -21.40 2.47 -7.63
CA PRO I 147 -21.22 3.79 -8.25
C PRO I 147 -21.96 4.86 -7.48
N GLY I 148 -21.53 6.10 -7.69
CA GLY I 148 -22.13 7.25 -7.03
C GLY I 148 -22.17 8.48 -7.91
N ASN I 153 -17.70 8.50 -13.85
CA ASN I 153 -17.67 7.39 -12.92
C ASN I 153 -17.05 7.81 -11.59
N SER I 154 -17.85 7.80 -10.53
CA SER I 154 -17.37 7.99 -9.17
C SER I 154 -17.80 6.80 -8.33
N VAL I 155 -16.90 6.33 -7.47
CA VAL I 155 -17.07 5.07 -6.77
C VAL I 155 -17.41 5.35 -5.31
N LYS I 156 -18.38 4.62 -4.78
CA LYS I 156 -18.82 4.75 -3.40
C LYS I 156 -18.39 3.52 -2.63
N LEU I 157 -17.70 3.73 -1.51
CA LEU I 157 -17.08 2.65 -0.73
C LEU I 157 -17.63 2.67 0.68
N GLN I 158 -18.13 1.52 1.14
CA GLN I 158 -18.62 1.36 2.51
C GLN I 158 -17.43 1.25 3.45
N VAL I 159 -16.79 2.39 3.69
CA VAL I 159 -15.54 2.42 4.46
C VAL I 159 -15.74 1.80 5.83
N ASN I 160 -16.76 2.25 6.56
CA ASN I 160 -16.95 1.78 7.92
C ASN I 160 -17.17 0.27 7.96
N SER I 161 -17.91 -0.27 7.00
CA SER I 161 -18.15 -1.71 6.97
C SER I 161 -16.86 -2.48 6.76
N LEU I 162 -16.00 -2.00 5.86
CA LEU I 162 -14.71 -2.66 5.65
C LEU I 162 -13.80 -2.50 6.85
N LYS I 163 -13.72 -1.29 7.41
CA LYS I 163 -12.94 -1.08 8.64
C LYS I 163 -13.39 -2.04 9.73
N LYS I 164 -14.70 -2.19 9.92
CA LYS I 164 -15.23 -3.06 10.96
C LYS I 164 -14.73 -4.49 10.77
N ALA I 165 -14.83 -5.01 9.55
CA ALA I 165 -14.41 -6.38 9.31
C ALA I 165 -12.91 -6.56 9.52
N LEU I 166 -12.11 -5.56 9.14
CA LEU I 166 -10.66 -5.67 9.32
C LEU I 166 -10.28 -5.56 10.78
N GLU I 167 -10.93 -4.66 11.53
CA GLU I 167 -10.66 -4.54 12.95
C GLU I 167 -11.03 -5.82 13.69
N GLU I 168 -12.11 -6.48 13.26
CA GLU I 168 -12.49 -7.75 13.87
C GLU I 168 -11.48 -8.84 13.52
N LEU I 169 -10.94 -8.83 12.30
CA LEU I 169 -9.91 -9.78 11.94
C LEU I 169 -8.71 -9.65 12.86
N LYS I 170 -8.27 -8.42 13.15
CA LYS I 170 -7.21 -8.22 14.12
C LYS I 170 -7.58 -8.80 15.47
N GLU I 171 -8.78 -8.49 15.96
CA GLU I 171 -9.20 -8.97 17.26
C GLU I 171 -9.24 -10.50 17.30
N LYS I 172 -9.71 -11.11 16.21
CA LYS I 172 -9.86 -12.56 16.16
C LYS I 172 -8.54 -13.31 16.20
N TYR I 173 -7.41 -12.62 15.99
CA TYR I 173 -6.12 -13.28 15.90
C TYR I 173 -5.03 -12.61 16.74
N LYS I 174 -5.39 -11.68 17.62
CA LYS I 174 -4.39 -11.07 18.49
C LYS I 174 -3.92 -12.03 19.58
N ASP I 175 -4.67 -13.10 19.83
CA ASP I 175 -4.31 -14.10 20.83
C ASP I 175 -4.05 -15.47 20.21
N LYS I 176 -3.87 -15.52 18.88
CA LYS I 176 -3.61 -16.76 18.16
C LYS I 176 -2.20 -16.69 17.59
N PRO I 177 -1.18 -17.08 18.35
CA PRO I 177 0.20 -16.89 17.88
C PRO I 177 0.64 -17.94 16.87
N LEU I 178 1.70 -17.59 16.14
CA LEU I 178 2.36 -18.56 15.27
C LEU I 178 3.06 -19.63 16.10
N TYR I 179 3.68 -19.24 17.21
CA TYR I 179 4.50 -20.13 18.00
C TYR I 179 4.65 -19.53 19.39
N PRO I 180 4.55 -20.32 20.47
CA PRO I 180 4.20 -21.75 20.50
C PRO I 180 2.69 -21.99 20.47
N ALA I 181 2.29 -23.21 20.08
CA ALA I 181 0.87 -23.54 20.01
C ALA I 181 0.19 -23.25 21.33
N ASN I 182 0.82 -23.67 22.44
CA ASN I 182 0.35 -23.35 23.77
C ASN I 182 1.58 -23.06 24.64
N ASN I 183 1.34 -22.60 25.86
CA ASN I 183 2.42 -22.22 26.75
C ASN I 183 3.15 -21.01 26.19
N THR I 184 4.35 -20.72 26.72
CA THR I 184 5.14 -19.58 26.28
C THR I 184 6.61 -19.99 26.22
N VAL I 185 7.46 -19.03 25.85
CA VAL I 185 8.89 -19.23 25.74
C VAL I 185 9.60 -17.97 26.20
N SER I 186 10.91 -18.09 26.41
CA SER I 186 11.72 -16.94 26.76
C SER I 186 11.78 -15.96 25.58
N GLN I 187 12.20 -14.73 25.87
CA GLN I 187 12.33 -13.74 24.81
C GLN I 187 13.36 -14.17 23.79
N GLU I 188 14.48 -14.73 24.23
CA GLU I 188 15.50 -15.18 23.29
C GLU I 188 14.97 -16.29 22.40
N GLN I 189 14.22 -17.23 22.97
CA GLN I 189 13.61 -18.28 22.16
C GLN I 189 12.59 -17.71 21.18
N ALA I 190 11.82 -16.72 21.62
CA ALA I 190 10.84 -16.10 20.72
C ALA I 190 11.52 -15.43 19.54
N ASN I 191 12.51 -14.59 19.80
CA ASN I 191 13.23 -13.93 18.71
C ASN I 191 13.97 -14.93 17.83
N LYS I 192 14.37 -16.06 18.39
CA LYS I 192 15.06 -17.07 17.59
C LYS I 192 14.15 -17.64 16.51
N TRP I 193 12.93 -18.04 16.90
CA TRP I 193 11.99 -18.57 15.92
C TRP I 193 11.43 -17.47 15.03
N LEU I 194 11.32 -16.24 15.54
CA LEU I 194 10.91 -15.13 14.68
C LEU I 194 11.88 -14.94 13.52
N THR I 195 13.18 -15.08 13.79
CA THR I 195 14.17 -14.95 12.73
C THR I 195 14.07 -16.09 11.72
N GLU I 196 13.75 -17.29 12.20
CA GLU I 196 13.61 -18.43 11.29
C GLU I 196 12.36 -18.32 10.44
N LEU I 197 11.23 -17.98 11.07
CA LEU I 197 9.95 -17.94 10.37
C LEU I 197 9.81 -16.75 9.43
N GLY I 198 10.77 -15.82 9.39
CA GLY I 198 10.62 -14.60 8.62
C GLY I 198 10.23 -13.44 9.51
N GLY I 199 11.13 -12.46 9.65
CA GLY I 199 10.98 -11.43 10.66
C GLY I 199 9.77 -10.52 10.46
N THR I 200 9.21 -10.47 9.25
CA THR I 200 8.02 -9.66 8.99
C THR I 200 6.73 -10.45 9.08
N ILE I 201 6.79 -11.77 9.23
CA ILE I 201 5.58 -12.57 9.36
C ILE I 201 5.08 -12.56 10.79
N GLY I 202 5.98 -12.51 11.77
CA GLY I 202 5.62 -12.53 13.17
C GLY I 202 6.10 -11.30 13.91
N LYS I 203 5.84 -11.31 15.22
CA LYS I 203 6.20 -10.19 16.08
C LYS I 203 6.16 -10.68 17.52
N VAL I 204 7.25 -10.45 18.26
CA VAL I 204 7.35 -10.94 19.62
C VAL I 204 6.41 -10.16 20.53
N SER I 205 5.62 -10.89 21.33
CA SER I 205 4.72 -10.30 22.31
C SER I 205 4.99 -10.93 23.66
N GLN I 206 4.46 -10.32 24.71
CA GLN I 206 4.70 -10.77 26.08
C GLN I 206 3.66 -11.81 26.50
N GLY I 209 4.65 -13.02 31.72
CA GLY I 209 5.98 -13.43 32.15
C GLY I 209 6.78 -14.07 31.04
N GLY I 210 6.09 -14.55 30.01
CA GLY I 210 6.74 -15.22 28.89
C GLY I 210 6.58 -14.48 27.59
N TYR I 211 6.79 -15.17 26.47
CA TYR I 211 6.76 -14.52 25.17
C TYR I 211 6.18 -15.49 24.13
N VAL I 212 5.68 -14.91 23.05
CA VAL I 212 5.15 -15.66 21.91
C VAL I 212 5.56 -14.93 20.63
N VAL I 213 5.42 -15.61 19.51
CA VAL I 213 5.59 -15.01 18.20
C VAL I 213 4.18 -14.85 17.63
N SER I 214 3.60 -13.67 17.86
CA SER I 214 2.27 -13.38 17.36
C SER I 214 2.31 -13.19 15.85
N ILE I 215 1.13 -13.27 15.24
CA ILE I 215 1.00 -12.96 13.82
C ILE I 215 1.19 -11.47 13.62
N ASN I 216 1.98 -11.11 12.60
CA ASN I 216 2.21 -9.72 12.27
C ASN I 216 1.07 -9.24 11.38
N MET I 217 0.20 -8.40 11.93
CA MET I 217 -0.96 -7.89 11.19
C MET I 217 -0.72 -6.49 10.64
N THR I 218 0.54 -6.09 10.49
CA THR I 218 0.86 -4.80 9.88
C THR I 218 0.16 -4.57 8.55
N PRO I 219 0.05 -5.56 7.65
CA PRO I 219 -0.72 -5.32 6.41
C PRO I 219 -2.14 -4.84 6.67
N ILE I 220 -2.80 -5.40 7.70
CA ILE I 220 -4.14 -4.92 8.05
C ILE I 220 -4.08 -3.52 8.62
N ASP I 221 -3.10 -3.26 9.50
CA ASP I 221 -2.91 -1.91 10.02
C ASP I 221 -2.69 -0.92 8.89
N ASN I 222 -1.94 -1.32 7.85
CA ASN I 222 -1.77 -0.45 6.69
C ASN I 222 -3.09 -0.21 5.99
N MET I 223 -3.86 -1.28 5.75
CA MET I 223 -5.17 -1.13 5.12
C MET I 223 -6.04 -0.14 5.90
N LEU I 224 -6.06 -0.27 7.22
CA LEU I 224 -6.87 0.62 8.04
C LEU I 224 -6.38 2.05 7.98
N LYS I 225 -5.06 2.25 8.02
CA LYS I 225 -4.51 3.60 7.87
C LYS I 225 -4.94 4.21 6.55
N SER I 226 -4.94 3.41 5.48
CA SER I 226 -5.34 3.91 4.17
C SER I 226 -6.85 4.03 4.03
N LEU I 227 -7.62 3.30 4.82
CA LEU I 227 -9.07 3.50 4.83
C LEU I 227 -9.42 4.79 5.56
N ASP I 228 -8.70 5.11 6.63
CA ASP I 228 -8.58 6.50 7.02
C ASP I 228 -7.85 7.25 5.92
N ASN I 229 -7.89 8.58 5.98
CA ASN I 229 -7.34 9.46 4.96
C ASN I 229 -8.17 9.44 3.68
N LEU I 230 -9.21 8.62 3.60
CA LEU I 230 -10.11 8.62 2.44
C LEU I 230 -11.27 9.60 2.61
N GLY I 231 -11.60 9.97 3.84
CA GLY I 231 -12.79 10.76 4.12
C GLY I 231 -13.62 10.12 5.22
N GLY I 232 -14.52 10.89 5.81
CA GLY I 232 -15.33 10.42 6.92
C GLY I 232 -16.71 9.96 6.48
N ASN I 233 -17.67 10.13 7.39
CA ASN I 233 -19.10 9.88 7.13
C ASN I 233 -19.49 8.43 7.40
N GLY I 234 -18.65 7.48 6.98
CA GLY I 234 -19.00 6.08 6.93
C GLY I 234 -19.08 5.55 5.51
N GLU I 235 -19.50 6.39 4.58
CA GLU I 235 -19.32 6.16 3.15
C GLU I 235 -18.33 7.20 2.62
N VAL I 236 -17.73 6.87 1.48
CA VAL I 236 -16.80 7.78 0.81
C VAL I 236 -17.02 7.64 -0.69
N VAL I 237 -17.14 8.78 -1.37
CA VAL I 237 -17.28 8.82 -2.82
C VAL I 237 -15.93 9.23 -3.39
N LEU I 238 -15.31 8.33 -4.17
CA LEU I 238 -14.03 8.58 -4.81
C LEU I 238 -14.24 8.55 -6.32
N ASP I 239 -13.75 9.57 -7.00
CA ASP I 239 -13.72 9.51 -8.46
C ASP I 239 -12.77 8.41 -8.89
N ASN I 240 -13.00 7.88 -10.09
CA ASN I 240 -12.32 6.66 -10.53
C ASN I 240 -10.82 6.71 -10.34
N ALA I 241 -10.23 7.90 -10.24
CA ALA I 241 -8.78 8.01 -10.07
C ALA I 241 -8.37 7.61 -8.65
N LYS I 242 -8.92 8.29 -7.65
CA LYS I 242 -8.54 7.99 -6.27
C LYS I 242 -8.86 6.55 -5.89
N TYR I 243 -9.98 6.03 -6.40
CA TYR I 243 -10.38 4.67 -6.08
C TYR I 243 -9.32 3.67 -6.53
N GLN I 244 -8.99 3.69 -7.83
CA GLN I 244 -8.00 2.74 -8.34
C GLN I 244 -6.67 2.89 -7.62
N ALA I 245 -6.36 4.09 -7.12
CA ALA I 245 -5.14 4.27 -6.35
C ALA I 245 -5.25 3.61 -4.98
N TRP I 246 -6.42 3.72 -4.34
CA TRP I 246 -6.63 3.00 -3.09
C TRP I 246 -6.64 1.50 -3.32
N ASN I 247 -7.34 1.04 -4.37
CA ASN I 247 -7.45 -0.38 -4.62
C ASN I 247 -6.10 -1.01 -4.90
N ALA I 248 -5.18 -0.26 -5.50
CA ALA I 248 -3.83 -0.79 -5.76
C ALA I 248 -3.04 -0.91 -4.46
N GLY I 249 -3.20 0.04 -3.55
CA GLY I 249 -2.55 -0.06 -2.26
C GLY I 249 -3.12 -1.20 -1.42
N PHE I 250 -4.44 -1.28 -1.35
CA PHE I 250 -5.08 -2.40 -0.66
C PHE I 250 -4.63 -3.72 -1.26
N SER I 251 -4.53 -3.79 -2.59
CA SER I 251 -4.11 -5.03 -3.24
C SER I 251 -2.66 -5.37 -2.93
N ALA I 252 -1.82 -4.35 -2.73
CA ALA I 252 -0.41 -4.60 -2.41
C ALA I 252 -0.28 -5.23 -1.02
N GLU I 253 -1.07 -4.76 -0.06
CA GLU I 253 -1.03 -5.36 1.27
C GLU I 253 -1.49 -6.81 1.25
N ASP I 254 -2.52 -7.10 0.44
CA ASP I 254 -2.90 -8.50 0.22
C ASP I 254 -1.76 -9.27 -0.41
N GLU I 255 -1.04 -8.64 -1.34
CA GLU I 255 0.13 -9.27 -1.95
C GLU I 255 1.13 -9.73 -0.89
N THR I 256 1.38 -8.89 0.11
CA THR I 256 2.31 -9.24 1.18
C THR I 256 1.84 -10.49 1.92
N MET I 257 0.57 -10.49 2.36
CA MET I 257 0.07 -11.62 3.14
C MET I 257 0.17 -12.93 2.35
N LYS I 258 -0.10 -12.89 1.05
CA LYS I 258 -0.01 -14.10 0.25
C LYS I 258 1.43 -14.61 0.20
N ASN I 259 2.39 -13.70 0.07
CA ASN I 259 3.80 -14.12 0.08
C ASN I 259 4.19 -14.65 1.45
N ASN I 260 3.75 -14.01 2.52
CA ASN I 260 4.03 -14.50 3.86
C ASN I 260 3.51 -15.93 4.03
N LEU I 261 2.27 -16.17 3.60
CA LEU I 261 1.69 -17.51 3.72
C LEU I 261 2.52 -18.53 2.95
N GLN I 262 2.90 -18.20 1.72
CA GLN I 262 3.70 -19.11 0.91
C GLN I 262 5.04 -19.41 1.59
N THR I 263 5.66 -18.39 2.20
CA THR I 263 6.92 -18.60 2.89
C THR I 263 6.78 -19.61 4.01
N LEU I 264 5.72 -19.49 4.82
CA LEU I 264 5.52 -20.45 5.89
C LEU I 264 5.25 -21.84 5.34
N VAL I 265 4.49 -21.94 4.25
CA VAL I 265 4.28 -23.22 3.60
C VAL I 265 5.60 -23.78 3.09
N GLN I 266 6.38 -22.93 2.42
CA GLN I 266 7.68 -23.36 1.90
C GLN I 266 8.58 -23.85 3.04
N LYS I 267 8.62 -23.12 4.15
CA LYS I 267 9.46 -23.52 5.27
C LYS I 267 8.96 -24.82 5.89
N TYR I 268 7.63 -24.97 6.01
CA TYR I 268 7.07 -26.21 6.53
C TYR I 268 7.45 -27.40 5.63
N SER I 269 7.45 -27.19 4.32
CA SER I 269 7.77 -28.26 3.39
C SER I 269 9.24 -28.67 3.50
N ASN I 270 10.14 -27.69 3.59
CA ASN I 270 11.56 -28.01 3.73
C ASN I 270 11.83 -28.75 5.03
N ALA I 271 11.13 -28.39 6.10
CA ALA I 271 11.27 -29.11 7.37
C ALA I 271 10.86 -30.57 7.21
N ASN I 272 9.77 -30.81 6.49
CA ASN I 272 9.35 -32.19 6.24
C ASN I 272 10.37 -32.95 5.40
N SER I 273 11.07 -32.25 4.51
CA SER I 273 12.14 -32.89 3.75
C SER I 273 13.28 -33.32 4.67
N ILE I 274 13.77 -32.41 5.50
CA ILE I 274 14.80 -32.76 6.47
C ILE I 274 14.32 -33.87 7.38
N PHE I 275 13.01 -33.94 7.64
CA PHE I 275 12.47 -35.04 8.42
C PHE I 275 12.49 -36.35 7.64
N ASP I 276 12.15 -36.29 6.34
CA ASP I 276 12.18 -37.50 5.52
C ASP I 276 13.61 -37.97 5.31
N ASN I 277 14.56 -37.04 5.17
CA ASN I 277 15.96 -37.42 5.02
C ASN I 277 16.46 -38.20 6.23
N LEU I 278 15.97 -37.85 7.43
CA LEU I 278 16.33 -38.61 8.62
C LEU I 278 15.72 -40.00 8.58
N VAL I 279 14.39 -40.08 8.43
CA VAL I 279 13.72 -41.37 8.38
C VAL I 279 14.34 -42.27 7.33
N LYS I 280 14.84 -41.68 6.24
CA LYS I 280 15.51 -42.47 5.21
C LYS I 280 16.80 -43.06 5.74
N VAL I 281 17.68 -42.22 6.28
CA VAL I 281 18.93 -42.70 6.86
C VAL I 281 18.65 -43.75 7.93
N LEU I 282 17.65 -43.52 8.78
CA LEU I 282 17.34 -44.48 9.83
C LEU I 282 16.94 -45.83 9.25
N SER I 283 16.13 -45.83 8.19
CA SER I 283 15.73 -47.09 7.58
C SER I 283 16.92 -47.81 6.96
N SER I 284 17.94 -47.07 6.52
CA SER I 284 19.14 -47.70 6.01
C SER I 284 19.89 -48.44 7.10
N THR I 285 19.92 -47.88 8.31
CA THR I 285 20.65 -48.49 9.42
C THR I 285 19.88 -49.64 10.05
N ILE I 286 18.55 -49.60 10.00
CA ILE I 286 17.75 -50.66 10.59
C ILE I 286 17.89 -51.95 9.77
N SER I 287 17.76 -51.85 8.45
CA SER I 287 17.89 -53.03 7.61
C SER I 287 19.28 -53.61 7.67
N SER I 288 20.31 -52.78 7.84
CA SER I 288 21.68 -53.25 7.91
C SER I 288 22.02 -53.70 9.32
N GLN J 4 19.91 -18.32 34.48
CA GLN J 4 18.63 -18.35 33.72
C GLN J 4 18.15 -19.80 33.58
N VAL J 5 17.85 -20.44 34.71
CA VAL J 5 17.43 -21.83 34.68
C VAL J 5 16.12 -21.95 33.92
N GLN J 6 16.07 -22.89 32.98
CA GLN J 6 14.87 -23.15 32.20
C GLN J 6 14.70 -24.65 31.98
N LEU J 7 13.44 -25.07 31.94
CA LEU J 7 13.07 -26.48 31.73
C LEU J 7 11.87 -26.50 30.78
N ALA J 8 12.15 -26.58 29.49
CA ALA J 8 11.10 -26.54 28.47
C ALA J 8 10.64 -27.96 28.15
N GLU J 9 9.36 -28.23 28.41
CA GLU J 9 8.78 -29.54 28.11
C GLU J 9 8.17 -29.54 26.72
N THR J 10 8.14 -30.72 26.09
CA THR J 10 7.57 -30.88 24.77
C THR J 10 7.09 -32.33 24.61
N GLY J 11 6.05 -32.51 23.80
CA GLY J 11 5.65 -33.83 23.37
C GLY J 11 4.41 -34.41 24.03
N GLY J 12 3.63 -33.61 24.73
CA GLY J 12 2.41 -34.11 25.33
C GLY J 12 1.33 -34.39 24.29
N GLY J 13 0.09 -34.09 24.61
CA GLY J 13 -0.99 -34.17 23.65
C GLY J 13 -2.01 -35.24 24.01
N LEU J 14 -2.84 -35.57 23.02
CA LEU J 14 -3.94 -36.51 23.20
C LEU J 14 -3.51 -37.89 22.72
N ALA J 15 -4.01 -38.93 23.40
CA ALA J 15 -3.69 -40.30 23.05
C ALA J 15 -4.84 -41.21 23.46
N GLN J 16 -4.77 -42.45 23.01
CA GLN J 16 -5.79 -43.44 23.31
C GLN J 16 -5.21 -44.57 24.16
N PRO J 17 -6.05 -45.32 24.87
CA PRO J 17 -5.54 -46.42 25.69
C PRO J 17 -4.65 -47.36 24.89
N GLY J 18 -3.59 -47.84 25.53
CA GLY J 18 -2.62 -48.69 24.88
C GLY J 18 -1.61 -47.98 24.01
N GLY J 19 -1.77 -46.67 23.79
CA GLY J 19 -0.81 -45.91 23.02
C GLY J 19 0.36 -45.46 23.85
N SER J 20 1.30 -44.80 23.19
CA SER J 20 2.53 -44.37 23.84
C SER J 20 2.87 -42.93 23.47
N LEU J 21 3.54 -42.24 24.40
CA LEU J 21 4.07 -40.90 24.18
C LEU J 21 5.46 -40.84 24.81
N ARG J 22 6.33 -40.05 24.18
CA ARG J 22 7.68 -39.80 24.71
C ARG J 22 7.81 -38.31 25.00
N LEU J 23 7.70 -37.95 26.27
CA LEU J 23 7.87 -36.57 26.68
C LEU J 23 9.34 -36.19 26.71
N SER J 24 9.61 -34.91 26.53
CA SER J 24 10.97 -34.37 26.51
C SER J 24 11.06 -33.16 27.42
N CYS J 25 12.17 -33.06 28.16
CA CYS J 25 12.43 -31.94 29.05
C CYS J 25 13.85 -31.46 28.79
N ALA J 26 13.99 -30.32 28.11
CA ALA J 26 15.29 -29.74 27.83
C ALA J 26 15.64 -28.73 28.91
N ALA J 27 16.83 -28.88 29.49
CA ALA J 27 17.27 -28.03 30.58
C ALA J 27 18.41 -27.12 30.13
N SER J 28 18.50 -25.97 30.78
CA SER J 28 19.56 -25.01 30.48
C SER J 28 19.68 -24.04 31.66
N GLY J 29 20.80 -23.36 31.72
CA GLY J 29 21.04 -22.38 32.76
C GLY J 29 21.72 -22.89 34.00
N PHE J 30 22.22 -24.12 33.99
CA PHE J 30 22.86 -24.70 35.16
C PHE J 30 23.66 -25.92 34.72
N THR J 31 24.64 -26.29 35.56
CA THR J 31 25.45 -27.47 35.31
C THR J 31 24.58 -28.71 35.46
N PHE J 32 24.38 -29.43 34.35
CA PHE J 32 23.44 -30.55 34.34
C PHE J 32 23.86 -31.65 35.31
N SER J 33 25.16 -31.81 35.56
CA SER J 33 25.63 -32.89 36.41
C SER J 33 25.39 -32.64 37.89
N ARG J 34 25.02 -31.42 38.28
CA ARG J 34 24.65 -31.12 39.66
C ARG J 34 23.16 -31.31 39.92
N ALA J 35 22.42 -31.92 39.00
CA ALA J 35 20.97 -31.92 39.05
C ALA J 35 20.43 -33.35 39.01
N VAL J 36 19.50 -33.64 39.89
CA VAL J 36 18.64 -34.82 39.78
C VAL J 36 17.37 -34.39 39.05
N MET J 37 17.06 -35.08 37.96
CA MET J 37 15.92 -34.70 37.12
C MET J 37 14.73 -35.59 37.44
N ASN J 38 13.55 -34.96 37.53
CA ASN J 38 12.32 -35.64 37.91
C ASN J 38 11.21 -35.29 36.96
N TRP J 39 10.24 -36.20 36.84
CA TRP J 39 8.97 -35.94 36.18
C TRP J 39 7.86 -36.06 37.20
N TYR J 40 7.09 -34.99 37.38
CA TYR J 40 5.94 -35.00 38.26
C TYR J 40 4.66 -35.02 37.43
N ARG J 41 3.53 -35.17 38.12
CA ARG J 41 2.26 -35.41 37.47
C ARG J 41 1.13 -34.96 38.38
N GLN J 42 0.13 -34.30 37.82
CA GLN J 42 -0.97 -33.76 38.60
C GLN J 42 -2.25 -33.80 37.77
N ALA J 43 -3.22 -34.58 38.21
CA ALA J 43 -4.51 -34.69 37.55
C ALA J 43 -5.49 -33.69 38.16
N PRO J 44 -6.63 -33.45 37.49
CA PRO J 44 -7.59 -32.49 38.02
C PRO J 44 -8.09 -32.91 39.40
N GLY J 45 -8.02 -31.97 40.34
CA GLY J 45 -8.44 -32.25 41.72
C GLY J 45 -7.40 -32.97 42.55
N LYS J 46 -6.79 -34.01 42.00
CA LYS J 46 -5.73 -34.72 42.69
C LYS J 46 -4.51 -33.81 42.87
N GLU J 47 -3.60 -34.23 43.75
CA GLU J 47 -2.41 -33.46 44.06
C GLU J 47 -1.19 -34.04 43.34
N ARG J 48 -0.24 -33.16 43.05
CA ARG J 48 0.96 -33.54 42.29
C ARG J 48 1.65 -34.74 42.93
N GLU J 49 1.99 -35.73 42.09
CA GLU J 49 2.69 -36.92 42.53
C GLU J 49 3.91 -37.14 41.65
N LEU J 50 4.95 -37.74 42.25
CA LEU J 50 6.18 -38.04 41.53
C LEU J 50 5.98 -39.24 40.61
N VAL J 51 6.49 -39.13 39.38
CA VAL J 51 6.37 -40.20 38.39
C VAL J 51 7.69 -40.93 38.21
N ALA J 52 8.75 -40.20 37.87
CA ALA J 52 10.04 -40.82 37.57
C ALA J 52 11.16 -39.89 38.02
N ARG J 53 12.31 -40.49 38.30
CA ARG J 53 13.46 -39.78 38.82
C ARG J 53 14.72 -40.48 38.34
N ILE J 54 15.73 -39.70 37.95
CA ILE J 54 16.97 -40.28 37.43
C ILE J 54 18.10 -39.28 37.64
N TYR J 55 19.27 -39.81 37.99
CA TYR J 55 20.52 -39.05 37.94
C TYR J 55 21.52 -39.73 37.01
N ASP J 56 21.97 -40.94 37.35
CA ASP J 56 22.93 -41.65 36.52
C ASP J 56 22.25 -42.05 35.21
N ALA J 57 22.69 -41.44 34.11
CA ALA J 57 22.12 -41.75 32.81
C ALA J 57 22.37 -43.19 32.38
N GLY J 58 23.29 -43.88 33.04
CA GLY J 58 23.57 -45.27 32.69
C GLY J 58 22.52 -46.24 33.17
N GLY J 59 21.81 -45.90 34.25
CA GLY J 59 20.80 -46.75 34.82
C GLY J 59 19.40 -46.36 34.39
N ASN J 60 18.42 -46.94 35.09
CA ASN J 60 17.02 -46.75 34.79
C ASN J 60 16.32 -45.80 35.75
N GLY J 61 17.07 -45.14 36.64
CA GLY J 61 16.44 -44.26 37.60
C GLY J 61 15.48 -45.00 38.49
N SER J 62 14.44 -44.31 38.93
CA SER J 62 13.40 -44.88 39.78
C SER J 62 12.04 -44.47 39.25
N ILE J 63 11.09 -45.40 39.28
CA ILE J 63 9.75 -45.22 38.76
C ILE J 63 8.74 -45.37 39.89
N ALA J 64 7.69 -44.57 39.86
CA ALA J 64 6.65 -44.65 40.87
C ALA J 64 5.73 -45.83 40.59
N ASP J 65 5.14 -46.36 41.67
CA ASP J 65 4.29 -47.55 41.57
C ASP J 65 3.17 -47.42 40.55
N PRO J 66 2.41 -46.32 40.49
CA PRO J 66 1.28 -46.26 39.57
C PRO J 66 1.63 -46.57 38.12
N VAL J 67 2.88 -46.35 37.71
CA VAL J 67 3.28 -46.50 36.32
C VAL J 67 4.39 -47.53 36.15
N LYS J 68 4.72 -48.27 37.21
CA LYS J 68 5.73 -49.31 37.11
C LYS J 68 5.35 -50.33 36.04
N GLY J 69 6.30 -50.69 35.19
CA GLY J 69 6.05 -51.60 34.09
C GLY J 69 5.56 -50.94 32.82
N ARG J 70 5.15 -49.68 32.88
CA ARG J 70 4.65 -48.95 31.72
C ARG J 70 5.51 -47.76 31.35
N PHE J 71 5.95 -46.98 32.33
CA PHE J 71 6.76 -45.79 32.08
C PHE J 71 8.23 -46.07 32.35
N THR J 72 9.09 -45.38 31.62
CA THR J 72 10.53 -45.40 31.86
C THR J 72 11.08 -44.00 31.63
N ILE J 73 12.28 -43.76 32.17
CA ILE J 73 12.92 -42.46 32.08
C ILE J 73 14.35 -42.67 31.59
N SER J 74 14.83 -41.74 30.76
CA SER J 74 16.18 -41.77 30.26
C SER J 74 16.77 -40.36 30.33
N ARG J 75 18.08 -40.28 30.23
CA ARG J 75 18.80 -39.01 30.39
C ARG J 75 19.92 -38.95 29.36
N ASP J 76 20.11 -37.76 28.78
CA ASP J 76 21.18 -37.51 27.82
C ASP J 76 22.01 -36.34 28.34
N ASN J 77 23.20 -36.66 28.88
CA ASN J 77 24.04 -35.64 29.51
C ASN J 77 24.66 -34.68 28.51
N ALA J 78 24.78 -35.08 27.24
CA ALA J 78 25.33 -34.17 26.24
C ALA J 78 24.30 -33.11 25.83
N LYS J 79 23.05 -33.51 25.65
CA LYS J 79 21.98 -32.60 25.27
C LYS J 79 21.28 -31.97 26.46
N ASN J 80 21.60 -32.40 27.68
CA ASN J 80 20.94 -31.88 28.89
C ASN J 80 19.43 -32.11 28.82
N THR J 81 19.04 -33.36 28.60
CA THR J 81 17.63 -33.71 28.45
C THR J 81 17.32 -34.98 29.23
N VAL J 82 16.04 -35.12 29.58
CA VAL J 82 15.47 -36.36 30.05
C VAL J 82 14.21 -36.63 29.24
N HIS J 83 13.86 -37.90 29.09
CA HIS J 83 12.67 -38.29 28.35
C HIS J 83 11.89 -39.31 29.16
N LEU J 84 10.58 -39.12 29.20
CA LEU J 84 9.65 -40.03 29.88
C LEU J 84 8.94 -40.84 28.81
N GLN J 85 9.36 -42.09 28.63
CA GLN J 85 8.71 -42.98 27.68
C GLN J 85 7.46 -43.56 28.33
N MET J 86 6.29 -43.12 27.86
CA MET J 86 5.01 -43.53 28.42
C MET J 86 4.39 -44.56 27.49
N ASN J 87 4.34 -45.81 27.93
CA ASN J 87 3.74 -46.90 27.16
C ASN J 87 2.49 -47.41 27.86
N SER J 88 1.70 -48.17 27.13
CA SER J 88 0.47 -48.77 27.67
C SER J 88 -0.36 -47.74 28.42
N LEU J 89 -0.61 -46.62 27.75
CA LEU J 89 -1.29 -45.51 28.40
C LEU J 89 -2.71 -45.89 28.79
N LYS J 90 -3.18 -45.31 29.88
CA LYS J 90 -4.51 -45.56 30.43
C LYS J 90 -5.21 -44.23 30.68
N PRO J 91 -6.53 -44.25 30.82
CA PRO J 91 -7.24 -42.98 31.12
C PRO J 91 -6.78 -42.35 32.42
N GLU J 92 -6.38 -43.15 33.41
CA GLU J 92 -5.93 -42.61 34.68
C GLU J 92 -4.64 -41.82 34.54
N ASP J 93 -3.93 -41.97 33.43
CA ASP J 93 -2.67 -41.25 33.21
C ASP J 93 -2.88 -39.82 32.71
N THR J 94 -4.13 -39.38 32.56
CA THR J 94 -4.39 -38.00 32.17
C THR J 94 -4.01 -37.06 33.30
N ALA J 95 -3.22 -36.04 32.97
CA ALA J 95 -2.70 -35.12 33.98
C ALA J 95 -1.80 -34.11 33.30
N MET J 96 -1.45 -33.06 34.05
CA MET J 96 -0.41 -32.12 33.62
C MET J 96 0.94 -32.68 34.04
N TYR J 97 1.80 -32.96 33.07
CA TYR J 97 3.12 -33.53 33.32
C TYR J 97 4.15 -32.41 33.35
N VAL J 98 4.90 -32.33 34.45
CA VAL J 98 5.87 -31.27 34.70
C VAL J 98 7.20 -31.90 35.06
N CYS J 99 8.26 -31.51 34.37
CA CYS J 99 9.59 -31.96 34.73
C CYS J 99 10.20 -31.00 35.75
N ASN J 100 11.14 -31.53 36.53
CA ASN J 100 11.67 -30.82 37.68
C ASN J 100 13.14 -31.16 37.84
N ALA J 101 13.91 -30.20 38.36
CA ALA J 101 15.32 -30.37 38.62
C ALA J 101 15.60 -30.11 40.09
N GLY J 102 16.36 -31.00 40.72
CA GLY J 102 16.89 -30.76 42.04
C GLY J 102 18.38 -30.50 41.96
N ILE J 103 18.78 -29.24 42.04
CA ILE J 103 20.14 -28.82 41.74
C ILE J 103 20.89 -28.60 43.05
N PHE J 104 22.01 -29.30 43.20
CA PHE J 104 22.90 -29.14 44.35
C PHE J 104 24.06 -28.27 43.90
N ASP J 105 24.04 -26.99 44.30
CA ASP J 105 25.04 -26.03 43.78
C ASP J 105 25.14 -24.92 44.82
N GLY J 106 26.00 -25.15 45.82
CA GLY J 106 26.14 -24.23 46.91
C GLY J 106 25.01 -24.39 47.91
N ASN J 107 23.78 -24.19 47.44
CA ASN J 107 22.58 -24.55 48.17
C ASN J 107 21.68 -25.36 47.26
N TYR J 108 20.74 -26.07 47.85
CA TYR J 108 19.78 -26.85 47.08
C TYR J 108 18.65 -25.95 46.59
N ARG J 109 18.40 -25.99 45.29
CA ARG J 109 17.28 -25.28 44.67
C ARG J 109 16.59 -26.22 43.70
N THR J 110 15.26 -26.16 43.66
CA THR J 110 14.49 -26.93 42.70
C THR J 110 13.73 -25.99 41.77
N TYR J 111 13.55 -26.42 40.53
CA TYR J 111 12.88 -25.63 39.51
C TYR J 111 11.87 -26.50 38.78
N TRP J 112 10.78 -25.86 38.34
CA TRP J 112 9.67 -26.55 37.69
C TRP J 112 9.45 -26.00 36.29
N GLY J 113 9.01 -26.87 35.39
CA GLY J 113 8.66 -26.46 34.05
C GLY J 113 7.21 -25.98 33.96
N GLN J 114 6.87 -25.44 32.78
CA GLN J 114 5.51 -24.96 32.57
C GLN J 114 4.51 -26.11 32.53
N GLY J 115 4.95 -27.30 32.14
CA GLY J 115 4.09 -28.45 32.10
C GLY J 115 3.50 -28.68 30.72
N THR J 116 3.33 -29.95 30.37
CA THR J 116 2.68 -30.34 29.13
C THR J 116 1.52 -31.27 29.47
N GLN J 117 0.34 -30.96 28.93
CA GLN J 117 -0.85 -31.74 29.21
C GLN J 117 -0.84 -33.04 28.43
N VAL J 118 -1.28 -34.11 29.08
CA VAL J 118 -1.43 -35.42 28.45
C VAL J 118 -2.85 -35.90 28.75
N THR J 119 -3.63 -36.13 27.71
CA THR J 119 -5.02 -36.55 27.85
C THR J 119 -5.20 -37.91 27.18
N VAL J 120 -5.78 -38.85 27.92
CA VAL J 120 -6.09 -40.17 27.38
C VAL J 120 -7.58 -40.44 27.50
#